data_3CJW
# 
_entry.id   3CJW 
# 
_audit_conform.dict_name       mmcif_pdbx.dic 
_audit_conform.dict_version    5.387 
_audit_conform.dict_location   http://mmcif.pdb.org/dictionaries/ascii/mmcif_pdbx.dic 
# 
loop_
_database_2.database_id 
_database_2.database_code 
_database_2.pdbx_database_accession 
_database_2.pdbx_DOI 
PDB   3CJW         pdb_00003cjw 10.2210/pdb3cjw/pdb 
RCSB  RCSB046865   ?            ?                   
WWPDB D_1000046865 ?            ?                   
# 
loop_
_pdbx_audit_revision_history.ordinal 
_pdbx_audit_revision_history.data_content_type 
_pdbx_audit_revision_history.major_revision 
_pdbx_audit_revision_history.minor_revision 
_pdbx_audit_revision_history.revision_date 
1 'Structure model' 1 0 2008-10-07 
2 'Structure model' 1 1 2011-07-13 
3 'Structure model' 1 2 2020-05-06 
4 'Structure model' 1 3 2024-02-21 
# 
_pdbx_audit_revision_details.ordinal             1 
_pdbx_audit_revision_details.revision_ordinal    1 
_pdbx_audit_revision_details.data_content_type   'Structure model' 
_pdbx_audit_revision_details.provider            repository 
_pdbx_audit_revision_details.type                'Initial release' 
_pdbx_audit_revision_details.description         ? 
_pdbx_audit_revision_details.details             ? 
# 
loop_
_pdbx_audit_revision_group.ordinal 
_pdbx_audit_revision_group.revision_ordinal 
_pdbx_audit_revision_group.data_content_type 
_pdbx_audit_revision_group.group 
1 2 'Structure model' 'Version format compliance' 
2 3 'Structure model' 'Database references'       
3 3 'Structure model' 'Derived calculations'      
4 3 'Structure model' 'Source and taxonomy'       
5 4 'Structure model' 'Data collection'           
6 4 'Structure model' 'Database references'       
# 
loop_
_pdbx_audit_revision_category.ordinal 
_pdbx_audit_revision_category.revision_ordinal 
_pdbx_audit_revision_category.data_content_type 
_pdbx_audit_revision_category.category 
1 3 'Structure model' entity_src_gen            
2 3 'Structure model' pdbx_struct_assembly      
3 3 'Structure model' pdbx_struct_assembly_gen  
4 3 'Structure model' pdbx_struct_assembly_prop 
5 3 'Structure model' struct_ref_seq_dif        
6 4 'Structure model' chem_comp_atom            
7 4 'Structure model' chem_comp_bond            
8 4 'Structure model' database_2                
# 
loop_
_pdbx_audit_revision_item.ordinal 
_pdbx_audit_revision_item.revision_ordinal 
_pdbx_audit_revision_item.data_content_type 
_pdbx_audit_revision_item.item 
1  3 'Structure model' '_entity_src_gen.pdbx_gene_src_ncbi_taxonomy_id' 
2  3 'Structure model' '_entity_src_gen.pdbx_host_org_ncbi_taxonomy_id' 
3  3 'Structure model' '_pdbx_struct_assembly.details'                  
4  3 'Structure model' '_pdbx_struct_assembly.method_details'           
5  3 'Structure model' '_pdbx_struct_assembly.oligomeric_count'         
6  3 'Structure model' '_pdbx_struct_assembly.oligomeric_details'       
7  3 'Structure model' '_pdbx_struct_assembly_gen.oper_expression'      
8  3 'Structure model' '_pdbx_struct_assembly_prop.biol_id'             
9  3 'Structure model' '_pdbx_struct_assembly_prop.value'               
10 3 'Structure model' '_struct_ref_seq_dif.details'                    
11 4 'Structure model' '_database_2.pdbx_DOI'                           
12 4 'Structure model' '_database_2.pdbx_database_accession'            
# 
_pdbx_database_status.entry_id                        3CJW 
_pdbx_database_status.deposit_site                    RCSB 
_pdbx_database_status.process_site                    RCSB 
_pdbx_database_status.recvd_initial_deposition_date   2008-03-14 
_pdbx_database_status.status_code                     REL 
_pdbx_database_status.status_code_sf                  REL 
_pdbx_database_status.status_code_mr                  ? 
_pdbx_database_status.SG_entry                        ? 
_pdbx_database_status.pdb_format_compatible           Y 
_pdbx_database_status.status_code_cs                  ? 
_pdbx_database_status.status_code_nmr_data            ? 
_pdbx_database_status.methods_development_category    ? 
# 
loop_
_audit_author.name 
_audit_author.pdbx_ordinal 
'Kruse, S.W.'  1 
'Reynolds, R.' 2 
'Vonrhein, C.' 3 
'Xu, H.E.'     4 
# 
_citation.id                        primary 
_citation.title                     'Identification of COUP-TFII Orphan Nuclear Receptor as a Retinoic Acid-Activated Receptor.' 
_citation.journal_abbrev            'Plos Biol.' 
_citation.journal_volume            6 
_citation.page_first                e227 
_citation.page_last                 e227 
_citation.year                      2008 
_citation.journal_id_ASTM           ? 
_citation.country                   US 
_citation.journal_id_ISSN           1544-9173 
_citation.journal_id_CSD            ? 
_citation.book_publisher            ? 
_citation.pdbx_database_id_PubMed   18798693 
_citation.pdbx_database_id_DOI      10.1371/journal.pbio.0060227 
# 
loop_
_citation_author.citation_id 
_citation_author.name 
_citation_author.ordinal 
_citation_author.identifier_ORCID 
primary 'Kruse, S.W.'      1  ? 
primary 'Suino-Powell, K.' 2  ? 
primary 'Zhou, X.E.'       3  ? 
primary 'Kretschman, J.E.' 4  ? 
primary 'Reynolds, R.'     5  ? 
primary 'Vonrhein, C.'     6  ? 
primary 'Xu, Y.'           7  ? 
primary 'Wang, L.'         8  ? 
primary 'Tsai, S.Y.'       9  ? 
primary 'Tsai, M.J.'       10 ? 
primary 'Xu, H.E.'         11 ? 
# 
_entity.id                         1 
_entity.type                       polymer 
_entity.src_method                 man 
_entity.pdbx_description           'COUP transcription factor 2' 
_entity.formula_weight             27311.561 
_entity.pdbx_number_of_molecules   1 
_entity.pdbx_ec                    ? 
_entity.pdbx_mutation              ? 
_entity.pdbx_fragment              'ligand binding domain, residues 173-412' 
_entity.details                    ? 
# 
_entity_name_com.entity_id   1 
_entity_name_com.name        
'COUP-TF2, COUP-TF II, Nuclear receptor subfamily 2 group F member 2, Apolipoprotein AI regulatory protein 1, ARP-1' 
# 
_entity_poly.entity_id                      1 
_entity_poly.type                           'polypeptide(L)' 
_entity_poly.nstd_linkage                   no 
_entity_poly.nstd_monomer                   no 
_entity_poly.pdbx_seq_one_letter_code       
;GSNSHSYLSGYISLLLRAEPYPTSRFGSQCMQPNNIMGIENICELAARMLFSAVEWARNIPFFPDLQITDQVALLRLTWS
ELFVLNAAQCSMPLHVAPLLAAAGLHASPMSADRVVAFMDHIRIFQEQVEKLKALHVDSAEYSCLKAIVLFTSDACGLSD
VAHVESLQEKSQCALEEYVRSQYPNQPTRFGKLLLRLPSLRTVSSSVIEQLFFVRLVGKTPIETLIRDMLLSGSSFNWPY
MAIQ
;
_entity_poly.pdbx_seq_one_letter_code_can   
;GSNSHSYLSGYISLLLRAEPYPTSRFGSQCMQPNNIMGIENICELAARMLFSAVEWARNIPFFPDLQITDQVALLRLTWS
ELFVLNAAQCSMPLHVAPLLAAAGLHASPMSADRVVAFMDHIRIFQEQVEKLKALHVDSAEYSCLKAIVLFTSDACGLSD
VAHVESLQEKSQCALEEYVRSQYPNQPTRFGKLLLRLPSLRTVSSSVIEQLFFVRLVGKTPIETLIRDMLLSGSSFNWPY
MAIQ
;
_entity_poly.pdbx_strand_id                 A 
_entity_poly.pdbx_target_identifier         ? 
# 
loop_
_entity_poly_seq.entity_id 
_entity_poly_seq.num 
_entity_poly_seq.mon_id 
_entity_poly_seq.hetero 
1 1   GLY n 
1 2   SER n 
1 3   ASN n 
1 4   SER n 
1 5   HIS n 
1 6   SER n 
1 7   TYR n 
1 8   LEU n 
1 9   SER n 
1 10  GLY n 
1 11  TYR n 
1 12  ILE n 
1 13  SER n 
1 14  LEU n 
1 15  LEU n 
1 16  LEU n 
1 17  ARG n 
1 18  ALA n 
1 19  GLU n 
1 20  PRO n 
1 21  TYR n 
1 22  PRO n 
1 23  THR n 
1 24  SER n 
1 25  ARG n 
1 26  PHE n 
1 27  GLY n 
1 28  SER n 
1 29  GLN n 
1 30  CYS n 
1 31  MET n 
1 32  GLN n 
1 33  PRO n 
1 34  ASN n 
1 35  ASN n 
1 36  ILE n 
1 37  MET n 
1 38  GLY n 
1 39  ILE n 
1 40  GLU n 
1 41  ASN n 
1 42  ILE n 
1 43  CYS n 
1 44  GLU n 
1 45  LEU n 
1 46  ALA n 
1 47  ALA n 
1 48  ARG n 
1 49  MET n 
1 50  LEU n 
1 51  PHE n 
1 52  SER n 
1 53  ALA n 
1 54  VAL n 
1 55  GLU n 
1 56  TRP n 
1 57  ALA n 
1 58  ARG n 
1 59  ASN n 
1 60  ILE n 
1 61  PRO n 
1 62  PHE n 
1 63  PHE n 
1 64  PRO n 
1 65  ASP n 
1 66  LEU n 
1 67  GLN n 
1 68  ILE n 
1 69  THR n 
1 70  ASP n 
1 71  GLN n 
1 72  VAL n 
1 73  ALA n 
1 74  LEU n 
1 75  LEU n 
1 76  ARG n 
1 77  LEU n 
1 78  THR n 
1 79  TRP n 
1 80  SER n 
1 81  GLU n 
1 82  LEU n 
1 83  PHE n 
1 84  VAL n 
1 85  LEU n 
1 86  ASN n 
1 87  ALA n 
1 88  ALA n 
1 89  GLN n 
1 90  CYS n 
1 91  SER n 
1 92  MET n 
1 93  PRO n 
1 94  LEU n 
1 95  HIS n 
1 96  VAL n 
1 97  ALA n 
1 98  PRO n 
1 99  LEU n 
1 100 LEU n 
1 101 ALA n 
1 102 ALA n 
1 103 ALA n 
1 104 GLY n 
1 105 LEU n 
1 106 HIS n 
1 107 ALA n 
1 108 SER n 
1 109 PRO n 
1 110 MET n 
1 111 SER n 
1 112 ALA n 
1 113 ASP n 
1 114 ARG n 
1 115 VAL n 
1 116 VAL n 
1 117 ALA n 
1 118 PHE n 
1 119 MET n 
1 120 ASP n 
1 121 HIS n 
1 122 ILE n 
1 123 ARG n 
1 124 ILE n 
1 125 PHE n 
1 126 GLN n 
1 127 GLU n 
1 128 GLN n 
1 129 VAL n 
1 130 GLU n 
1 131 LYS n 
1 132 LEU n 
1 133 LYS n 
1 134 ALA n 
1 135 LEU n 
1 136 HIS n 
1 137 VAL n 
1 138 ASP n 
1 139 SER n 
1 140 ALA n 
1 141 GLU n 
1 142 TYR n 
1 143 SER n 
1 144 CYS n 
1 145 LEU n 
1 146 LYS n 
1 147 ALA n 
1 148 ILE n 
1 149 VAL n 
1 150 LEU n 
1 151 PHE n 
1 152 THR n 
1 153 SER n 
1 154 ASP n 
1 155 ALA n 
1 156 CYS n 
1 157 GLY n 
1 158 LEU n 
1 159 SER n 
1 160 ASP n 
1 161 VAL n 
1 162 ALA n 
1 163 HIS n 
1 164 VAL n 
1 165 GLU n 
1 166 SER n 
1 167 LEU n 
1 168 GLN n 
1 169 GLU n 
1 170 LYS n 
1 171 SER n 
1 172 GLN n 
1 173 CYS n 
1 174 ALA n 
1 175 LEU n 
1 176 GLU n 
1 177 GLU n 
1 178 TYR n 
1 179 VAL n 
1 180 ARG n 
1 181 SER n 
1 182 GLN n 
1 183 TYR n 
1 184 PRO n 
1 185 ASN n 
1 186 GLN n 
1 187 PRO n 
1 188 THR n 
1 189 ARG n 
1 190 PHE n 
1 191 GLY n 
1 192 LYS n 
1 193 LEU n 
1 194 LEU n 
1 195 LEU n 
1 196 ARG n 
1 197 LEU n 
1 198 PRO n 
1 199 SER n 
1 200 LEU n 
1 201 ARG n 
1 202 THR n 
1 203 VAL n 
1 204 SER n 
1 205 SER n 
1 206 SER n 
1 207 VAL n 
1 208 ILE n 
1 209 GLU n 
1 210 GLN n 
1 211 LEU n 
1 212 PHE n 
1 213 PHE n 
1 214 VAL n 
1 215 ARG n 
1 216 LEU n 
1 217 VAL n 
1 218 GLY n 
1 219 LYS n 
1 220 THR n 
1 221 PRO n 
1 222 ILE n 
1 223 GLU n 
1 224 THR n 
1 225 LEU n 
1 226 ILE n 
1 227 ARG n 
1 228 ASP n 
1 229 MET n 
1 230 LEU n 
1 231 LEU n 
1 232 SER n 
1 233 GLY n 
1 234 SER n 
1 235 SER n 
1 236 PHE n 
1 237 ASN n 
1 238 TRP n 
1 239 PRO n 
1 240 TYR n 
1 241 MET n 
1 242 ALA n 
1 243 ILE n 
1 244 GLN n 
# 
_entity_src_gen.entity_id                          1 
_entity_src_gen.pdbx_src_id                        1 
_entity_src_gen.pdbx_alt_source_flag               sample 
_entity_src_gen.pdbx_seq_type                      ? 
_entity_src_gen.pdbx_beg_seq_num                   ? 
_entity_src_gen.pdbx_end_seq_num                   ? 
_entity_src_gen.gene_src_common_name               Human 
_entity_src_gen.gene_src_genus                     ? 
_entity_src_gen.pdbx_gene_src_gene                 'NR2F2, ARP1, TFCOUP2' 
_entity_src_gen.gene_src_species                   ? 
_entity_src_gen.gene_src_strain                    ? 
_entity_src_gen.gene_src_tissue                    ? 
_entity_src_gen.gene_src_tissue_fraction           ? 
_entity_src_gen.gene_src_details                   ? 
_entity_src_gen.pdbx_gene_src_fragment             ? 
_entity_src_gen.pdbx_gene_src_scientific_name      'Homo sapiens' 
_entity_src_gen.pdbx_gene_src_ncbi_taxonomy_id     9606 
_entity_src_gen.pdbx_gene_src_variant              ? 
_entity_src_gen.pdbx_gene_src_cell_line            ? 
_entity_src_gen.pdbx_gene_src_atcc                 ? 
_entity_src_gen.pdbx_gene_src_organ                ? 
_entity_src_gen.pdbx_gene_src_organelle            ? 
_entity_src_gen.pdbx_gene_src_cell                 ? 
_entity_src_gen.pdbx_gene_src_cellular_location    ? 
_entity_src_gen.host_org_common_name               ? 
_entity_src_gen.pdbx_host_org_scientific_name      'Escherichia coli' 
_entity_src_gen.pdbx_host_org_ncbi_taxonomy_id     562 
_entity_src_gen.host_org_genus                     ? 
_entity_src_gen.pdbx_host_org_gene                 ? 
_entity_src_gen.pdbx_host_org_organ                ? 
_entity_src_gen.host_org_species                   ? 
_entity_src_gen.pdbx_host_org_tissue               ? 
_entity_src_gen.pdbx_host_org_tissue_fraction      ? 
_entity_src_gen.pdbx_host_org_strain               'BL21(DE3)' 
_entity_src_gen.pdbx_host_org_variant              ? 
_entity_src_gen.pdbx_host_org_cell_line            ? 
_entity_src_gen.pdbx_host_org_atcc                 ? 
_entity_src_gen.pdbx_host_org_culture_collection   ? 
_entity_src_gen.pdbx_host_org_cell                 ? 
_entity_src_gen.pdbx_host_org_organelle            ? 
_entity_src_gen.pdbx_host_org_cellular_location    ? 
_entity_src_gen.pdbx_host_org_vector_type          plasmid 
_entity_src_gen.pdbx_host_org_vector               ? 
_entity_src_gen.host_org_details                   ? 
_entity_src_gen.expression_system_id               ? 
_entity_src_gen.plasmid_name                       pET24 
_entity_src_gen.plasmid_details                    ? 
_entity_src_gen.pdbx_description                   ? 
# 
loop_
_chem_comp.id 
_chem_comp.type 
_chem_comp.mon_nstd_flag 
_chem_comp.name 
_chem_comp.pdbx_synonyms 
_chem_comp.formula 
_chem_comp.formula_weight 
ALA 'L-peptide linking' y ALANINE         ? 'C3 H7 N O2'     89.093  
ARG 'L-peptide linking' y ARGININE        ? 'C6 H15 N4 O2 1' 175.209 
ASN 'L-peptide linking' y ASPARAGINE      ? 'C4 H8 N2 O3'    132.118 
ASP 'L-peptide linking' y 'ASPARTIC ACID' ? 'C4 H7 N O4'     133.103 
CYS 'L-peptide linking' y CYSTEINE        ? 'C3 H7 N O2 S'   121.158 
GLN 'L-peptide linking' y GLUTAMINE       ? 'C5 H10 N2 O3'   146.144 
GLU 'L-peptide linking' y 'GLUTAMIC ACID' ? 'C5 H9 N O4'     147.129 
GLY 'peptide linking'   y GLYCINE         ? 'C2 H5 N O2'     75.067  
HIS 'L-peptide linking' y HISTIDINE       ? 'C6 H10 N3 O2 1' 156.162 
ILE 'L-peptide linking' y ISOLEUCINE      ? 'C6 H13 N O2'    131.173 
LEU 'L-peptide linking' y LEUCINE         ? 'C6 H13 N O2'    131.173 
LYS 'L-peptide linking' y LYSINE          ? 'C6 H15 N2 O2 1' 147.195 
MET 'L-peptide linking' y METHIONINE      ? 'C5 H11 N O2 S'  149.211 
PHE 'L-peptide linking' y PHENYLALANINE   ? 'C9 H11 N O2'    165.189 
PRO 'L-peptide linking' y PROLINE         ? 'C5 H9 N O2'     115.130 
SER 'L-peptide linking' y SERINE          ? 'C3 H7 N O3'     105.093 
THR 'L-peptide linking' y THREONINE       ? 'C4 H9 N O3'     119.119 
TRP 'L-peptide linking' y TRYPTOPHAN      ? 'C11 H12 N2 O2'  204.225 
TYR 'L-peptide linking' y TYROSINE        ? 'C9 H11 N O3'    181.189 
VAL 'L-peptide linking' y VALINE          ? 'C5 H11 N O2'    117.146 
# 
loop_
_pdbx_poly_seq_scheme.asym_id 
_pdbx_poly_seq_scheme.entity_id 
_pdbx_poly_seq_scheme.seq_id 
_pdbx_poly_seq_scheme.mon_id 
_pdbx_poly_seq_scheme.ndb_seq_num 
_pdbx_poly_seq_scheme.pdb_seq_num 
_pdbx_poly_seq_scheme.auth_seq_num 
_pdbx_poly_seq_scheme.pdb_mon_id 
_pdbx_poly_seq_scheme.auth_mon_id 
_pdbx_poly_seq_scheme.pdb_strand_id 
_pdbx_poly_seq_scheme.pdb_ins_code 
_pdbx_poly_seq_scheme.hetero 
A 1 1   GLY 1   171 171 GLY GLY A . n 
A 1 2   SER 2   172 172 SER SER A . n 
A 1 3   ASN 3   173 173 ASN ASN A . n 
A 1 4   SER 4   174 174 SER SER A . n 
A 1 5   HIS 5   175 175 HIS HIS A . n 
A 1 6   SER 6   176 176 SER SER A . n 
A 1 7   TYR 7   177 177 TYR TYR A . n 
A 1 8   LEU 8   178 178 LEU LEU A . n 
A 1 9   SER 9   179 179 SER SER A . n 
A 1 10  GLY 10  180 180 GLY GLY A . n 
A 1 11  TYR 11  181 181 TYR TYR A . n 
A 1 12  ILE 12  182 182 ILE ILE A . n 
A 1 13  SER 13  183 183 SER SER A . n 
A 1 14  LEU 14  184 184 LEU LEU A . n 
A 1 15  LEU 15  185 185 LEU LEU A . n 
A 1 16  LEU 16  186 186 LEU LEU A . n 
A 1 17  ARG 17  187 187 ARG ARG A . n 
A 1 18  ALA 18  188 188 ALA ALA A . n 
A 1 19  GLU 19  189 189 GLU GLU A . n 
A 1 20  PRO 20  190 190 PRO PRO A . n 
A 1 21  TYR 21  191 191 TYR TYR A . n 
A 1 22  PRO 22  192 192 PRO PRO A . n 
A 1 23  THR 23  193 193 THR THR A . n 
A 1 24  SER 24  194 ?   ?   ?   A . n 
A 1 25  ARG 25  195 ?   ?   ?   A . n 
A 1 26  PHE 26  196 ?   ?   ?   A . n 
A 1 27  GLY 27  197 ?   ?   ?   A . n 
A 1 28  SER 28  198 ?   ?   ?   A . n 
A 1 29  GLN 29  199 ?   ?   ?   A . n 
A 1 30  CYS 30  200 ?   ?   ?   A . n 
A 1 31  MET 31  201 ?   ?   ?   A . n 
A 1 32  GLN 32  202 ?   ?   ?   A . n 
A 1 33  PRO 33  203 ?   ?   ?   A . n 
A 1 34  ASN 34  204 ?   ?   ?   A . n 
A 1 35  ASN 35  205 ?   ?   ?   A . n 
A 1 36  ILE 36  206 ?   ?   ?   A . n 
A 1 37  MET 37  207 207 MET MET A . n 
A 1 38  GLY 38  208 208 GLY GLY A . n 
A 1 39  ILE 39  209 209 ILE ILE A . n 
A 1 40  GLU 40  210 210 GLU GLU A . n 
A 1 41  ASN 41  211 211 ASN ASN A . n 
A 1 42  ILE 42  212 212 ILE ILE A . n 
A 1 43  CYS 43  213 213 CYS CYS A . n 
A 1 44  GLU 44  214 214 GLU GLU A . n 
A 1 45  LEU 45  215 215 LEU LEU A . n 
A 1 46  ALA 46  216 216 ALA ALA A . n 
A 1 47  ALA 47  217 217 ALA ALA A . n 
A 1 48  ARG 48  218 218 ARG ARG A . n 
A 1 49  MET 49  219 219 MET MET A . n 
A 1 50  LEU 50  220 220 LEU LEU A . n 
A 1 51  PHE 51  221 221 PHE PHE A . n 
A 1 52  SER 52  222 222 SER SER A . n 
A 1 53  ALA 53  223 223 ALA ALA A . n 
A 1 54  VAL 54  224 224 VAL VAL A . n 
A 1 55  GLU 55  225 225 GLU GLU A . n 
A 1 56  TRP 56  226 226 TRP TRP A . n 
A 1 57  ALA 57  227 227 ALA ALA A . n 
A 1 58  ARG 58  228 228 ARG ARG A . n 
A 1 59  ASN 59  229 229 ASN ASN A . n 
A 1 60  ILE 60  230 230 ILE ILE A . n 
A 1 61  PRO 61  231 231 PRO PRO A . n 
A 1 62  PHE 62  232 232 PHE PHE A . n 
A 1 63  PHE 63  233 233 PHE PHE A . n 
A 1 64  PRO 64  234 234 PRO PRO A . n 
A 1 65  ASP 65  235 235 ASP ASP A . n 
A 1 66  LEU 66  236 236 LEU LEU A . n 
A 1 67  GLN 67  237 237 GLN GLN A . n 
A 1 68  ILE 68  238 238 ILE ILE A . n 
A 1 69  THR 69  239 239 THR THR A . n 
A 1 70  ASP 70  240 240 ASP ASP A . n 
A 1 71  GLN 71  241 241 GLN GLN A . n 
A 1 72  VAL 72  242 242 VAL VAL A . n 
A 1 73  ALA 73  243 243 ALA ALA A . n 
A 1 74  LEU 74  244 244 LEU LEU A . n 
A 1 75  LEU 75  245 245 LEU LEU A . n 
A 1 76  ARG 76  246 246 ARG ARG A . n 
A 1 77  LEU 77  247 247 LEU LEU A . n 
A 1 78  THR 78  248 248 THR THR A . n 
A 1 79  TRP 79  249 249 TRP TRP A . n 
A 1 80  SER 80  250 250 SER SER A . n 
A 1 81  GLU 81  251 251 GLU GLU A . n 
A 1 82  LEU 82  252 252 LEU LEU A . n 
A 1 83  PHE 83  253 253 PHE PHE A . n 
A 1 84  VAL 84  254 254 VAL VAL A . n 
A 1 85  LEU 85  255 255 LEU LEU A . n 
A 1 86  ASN 86  256 256 ASN ASN A . n 
A 1 87  ALA 87  257 257 ALA ALA A . n 
A 1 88  ALA 88  258 258 ALA ALA A . n 
A 1 89  GLN 89  259 259 GLN GLN A . n 
A 1 90  CYS 90  260 260 CYS CYS A . n 
A 1 91  SER 91  261 261 SER SER A . n 
A 1 92  MET 92  262 262 MET MET A . n 
A 1 93  PRO 93  263 263 PRO PRO A . n 
A 1 94  LEU 94  264 264 LEU LEU A . n 
A 1 95  HIS 95  265 265 HIS HIS A . n 
A 1 96  VAL 96  266 266 VAL VAL A . n 
A 1 97  ALA 97  267 267 ALA ALA A . n 
A 1 98  PRO 98  268 268 PRO PRO A . n 
A 1 99  LEU 99  269 ?   ?   ?   A . n 
A 1 100 LEU 100 270 ?   ?   ?   A . n 
A 1 101 ALA 101 271 ?   ?   ?   A . n 
A 1 102 ALA 102 272 ?   ?   ?   A . n 
A 1 103 ALA 103 273 ?   ?   ?   A . n 
A 1 104 GLY 104 274 ?   ?   ?   A . n 
A 1 105 LEU 105 275 ?   ?   ?   A . n 
A 1 106 HIS 106 276 ?   ?   ?   A . n 
A 1 107 ALA 107 277 ?   ?   ?   A . n 
A 1 108 SER 108 278 ?   ?   ?   A . n 
A 1 109 PRO 109 279 ?   ?   ?   A . n 
A 1 110 MET 110 280 ?   ?   ?   A . n 
A 1 111 SER 111 281 ?   ?   ?   A . n 
A 1 112 ALA 112 282 ?   ?   ?   A . n 
A 1 113 ASP 113 283 ?   ?   ?   A . n 
A 1 114 ARG 114 284 ?   ?   ?   A . n 
A 1 115 VAL 115 285 ?   ?   ?   A . n 
A 1 116 VAL 116 286 286 VAL VAL A . n 
A 1 117 ALA 117 287 287 ALA ALA A . n 
A 1 118 PHE 118 288 288 PHE PHE A . n 
A 1 119 MET 119 289 289 MET MET A . n 
A 1 120 ASP 120 290 290 ASP ASP A . n 
A 1 121 HIS 121 291 291 HIS HIS A . n 
A 1 122 ILE 122 292 292 ILE ILE A . n 
A 1 123 ARG 123 293 293 ARG ARG A . n 
A 1 124 ILE 124 294 294 ILE ILE A . n 
A 1 125 PHE 125 295 295 PHE PHE A . n 
A 1 126 GLN 126 296 296 GLN GLN A . n 
A 1 127 GLU 127 297 297 GLU GLU A . n 
A 1 128 GLN 128 298 298 GLN GLN A . n 
A 1 129 VAL 129 299 299 VAL VAL A . n 
A 1 130 GLU 130 300 300 GLU GLU A . n 
A 1 131 LYS 131 301 301 LYS LYS A . n 
A 1 132 LEU 132 302 302 LEU LEU A . n 
A 1 133 LYS 133 303 303 LYS LYS A . n 
A 1 134 ALA 134 304 304 ALA ALA A . n 
A 1 135 LEU 135 305 305 LEU LEU A . n 
A 1 136 HIS 136 306 306 HIS HIS A . n 
A 1 137 VAL 137 307 307 VAL VAL A . n 
A 1 138 ASP 138 308 308 ASP ASP A . n 
A 1 139 SER 139 309 309 SER SER A . n 
A 1 140 ALA 140 310 310 ALA ALA A . n 
A 1 141 GLU 141 311 311 GLU GLU A . n 
A 1 142 TYR 142 312 312 TYR TYR A . n 
A 1 143 SER 143 313 313 SER SER A . n 
A 1 144 CYS 144 314 314 CYS CYS A . n 
A 1 145 LEU 145 315 315 LEU LEU A . n 
A 1 146 LYS 146 316 316 LYS LYS A . n 
A 1 147 ALA 147 317 317 ALA ALA A . n 
A 1 148 ILE 148 318 318 ILE ILE A . n 
A 1 149 VAL 149 319 319 VAL VAL A . n 
A 1 150 LEU 150 320 320 LEU LEU A . n 
A 1 151 PHE 151 321 321 PHE PHE A . n 
A 1 152 THR 152 322 322 THR THR A . n 
A 1 153 SER 153 323 323 SER SER A . n 
A 1 154 ASP 154 324 324 ASP ASP A . n 
A 1 155 ALA 155 325 325 ALA ALA A . n 
A 1 156 CYS 156 326 326 CYS CYS A . n 
A 1 157 GLY 157 327 327 GLY GLY A . n 
A 1 158 LEU 158 328 328 LEU LEU A . n 
A 1 159 SER 159 329 329 SER SER A . n 
A 1 160 ASP 160 330 330 ASP ASP A . n 
A 1 161 VAL 161 331 331 VAL VAL A . n 
A 1 162 ALA 162 332 332 ALA ALA A . n 
A 1 163 HIS 163 333 333 HIS HIS A . n 
A 1 164 VAL 164 334 334 VAL VAL A . n 
A 1 165 GLU 165 335 335 GLU GLU A . n 
A 1 166 SER 166 336 336 SER SER A . n 
A 1 167 LEU 167 337 337 LEU LEU A . n 
A 1 168 GLN 168 338 338 GLN GLN A . n 
A 1 169 GLU 169 339 339 GLU GLU A . n 
A 1 170 LYS 170 340 340 LYS LYS A . n 
A 1 171 SER 171 341 341 SER SER A . n 
A 1 172 GLN 172 342 342 GLN GLN A . n 
A 1 173 CYS 173 343 343 CYS CYS A . n 
A 1 174 ALA 174 344 344 ALA ALA A . n 
A 1 175 LEU 175 345 345 LEU LEU A . n 
A 1 176 GLU 176 346 346 GLU GLU A . n 
A 1 177 GLU 177 347 347 GLU GLU A . n 
A 1 178 TYR 178 348 348 TYR TYR A . n 
A 1 179 VAL 179 349 349 VAL VAL A . n 
A 1 180 ARG 180 350 350 ARG ARG A . n 
A 1 181 SER 181 351 351 SER SER A . n 
A 1 182 GLN 182 352 352 GLN GLN A . n 
A 1 183 TYR 183 353 353 TYR TYR A . n 
A 1 184 PRO 184 354 354 PRO PRO A . n 
A 1 185 ASN 185 355 355 ASN ASN A . n 
A 1 186 GLN 186 356 356 GLN GLN A . n 
A 1 187 PRO 187 357 357 PRO PRO A . n 
A 1 188 THR 188 358 358 THR THR A . n 
A 1 189 ARG 189 359 359 ARG ARG A . n 
A 1 190 PHE 190 360 360 PHE PHE A . n 
A 1 191 GLY 191 361 361 GLY GLY A . n 
A 1 192 LYS 192 362 362 LYS LYS A . n 
A 1 193 LEU 193 363 363 LEU LEU A . n 
A 1 194 LEU 194 364 364 LEU LEU A . n 
A 1 195 LEU 195 365 365 LEU LEU A . n 
A 1 196 ARG 196 366 366 ARG ARG A . n 
A 1 197 LEU 197 367 367 LEU LEU A . n 
A 1 198 PRO 198 368 368 PRO PRO A . n 
A 1 199 SER 199 369 369 SER SER A . n 
A 1 200 LEU 200 370 370 LEU LEU A . n 
A 1 201 ARG 201 371 371 ARG ARG A . n 
A 1 202 THR 202 372 372 THR THR A . n 
A 1 203 VAL 203 373 373 VAL VAL A . n 
A 1 204 SER 204 374 374 SER SER A . n 
A 1 205 SER 205 375 375 SER SER A . n 
A 1 206 SER 206 376 376 SER SER A . n 
A 1 207 VAL 207 377 377 VAL VAL A . n 
A 1 208 ILE 208 378 378 ILE ILE A . n 
A 1 209 GLU 209 379 379 GLU GLU A . n 
A 1 210 GLN 210 380 380 GLN GLN A . n 
A 1 211 LEU 211 381 381 LEU LEU A . n 
A 1 212 PHE 212 382 382 PHE PHE A . n 
A 1 213 PHE 213 383 383 PHE PHE A . n 
A 1 214 VAL 214 384 384 VAL VAL A . n 
A 1 215 ARG 215 385 385 ARG ARG A . n 
A 1 216 LEU 216 386 386 LEU LEU A . n 
A 1 217 VAL 217 387 387 VAL VAL A . n 
A 1 218 GLY 218 388 388 GLY GLY A . n 
A 1 219 LYS 219 389 389 LYS LYS A . n 
A 1 220 THR 220 390 390 THR THR A . n 
A 1 221 PRO 221 391 391 PRO PRO A . n 
A 1 222 ILE 222 392 392 ILE ILE A . n 
A 1 223 GLU 223 393 393 GLU GLU A . n 
A 1 224 THR 224 394 394 THR THR A . n 
A 1 225 LEU 225 395 395 LEU LEU A . n 
A 1 226 ILE 226 396 396 ILE ILE A . n 
A 1 227 ARG 227 397 397 ARG ARG A . n 
A 1 228 ASP 228 398 398 ASP ASP A . n 
A 1 229 MET 229 399 399 MET MET A . n 
A 1 230 LEU 230 400 400 LEU LEU A . n 
A 1 231 LEU 231 401 401 LEU LEU A . n 
A 1 232 SER 232 402 402 SER SER A . n 
A 1 233 GLY 233 403 403 GLY GLY A . n 
A 1 234 SER 234 404 404 SER SER A . n 
A 1 235 SER 235 405 405 SER SER A . n 
A 1 236 PHE 236 406 406 PHE PHE A . n 
A 1 237 ASN 237 407 407 ASN ASN A . n 
A 1 238 TRP 238 408 ?   ?   ?   A . n 
A 1 239 PRO 239 409 ?   ?   ?   A . n 
A 1 240 TYR 240 410 ?   ?   ?   A . n 
A 1 241 MET 241 411 ?   ?   ?   A . n 
A 1 242 ALA 242 412 ?   ?   ?   A . n 
A 1 243 ILE 243 413 ?   ?   ?   A . n 
A 1 244 GLN 244 414 ?   ?   ?   A . n 
# 
loop_
_software.name 
_software.version 
_software.date 
_software.type 
_software.contact_author 
_software.contact_author_email 
_software.classification 
_software.location 
_software.language 
_software.citation_id 
_software.pdbx_ordinal 
REFMAC      .     ?                    program 'Murshudov, G.N.' ccp4@dl.ac.uk            refinement        
http://www.ccp4.ac.uk/main.html  Fortran_77 ? 1 
PDB_EXTRACT 3.004 'September 10, 2007' package PDB               sw-help@rcsb.rutgers.edu 'data extraction' 
http://pdb.rutgers.edu/software/ C++        ? 2 
# 
_cell.length_a           97.854 
_cell.length_b           47.762 
_cell.length_c           43.128 
_cell.angle_alpha        90.000 
_cell.angle_beta         100.870 
_cell.angle_gamma        90.000 
_cell.entry_id           3CJW 
_cell.pdbx_unique_axis   ? 
_cell.Z_PDB              4 
_cell.length_a_esd       ? 
_cell.length_b_esd       ? 
_cell.length_c_esd       ? 
_cell.angle_alpha_esd    ? 
_cell.angle_beta_esd     ? 
_cell.angle_gamma_esd    ? 
# 
_symmetry.space_group_name_H-M             'C 1 2 1' 
_symmetry.entry_id                         3CJW 
_symmetry.pdbx_full_space_group_name_H-M   ? 
_symmetry.Int_Tables_number                5 
_symmetry.cell_setting                     ? 
_symmetry.space_group_name_Hall            ? 
# 
_exptl.crystals_number   1 
_exptl.entry_id          3CJW 
_exptl.method            'X-RAY DIFFRACTION' 
# 
_exptl_crystal.id                    1 
_exptl_crystal.density_Matthews      1.81 
_exptl_crystal.density_meas          ? 
_exptl_crystal.density_percent_sol   32.12 
_exptl_crystal.description           ? 
_exptl_crystal.F_000                 ? 
_exptl_crystal.preparation           ? 
# 
_exptl_crystal_grow.crystal_id      1 
_exptl_crystal_grow.method          'hanging drop' 
_exptl_crystal_grow.pH              5.6 
_exptl_crystal_grow.temp            293 
_exptl_crystal_grow.pdbx_details    '1.5M Imidazole, pH 5.6, hanging drop, temperature 293K' 
_exptl_crystal_grow.temp_details    ? 
_exptl_crystal_grow.pdbx_pH_range   . 
# 
_diffrn.id                     1 
_diffrn.ambient_temp           93 
_diffrn.ambient_temp_details   ? 
_diffrn.crystal_id             1 
# 
_diffrn_detector.diffrn_id              1 
_diffrn_detector.detector               CCD 
_diffrn_detector.type                   'MARMOSAIC 225 mm CCD' 
_diffrn_detector.pdbx_collection_date   ? 
_diffrn_detector.details                ? 
# 
_diffrn_radiation.diffrn_id                        1 
_diffrn_radiation.pdbx_diffrn_protocol             MAD 
_diffrn_radiation.monochromator                    ? 
_diffrn_radiation.wavelength_id                    1 
_diffrn_radiation.pdbx_monochromatic_or_laue_m_l   M 
_diffrn_radiation.pdbx_scattering_type             x-ray 
# 
loop_
_diffrn_radiation_wavelength.id 
_diffrn_radiation_wavelength.wavelength 
_diffrn_radiation_wavelength.wt 
1 0.7 1.0 
2 1.0 1.0 
3 1.4 1.0 
4 1.8 1.0 
# 
_diffrn_source.diffrn_id                   1 
_diffrn_source.source                      SYNCHROTRON 
_diffrn_source.type                        'APS BEAMLINE 5ID-B' 
_diffrn_source.pdbx_wavelength_list        '0.7, 1.0, 1.4, 1.8' 
_diffrn_source.pdbx_wavelength             ? 
_diffrn_source.pdbx_synchrotron_site       APS 
_diffrn_source.pdbx_synchrotron_beamline   5ID-B 
# 
_reflns.entry_id                     3CJW 
_reflns.observed_criterion_sigma_F   ? 
_reflns.observed_criterion_sigma_I   ? 
_reflns.d_resolution_high            1.48 
_reflns.d_resolution_low             50.00 
_reflns.number_all                   ? 
_reflns.number_obs                   32718 
_reflns.percent_possible_obs         ? 
_reflns.pdbx_Rmerge_I_obs            ? 
_reflns.pdbx_Rsym_value              ? 
_reflns.pdbx_netI_over_sigmaI        ? 
_reflns.B_iso_Wilson_estimate        ? 
_reflns.pdbx_redundancy              ? 
_reflns.R_free_details               ? 
_reflns.limit_h_max                  ? 
_reflns.limit_h_min                  ? 
_reflns.limit_k_max                  ? 
_reflns.limit_k_min                  ? 
_reflns.limit_l_max                  ? 
_reflns.limit_l_min                  ? 
_reflns.observed_criterion_F_max     ? 
_reflns.observed_criterion_F_min     ? 
_reflns.pdbx_chi_squared             ? 
_reflns.pdbx_scaling_rejects         ? 
_reflns.pdbx_diffrn_id               1 
_reflns.pdbx_ordinal                 1 
# 
_refine.entry_id                                 3CJW 
_refine.B_iso_mean                               34.493 
_refine.pdbx_method_to_determine_struct          . 
_refine.ls_d_res_high                            1.48 
_refine.ls_d_res_low                             6.00 
_refine.pdbx_ls_sigma_F                          ? 
_refine.pdbx_ls_sigma_I                          ? 
_refine.ls_number_reflns_all                     ? 
_refine.ls_number_reflns_obs                     29483 
_refine.ls_number_reflns_R_free                  1919 
_refine.ls_percent_reflns_obs                    7.7 
_refine.ls_R_factor_all                          ? 
_refine.ls_R_factor_obs                          ? 
_refine.ls_R_factor_R_work                       0.1684 
_refine.ls_R_factor_R_free                       0.2379 
_refine.ls_redundancy_reflns_obs                 ? 
_refine.pdbx_data_cutoff_high_absF               ? 
_refine.pdbx_data_cutoff_low_absF                ? 
_refine.ls_number_parameters                     ? 
_refine.ls_number_restraints                     ? 
_refine.ls_percent_reflns_R_free                 ? 
_refine.ls_R_factor_R_free_error                 ? 
_refine.ls_R_factor_R_free_error_details         ? 
_refine.pdbx_starting_model                      ? 
_refine.pdbx_ls_cross_valid_method               ? 
_refine.pdbx_R_Free_selection_details            ? 
_refine.pdbx_stereochem_target_val_spec_case     ? 
_refine.pdbx_stereochemistry_target_values       ? 
_refine.solvent_model_details                    ? 
_refine.solvent_model_param_bsol                 ? 
_refine.solvent_model_param_ksol                 ? 
_refine.occupancy_max                            ? 
_refine.occupancy_min                            ? 
_refine.pdbx_isotropic_thermal_model             ? 
_refine.aniso_B[1][1]                            ? 
_refine.aniso_B[1][2]                            ? 
_refine.aniso_B[1][3]                            ? 
_refine.aniso_B[2][2]                            ? 
_refine.aniso_B[2][3]                            ? 
_refine.aniso_B[3][3]                            ? 
_refine.details                                  ? 
_refine.B_iso_min                                ? 
_refine.B_iso_max                                ? 
_refine.correlation_coeff_Fo_to_Fc               ? 
_refine.correlation_coeff_Fo_to_Fc_free          ? 
_refine.pdbx_solvent_vdw_probe_radii             ? 
_refine.pdbx_solvent_ion_probe_radii             ? 
_refine.pdbx_solvent_shrinkage_radii             ? 
_refine.overall_SU_R_Cruickshank_DPI             ? 
_refine.overall_SU_R_free                        ? 
_refine.overall_SU_ML                            ? 
_refine.overall_SU_B                             ? 
_refine.pdbx_overall_ESU_R_Free                  ? 
_refine.pdbx_data_cutoff_high_rms_absF           ? 
_refine.pdbx_overall_ESU_R                       ? 
_refine.ls_wR_factor_R_free                      ? 
_refine.ls_wR_factor_R_work                      ? 
_refine.overall_FOM_free_R_set                   ? 
_refine.overall_FOM_work_R_set                   ? 
_refine.pdbx_overall_phase_error                 ? 
_refine.pdbx_refine_id                           'X-RAY DIFFRACTION' 
_refine.pdbx_diffrn_id                           1 
_refine.pdbx_TLS_residual_ADP_flag               ? 
_refine.pdbx_overall_SU_R_free_Cruickshank_DPI   ? 
_refine.pdbx_overall_SU_R_Blow_DPI               ? 
_refine.pdbx_overall_SU_R_free_Blow_DPI          ? 
# 
_refine_hist.pdbx_refine_id                   'X-RAY DIFFRACTION' 
_refine_hist.cycle_id                         LAST 
_refine_hist.pdbx_number_atoms_protein        1636 
_refine_hist.pdbx_number_atoms_nucleic_acid   0 
_refine_hist.pdbx_number_atoms_ligand         0 
_refine_hist.number_atoms_solvent             0 
_refine_hist.number_atoms_total               1636 
_refine_hist.d_res_high                       1.48 
_refine_hist.d_res_low                        6.00 
# 
_struct.entry_id                  3CJW 
_struct.title                     'Crystal structure of the human COUP-TFII ligand binding domain' 
_struct.pdbx_model_details        ? 
_struct.pdbx_CASP_flag            ? 
_struct.pdbx_model_type_details   ? 
# 
_struct_keywords.entry_id        3CJW 
_struct_keywords.text            
;COUP-TFII, nuclear receptor, ligand binding domain, orphan receptor, three-layered helical sandwich, DNA-binding, Metal-binding, Nucleus, Receptor, Transcription, Transcription regulation, Zinc, Zinc-finger
;
_struct_keywords.pdbx_keywords   TRANSCRIPTION 
# 
_struct_asym.id                            A 
_struct_asym.pdbx_blank_PDB_chainid_flag   N 
_struct_asym.pdbx_modified                 N 
_struct_asym.entity_id                     1 
_struct_asym.details                       ? 
# 
_struct_ref.id                         1 
_struct_ref.db_name                    UNP 
_struct_ref.db_code                    COT2_HUMAN 
_struct_ref.pdbx_db_accession          P24468 
_struct_ref.entity_id                  1 
_struct_ref.pdbx_seq_one_letter_code   
;HSYLSGYISLLLRAEPYPTSRFGSQCMQPNNIMGIENICELAARMLFSAVEWARNIPFFPDLQITDQVALLRLTWSELFV
LNAAQCSMPLHVAPLLAAAGLHASPMSADRVVAFMDHIRIFQEQVEKLKALHVDSAEYSCLKAIVLFTSDACGLSDVAHV
ESLQEKSQCALEEYVRSQYPNQPTRFGKLLLRLPSLRTVSSSVIEQLFFVRLVGKTPIETLIRDMLLSGSSFNWPYMAIQ

;
_struct_ref.pdbx_align_begin           173 
_struct_ref.pdbx_db_isoform            ? 
# 
_struct_ref_seq.align_id                      1 
_struct_ref_seq.ref_id                        1 
_struct_ref_seq.pdbx_PDB_id_code              3CJW 
_struct_ref_seq.pdbx_strand_id                A 
_struct_ref_seq.seq_align_beg                 5 
_struct_ref_seq.pdbx_seq_align_beg_ins_code   ? 
_struct_ref_seq.seq_align_end                 244 
_struct_ref_seq.pdbx_seq_align_end_ins_code   ? 
_struct_ref_seq.pdbx_db_accession             P24468 
_struct_ref_seq.db_align_beg                  173 
_struct_ref_seq.pdbx_db_align_beg_ins_code    ? 
_struct_ref_seq.db_align_end                  412 
_struct_ref_seq.pdbx_db_align_end_ins_code    ? 
_struct_ref_seq.pdbx_auth_seq_align_beg       175 
_struct_ref_seq.pdbx_auth_seq_align_end       414 
# 
loop_
_struct_ref_seq_dif.align_id 
_struct_ref_seq_dif.pdbx_pdb_id_code 
_struct_ref_seq_dif.mon_id 
_struct_ref_seq_dif.pdbx_pdb_strand_id 
_struct_ref_seq_dif.seq_num 
_struct_ref_seq_dif.pdbx_pdb_ins_code 
_struct_ref_seq_dif.pdbx_seq_db_name 
_struct_ref_seq_dif.pdbx_seq_db_accession_code 
_struct_ref_seq_dif.db_mon_id 
_struct_ref_seq_dif.pdbx_seq_db_seq_num 
_struct_ref_seq_dif.details 
_struct_ref_seq_dif.pdbx_auth_seq_num 
_struct_ref_seq_dif.pdbx_ordinal 
1 3CJW GLY A 1 ? UNP P24468 ? ? 'expression tag' 171 1 
1 3CJW SER A 2 ? UNP P24468 ? ? 'expression tag' 172 2 
1 3CJW ASN A 3 ? UNP P24468 ? ? 'expression tag' 173 3 
1 3CJW SER A 4 ? UNP P24468 ? ? 'expression tag' 174 4 
# 
loop_
_pdbx_struct_assembly.id 
_pdbx_struct_assembly.details 
_pdbx_struct_assembly.method_details 
_pdbx_struct_assembly.oligomeric_details 
_pdbx_struct_assembly.oligomeric_count 
1 author_defined_assembly   ?    monomeric 1 
2 software_defined_assembly PISA dimeric   2 
# 
loop_
_pdbx_struct_assembly_prop.biol_id 
_pdbx_struct_assembly_prop.type 
_pdbx_struct_assembly_prop.value 
_pdbx_struct_assembly_prop.details 
2 'ABSA (A^2)' 1850  ? 
2 MORE         -8    ? 
2 'SSA (A^2)'  19650 ? 
# 
loop_
_pdbx_struct_assembly_gen.assembly_id 
_pdbx_struct_assembly_gen.oper_expression 
_pdbx_struct_assembly_gen.asym_id_list 
1 1   A 
2 1,2 A 
# 
loop_
_pdbx_struct_oper_list.id 
_pdbx_struct_oper_list.type 
_pdbx_struct_oper_list.name 
_pdbx_struct_oper_list.symmetry_operation 
_pdbx_struct_oper_list.matrix[1][1] 
_pdbx_struct_oper_list.matrix[1][2] 
_pdbx_struct_oper_list.matrix[1][3] 
_pdbx_struct_oper_list.vector[1] 
_pdbx_struct_oper_list.matrix[2][1] 
_pdbx_struct_oper_list.matrix[2][2] 
_pdbx_struct_oper_list.matrix[2][3] 
_pdbx_struct_oper_list.vector[2] 
_pdbx_struct_oper_list.matrix[3][1] 
_pdbx_struct_oper_list.matrix[3][2] 
_pdbx_struct_oper_list.matrix[3][3] 
_pdbx_struct_oper_list.vector[3] 
1 'identity operation'         1_555 x,y,z       1.0000000000 0.0000000000  0.0000000000 0.0000000000  0.0000000000  1.0000000000  0.0000000000  0.0000000000  0.0000000000 0.0000000000  1.0000000000  0.0000000000 
2 'crystal symmetry operation' 2_656 -x+1,y,-z+1 0.7046943899 -0.6812873993 0.1981244468 10.0051949252 -0.6812873993 -0.7277209785 -0.0791811658 25.6722542018 0.1981244468 -0.0791811658 -0.9769734114 2.1924787576 
# 
loop_
_struct_conf.conf_type_id 
_struct_conf.id 
_struct_conf.pdbx_PDB_helix_id 
_struct_conf.beg_label_comp_id 
_struct_conf.beg_label_asym_id 
_struct_conf.beg_label_seq_id 
_struct_conf.pdbx_beg_PDB_ins_code 
_struct_conf.end_label_comp_id 
_struct_conf.end_label_asym_id 
_struct_conf.end_label_seq_id 
_struct_conf.pdbx_end_PDB_ins_code 
_struct_conf.beg_auth_comp_id 
_struct_conf.beg_auth_asym_id 
_struct_conf.beg_auth_seq_id 
_struct_conf.end_auth_comp_id 
_struct_conf.end_auth_asym_id 
_struct_conf.end_auth_seq_id 
_struct_conf.pdbx_PDB_helix_class 
_struct_conf.details 
_struct_conf.pdbx_PDB_helix_length 
HELX_P HELX_P1  1  ASN A 3   ? ALA A 18  ? ASN A 173 ALA A 188 1 ? 16 
HELX_P HELX_P2  2  ASN A 41  ? ILE A 60  ? ASN A 211 ILE A 230 1 ? 20 
HELX_P HELX_P3  3  PHE A 62  ? LEU A 66  ? PHE A 232 LEU A 236 5 ? 5  
HELX_P HELX_P4  4  GLN A 67  ? SER A 91  ? GLN A 237 SER A 261 1 ? 25 
HELX_P HELX_P5  5  MET A 119 ? LEU A 135 ? MET A 289 LEU A 305 1 ? 17 
HELX_P HELX_P6  6  ASP A 138 ? PHE A 151 ? ASP A 308 PHE A 321 1 ? 14 
HELX_P HELX_P7  7  ASP A 160 ? TYR A 183 ? ASP A 330 TYR A 353 1 ? 24 
HELX_P HELX_P8  8  THR A 188 ? LEU A 195 ? THR A 358 LEU A 365 1 ? 8  
HELX_P HELX_P9  9  ARG A 196 ? VAL A 203 ? ARG A 366 VAL A 373 1 ? 8  
HELX_P HELX_P10 10 SER A 204 ? PHE A 213 ? SER A 374 PHE A 383 1 ? 10 
HELX_P HELX_P11 11 PHE A 213 ? GLY A 218 ? PHE A 383 GLY A 388 1 ? 6  
HELX_P HELX_P12 12 PRO A 221 ? THR A 224 ? PRO A 391 THR A 394 5 ? 4  
HELX_P HELX_P13 13 LEU A 225 ? LEU A 231 ? LEU A 395 LEU A 401 1 ? 7  
# 
_struct_conf_type.id          HELX_P 
_struct_conf_type.criteria    ? 
_struct_conf_type.reference   ? 
# 
_pdbx_validate_close_contact.id               1 
_pdbx_validate_close_contact.PDB_model_num    1 
_pdbx_validate_close_contact.auth_atom_id_1   OE1 
_pdbx_validate_close_contact.auth_asym_id_1   A 
_pdbx_validate_close_contact.auth_comp_id_1   GLU 
_pdbx_validate_close_contact.auth_seq_id_1    225 
_pdbx_validate_close_contact.PDB_ins_code_1   ? 
_pdbx_validate_close_contact.label_alt_id_1   ? 
_pdbx_validate_close_contact.auth_atom_id_2   NH2 
_pdbx_validate_close_contact.auth_asym_id_2   A 
_pdbx_validate_close_contact.auth_comp_id_2   ARG 
_pdbx_validate_close_contact.auth_seq_id_2    228 
_pdbx_validate_close_contact.PDB_ins_code_2   ? 
_pdbx_validate_close_contact.label_alt_id_2   ? 
_pdbx_validate_close_contact.dist             2.04 
# 
loop_
_pdbx_validate_rmsd_bond.id 
_pdbx_validate_rmsd_bond.PDB_model_num 
_pdbx_validate_rmsd_bond.auth_atom_id_1 
_pdbx_validate_rmsd_bond.auth_asym_id_1 
_pdbx_validate_rmsd_bond.auth_comp_id_1 
_pdbx_validate_rmsd_bond.auth_seq_id_1 
_pdbx_validate_rmsd_bond.PDB_ins_code_1 
_pdbx_validate_rmsd_bond.label_alt_id_1 
_pdbx_validate_rmsd_bond.auth_atom_id_2 
_pdbx_validate_rmsd_bond.auth_asym_id_2 
_pdbx_validate_rmsd_bond.auth_comp_id_2 
_pdbx_validate_rmsd_bond.auth_seq_id_2 
_pdbx_validate_rmsd_bond.PDB_ins_code_2 
_pdbx_validate_rmsd_bond.label_alt_id_2 
_pdbx_validate_rmsd_bond.bond_value 
_pdbx_validate_rmsd_bond.bond_target_value 
_pdbx_validate_rmsd_bond.bond_deviation 
_pdbx_validate_rmsd_bond.bond_standard_deviation 
_pdbx_validate_rmsd_bond.linker_flag 
1  1 CB  A SER 222 ? ? OG  A SER 222 ? ? 1.337 1.418 -0.081 0.013 N 
2  1 CD1 A PHE 288 ? ? CE1 A PHE 288 ? ? 1.551 1.388 0.163  0.020 N 
3  1 CB  A ILE 294 ? ? CG2 A ILE 294 ? ? 1.949 1.524 0.425  0.031 N 
4  1 CB  A PHE 295 ? ? CG  A PHE 295 ? ? 1.383 1.509 -0.126 0.017 N 
5  1 CZ  A PHE 295 ? ? CE2 A PHE 295 ? ? 1.222 1.369 -0.147 0.019 N 
6  1 CG  A GLU 339 ? ? CD  A GLU 339 ? ? 1.360 1.515 -0.155 0.015 N 
7  1 CB  A GLN 342 ? ? CG  A GLN 342 ? ? 1.345 1.521 -0.176 0.027 N 
8  1 CA  A CYS 343 ? ? CB  A CYS 343 ? ? 1.720 1.535 0.185  0.022 N 
9  1 CB  A CYS 343 ? ? SG  A CYS 343 ? ? 1.622 1.812 -0.190 0.016 N 
10 1 CG  A GLU 346 ? ? CD  A GLU 346 ? ? 1.423 1.515 -0.092 0.015 N 
11 1 CD  A ARG 397 ? ? NE  A ARG 397 ? ? 1.308 1.460 -0.152 0.017 N 
# 
loop_
_pdbx_validate_rmsd_angle.id 
_pdbx_validate_rmsd_angle.PDB_model_num 
_pdbx_validate_rmsd_angle.auth_atom_id_1 
_pdbx_validate_rmsd_angle.auth_asym_id_1 
_pdbx_validate_rmsd_angle.auth_comp_id_1 
_pdbx_validate_rmsd_angle.auth_seq_id_1 
_pdbx_validate_rmsd_angle.PDB_ins_code_1 
_pdbx_validate_rmsd_angle.label_alt_id_1 
_pdbx_validate_rmsd_angle.auth_atom_id_2 
_pdbx_validate_rmsd_angle.auth_asym_id_2 
_pdbx_validate_rmsd_angle.auth_comp_id_2 
_pdbx_validate_rmsd_angle.auth_seq_id_2 
_pdbx_validate_rmsd_angle.PDB_ins_code_2 
_pdbx_validate_rmsd_angle.label_alt_id_2 
_pdbx_validate_rmsd_angle.auth_atom_id_3 
_pdbx_validate_rmsd_angle.auth_asym_id_3 
_pdbx_validate_rmsd_angle.auth_comp_id_3 
_pdbx_validate_rmsd_angle.auth_seq_id_3 
_pdbx_validate_rmsd_angle.PDB_ins_code_3 
_pdbx_validate_rmsd_angle.label_alt_id_3 
_pdbx_validate_rmsd_angle.angle_value 
_pdbx_validate_rmsd_angle.angle_target_value 
_pdbx_validate_rmsd_angle.angle_deviation 
_pdbx_validate_rmsd_angle.angle_standard_deviation 
_pdbx_validate_rmsd_angle.linker_flag 
1  1 C  A PRO 190 ? ? N   A TYR 191 ? ? CA  A TYR 191 ? ? 105.21 121.70 -16.49 2.50 Y 
2  1 C  A TYR 191 ? ? N   A PRO 192 ? ? CA  A PRO 192 ? ? 107.25 119.30 -12.05 1.50 Y 
3  1 N  A ALA 267 ? ? CA  A ALA 267 ? ? C   A ALA 267 ? ? 92.75  111.00 -18.25 2.70 N 
4  1 C  A ALA 267 ? ? N   A PRO 268 ? ? CA  A PRO 268 ? ? 129.54 119.30 10.24  1.50 Y 
5  1 CB A ILE 294 ? ? CG1 A ILE 294 ? ? CD1 A ILE 294 ? ? 93.05  113.90 -20.85 2.80 N 
6  1 CA A LEU 305 ? ? CB  A LEU 305 ? ? CG  A LEU 305 ? ? 142.19 115.30 26.89  2.30 N 
7  1 CB A LEU 305 ? ? CG  A LEU 305 ? ? CD2 A LEU 305 ? ? 99.03  111.00 -11.97 1.70 N 
8  1 CD A LYS 316 ? ? CE  A LYS 316 ? ? NZ  A LYS 316 ? ? 127.10 111.70 15.40  2.30 N 
9  1 CA A CYS 326 ? ? CB  A CYS 326 ? ? SG  A CYS 326 ? A 123.19 114.20 8.99   1.10 N 
10 1 CB A ASP 330 ? ? CG  A ASP 330 ? ? OD1 A ASP 330 ? ? 128.04 118.30 9.74   0.90 N 
11 1 CB A ASP 330 ? ? CG  A ASP 330 ? ? OD2 A ASP 330 ? ? 112.47 118.30 -5.83  0.90 N 
12 1 CB A CYS 343 ? ? CA  A CYS 343 ? ? C   A CYS 343 ? ? 126.83 111.50 15.33  1.20 N 
13 1 CA A CYS 343 ? ? CB  A CYS 343 ? ? SG  A CYS 343 ? ? 92.14  114.00 -21.86 1.80 N 
14 1 NE A ARG 350 ? ? CZ  A ARG 350 ? ? NH1 A ARG 350 ? ? 123.82 120.30 3.52   0.50 N 
15 1 NE A ARG 366 ? ? CZ  A ARG 366 ? ? NH1 A ARG 366 ? ? 123.42 120.30 3.12   0.50 N 
16 1 NE A ARG 366 ? ? CZ  A ARG 366 ? ? NH2 A ARG 366 ? ? 117.22 120.30 -3.08  0.50 N 
17 1 CB A LEU 370 ? ? CG  A LEU 370 ? ? CD2 A LEU 370 ? ? 124.41 111.00 13.41  1.70 N 
18 1 CG A ARG 397 ? ? CD  A ARG 397 ? ? NE  A ARG 397 ? ? 97.95  111.80 -13.85 2.10 N 
19 1 NE A ARG 397 ? ? CZ  A ARG 397 ? ? NH2 A ARG 397 ? ? 115.25 120.30 -5.05  0.50 N 
# 
loop_
_pdbx_validate_torsion.id 
_pdbx_validate_torsion.PDB_model_num 
_pdbx_validate_torsion.auth_comp_id 
_pdbx_validate_torsion.auth_asym_id 
_pdbx_validate_torsion.auth_seq_id 
_pdbx_validate_torsion.PDB_ins_code 
_pdbx_validate_torsion.label_alt_id 
_pdbx_validate_torsion.phi 
_pdbx_validate_torsion.psi 
1  1 SER A 174 ? ? -20.96  -57.72  
2  1 TYR A 191 ? ? -97.37  -126.43 
3  1 ILE A 209 ? ? 39.80   121.63  
4  1 PHE A 232 ? ? 79.28   -50.73  
5  1 ALA A 267 ? ? 152.14  81.86   
6  1 PHE A 288 ? ? -47.85  -144.78 
7  1 MET A 289 ? ? -169.07 8.78    
8  1 LYS A 389 ? ? 96.66   -85.44  
9  1 SER A 402 ? ? -96.68  -143.62 
10 1 SER A 404 ? ? 74.45   -154.20 
11 1 SER A 405 ? ? -9.95   142.03  
# 
loop_
_pdbx_validate_peptide_omega.id 
_pdbx_validate_peptide_omega.PDB_model_num 
_pdbx_validate_peptide_omega.auth_comp_id_1 
_pdbx_validate_peptide_omega.auth_asym_id_1 
_pdbx_validate_peptide_omega.auth_seq_id_1 
_pdbx_validate_peptide_omega.PDB_ins_code_1 
_pdbx_validate_peptide_omega.label_alt_id_1 
_pdbx_validate_peptide_omega.auth_comp_id_2 
_pdbx_validate_peptide_omega.auth_asym_id_2 
_pdbx_validate_peptide_omega.auth_seq_id_2 
_pdbx_validate_peptide_omega.PDB_ins_code_2 
_pdbx_validate_peptide_omega.label_alt_id_2 
_pdbx_validate_peptide_omega.omega 
1 1 SER A 172 ? ? ASN A 173 ? ? 118.76  
2 1 HIS A 265 ? ? VAL A 266 ? ? -144.09 
3 1 ALA A 267 ? ? PRO A 268 ? ? -139.59 
4 1 PHE A 288 ? ? MET A 289 ? ? 129.79  
5 1 GLY A 388 ? ? LYS A 389 ? ? 30.52   
6 1 SER A 402 ? ? GLY A 403 ? ? 133.14  
7 1 SER A 404 ? ? SER A 405 ? ? -142.82 
# 
_pdbx_validate_planes.id              1 
_pdbx_validate_planes.PDB_model_num   1 
_pdbx_validate_planes.auth_comp_id    ARG 
_pdbx_validate_planes.auth_asym_id    A 
_pdbx_validate_planes.auth_seq_id     397 
_pdbx_validate_planes.PDB_ins_code    ? 
_pdbx_validate_planes.label_alt_id    ? 
_pdbx_validate_planes.rmsd            0.083 
_pdbx_validate_planes.type            'SIDE CHAIN' 
# 
loop_
_pdbx_unobs_or_zero_occ_residues.id 
_pdbx_unobs_or_zero_occ_residues.PDB_model_num 
_pdbx_unobs_or_zero_occ_residues.polymer_flag 
_pdbx_unobs_or_zero_occ_residues.occupancy_flag 
_pdbx_unobs_or_zero_occ_residues.auth_asym_id 
_pdbx_unobs_or_zero_occ_residues.auth_comp_id 
_pdbx_unobs_or_zero_occ_residues.auth_seq_id 
_pdbx_unobs_or_zero_occ_residues.PDB_ins_code 
_pdbx_unobs_or_zero_occ_residues.label_asym_id 
_pdbx_unobs_or_zero_occ_residues.label_comp_id 
_pdbx_unobs_or_zero_occ_residues.label_seq_id 
1  1 Y 1 A SER 194 ? A SER 24  
2  1 Y 1 A ARG 195 ? A ARG 25  
3  1 Y 1 A PHE 196 ? A PHE 26  
4  1 Y 1 A GLY 197 ? A GLY 27  
5  1 Y 1 A SER 198 ? A SER 28  
6  1 Y 1 A GLN 199 ? A GLN 29  
7  1 Y 1 A CYS 200 ? A CYS 30  
8  1 Y 1 A MET 201 ? A MET 31  
9  1 Y 1 A GLN 202 ? A GLN 32  
10 1 Y 1 A PRO 203 ? A PRO 33  
11 1 Y 1 A ASN 204 ? A ASN 34  
12 1 Y 1 A ASN 205 ? A ASN 35  
13 1 Y 1 A ILE 206 ? A ILE 36  
14 1 Y 1 A LEU 269 ? A LEU 99  
15 1 Y 1 A LEU 270 ? A LEU 100 
16 1 Y 1 A ALA 271 ? A ALA 101 
17 1 Y 1 A ALA 272 ? A ALA 102 
18 1 Y 1 A ALA 273 ? A ALA 103 
19 1 Y 1 A GLY 274 ? A GLY 104 
20 1 Y 1 A LEU 275 ? A LEU 105 
21 1 Y 1 A HIS 276 ? A HIS 106 
22 1 Y 1 A ALA 277 ? A ALA 107 
23 1 Y 1 A SER 278 ? A SER 108 
24 1 Y 1 A PRO 279 ? A PRO 109 
25 1 Y 1 A MET 280 ? A MET 110 
26 1 Y 1 A SER 281 ? A SER 111 
27 1 Y 1 A ALA 282 ? A ALA 112 
28 1 Y 1 A ASP 283 ? A ASP 113 
29 1 Y 1 A ARG 284 ? A ARG 114 
30 1 Y 1 A VAL 285 ? A VAL 115 
31 1 Y 1 A TRP 408 ? A TRP 238 
32 1 Y 1 A PRO 409 ? A PRO 239 
33 1 Y 1 A TYR 410 ? A TYR 240 
34 1 Y 1 A MET 411 ? A MET 241 
35 1 Y 1 A ALA 412 ? A ALA 242 
36 1 Y 1 A ILE 413 ? A ILE 243 
37 1 Y 1 A GLN 414 ? A GLN 244 
# 
loop_
_chem_comp_atom.comp_id 
_chem_comp_atom.atom_id 
_chem_comp_atom.type_symbol 
_chem_comp_atom.pdbx_aromatic_flag 
_chem_comp_atom.pdbx_stereo_config 
_chem_comp_atom.pdbx_ordinal 
ALA N    N N N 1   
ALA CA   C N S 2   
ALA C    C N N 3   
ALA O    O N N 4   
ALA CB   C N N 5   
ALA OXT  O N N 6   
ALA H    H N N 7   
ALA H2   H N N 8   
ALA HA   H N N 9   
ALA HB1  H N N 10  
ALA HB2  H N N 11  
ALA HB3  H N N 12  
ALA HXT  H N N 13  
ARG N    N N N 14  
ARG CA   C N S 15  
ARG C    C N N 16  
ARG O    O N N 17  
ARG CB   C N N 18  
ARG CG   C N N 19  
ARG CD   C N N 20  
ARG NE   N N N 21  
ARG CZ   C N N 22  
ARG NH1  N N N 23  
ARG NH2  N N N 24  
ARG OXT  O N N 25  
ARG H    H N N 26  
ARG H2   H N N 27  
ARG HA   H N N 28  
ARG HB2  H N N 29  
ARG HB3  H N N 30  
ARG HG2  H N N 31  
ARG HG3  H N N 32  
ARG HD2  H N N 33  
ARG HD3  H N N 34  
ARG HE   H N N 35  
ARG HH11 H N N 36  
ARG HH12 H N N 37  
ARG HH21 H N N 38  
ARG HH22 H N N 39  
ARG HXT  H N N 40  
ASN N    N N N 41  
ASN CA   C N S 42  
ASN C    C N N 43  
ASN O    O N N 44  
ASN CB   C N N 45  
ASN CG   C N N 46  
ASN OD1  O N N 47  
ASN ND2  N N N 48  
ASN OXT  O N N 49  
ASN H    H N N 50  
ASN H2   H N N 51  
ASN HA   H N N 52  
ASN HB2  H N N 53  
ASN HB3  H N N 54  
ASN HD21 H N N 55  
ASN HD22 H N N 56  
ASN HXT  H N N 57  
ASP N    N N N 58  
ASP CA   C N S 59  
ASP C    C N N 60  
ASP O    O N N 61  
ASP CB   C N N 62  
ASP CG   C N N 63  
ASP OD1  O N N 64  
ASP OD2  O N N 65  
ASP OXT  O N N 66  
ASP H    H N N 67  
ASP H2   H N N 68  
ASP HA   H N N 69  
ASP HB2  H N N 70  
ASP HB3  H N N 71  
ASP HD2  H N N 72  
ASP HXT  H N N 73  
CYS N    N N N 74  
CYS CA   C N R 75  
CYS C    C N N 76  
CYS O    O N N 77  
CYS CB   C N N 78  
CYS SG   S N N 79  
CYS OXT  O N N 80  
CYS H    H N N 81  
CYS H2   H N N 82  
CYS HA   H N N 83  
CYS HB2  H N N 84  
CYS HB3  H N N 85  
CYS HG   H N N 86  
CYS HXT  H N N 87  
GLN N    N N N 88  
GLN CA   C N S 89  
GLN C    C N N 90  
GLN O    O N N 91  
GLN CB   C N N 92  
GLN CG   C N N 93  
GLN CD   C N N 94  
GLN OE1  O N N 95  
GLN NE2  N N N 96  
GLN OXT  O N N 97  
GLN H    H N N 98  
GLN H2   H N N 99  
GLN HA   H N N 100 
GLN HB2  H N N 101 
GLN HB3  H N N 102 
GLN HG2  H N N 103 
GLN HG3  H N N 104 
GLN HE21 H N N 105 
GLN HE22 H N N 106 
GLN HXT  H N N 107 
GLU N    N N N 108 
GLU CA   C N S 109 
GLU C    C N N 110 
GLU O    O N N 111 
GLU CB   C N N 112 
GLU CG   C N N 113 
GLU CD   C N N 114 
GLU OE1  O N N 115 
GLU OE2  O N N 116 
GLU OXT  O N N 117 
GLU H    H N N 118 
GLU H2   H N N 119 
GLU HA   H N N 120 
GLU HB2  H N N 121 
GLU HB3  H N N 122 
GLU HG2  H N N 123 
GLU HG3  H N N 124 
GLU HE2  H N N 125 
GLU HXT  H N N 126 
GLY N    N N N 127 
GLY CA   C N N 128 
GLY C    C N N 129 
GLY O    O N N 130 
GLY OXT  O N N 131 
GLY H    H N N 132 
GLY H2   H N N 133 
GLY HA2  H N N 134 
GLY HA3  H N N 135 
GLY HXT  H N N 136 
HIS N    N N N 137 
HIS CA   C N S 138 
HIS C    C N N 139 
HIS O    O N N 140 
HIS CB   C N N 141 
HIS CG   C Y N 142 
HIS ND1  N Y N 143 
HIS CD2  C Y N 144 
HIS CE1  C Y N 145 
HIS NE2  N Y N 146 
HIS OXT  O N N 147 
HIS H    H N N 148 
HIS H2   H N N 149 
HIS HA   H N N 150 
HIS HB2  H N N 151 
HIS HB3  H N N 152 
HIS HD1  H N N 153 
HIS HD2  H N N 154 
HIS HE1  H N N 155 
HIS HE2  H N N 156 
HIS HXT  H N N 157 
ILE N    N N N 158 
ILE CA   C N S 159 
ILE C    C N N 160 
ILE O    O N N 161 
ILE CB   C N S 162 
ILE CG1  C N N 163 
ILE CG2  C N N 164 
ILE CD1  C N N 165 
ILE OXT  O N N 166 
ILE H    H N N 167 
ILE H2   H N N 168 
ILE HA   H N N 169 
ILE HB   H N N 170 
ILE HG12 H N N 171 
ILE HG13 H N N 172 
ILE HG21 H N N 173 
ILE HG22 H N N 174 
ILE HG23 H N N 175 
ILE HD11 H N N 176 
ILE HD12 H N N 177 
ILE HD13 H N N 178 
ILE HXT  H N N 179 
LEU N    N N N 180 
LEU CA   C N S 181 
LEU C    C N N 182 
LEU O    O N N 183 
LEU CB   C N N 184 
LEU CG   C N N 185 
LEU CD1  C N N 186 
LEU CD2  C N N 187 
LEU OXT  O N N 188 
LEU H    H N N 189 
LEU H2   H N N 190 
LEU HA   H N N 191 
LEU HB2  H N N 192 
LEU HB3  H N N 193 
LEU HG   H N N 194 
LEU HD11 H N N 195 
LEU HD12 H N N 196 
LEU HD13 H N N 197 
LEU HD21 H N N 198 
LEU HD22 H N N 199 
LEU HD23 H N N 200 
LEU HXT  H N N 201 
LYS N    N N N 202 
LYS CA   C N S 203 
LYS C    C N N 204 
LYS O    O N N 205 
LYS CB   C N N 206 
LYS CG   C N N 207 
LYS CD   C N N 208 
LYS CE   C N N 209 
LYS NZ   N N N 210 
LYS OXT  O N N 211 
LYS H    H N N 212 
LYS H2   H N N 213 
LYS HA   H N N 214 
LYS HB2  H N N 215 
LYS HB3  H N N 216 
LYS HG2  H N N 217 
LYS HG3  H N N 218 
LYS HD2  H N N 219 
LYS HD3  H N N 220 
LYS HE2  H N N 221 
LYS HE3  H N N 222 
LYS HZ1  H N N 223 
LYS HZ2  H N N 224 
LYS HZ3  H N N 225 
LYS HXT  H N N 226 
MET N    N N N 227 
MET CA   C N S 228 
MET C    C N N 229 
MET O    O N N 230 
MET CB   C N N 231 
MET CG   C N N 232 
MET SD   S N N 233 
MET CE   C N N 234 
MET OXT  O N N 235 
MET H    H N N 236 
MET H2   H N N 237 
MET HA   H N N 238 
MET HB2  H N N 239 
MET HB3  H N N 240 
MET HG2  H N N 241 
MET HG3  H N N 242 
MET HE1  H N N 243 
MET HE2  H N N 244 
MET HE3  H N N 245 
MET HXT  H N N 246 
PHE N    N N N 247 
PHE CA   C N S 248 
PHE C    C N N 249 
PHE O    O N N 250 
PHE CB   C N N 251 
PHE CG   C Y N 252 
PHE CD1  C Y N 253 
PHE CD2  C Y N 254 
PHE CE1  C Y N 255 
PHE CE2  C Y N 256 
PHE CZ   C Y N 257 
PHE OXT  O N N 258 
PHE H    H N N 259 
PHE H2   H N N 260 
PHE HA   H N N 261 
PHE HB2  H N N 262 
PHE HB3  H N N 263 
PHE HD1  H N N 264 
PHE HD2  H N N 265 
PHE HE1  H N N 266 
PHE HE2  H N N 267 
PHE HZ   H N N 268 
PHE HXT  H N N 269 
PRO N    N N N 270 
PRO CA   C N S 271 
PRO C    C N N 272 
PRO O    O N N 273 
PRO CB   C N N 274 
PRO CG   C N N 275 
PRO CD   C N N 276 
PRO OXT  O N N 277 
PRO H    H N N 278 
PRO HA   H N N 279 
PRO HB2  H N N 280 
PRO HB3  H N N 281 
PRO HG2  H N N 282 
PRO HG3  H N N 283 
PRO HD2  H N N 284 
PRO HD3  H N N 285 
PRO HXT  H N N 286 
SER N    N N N 287 
SER CA   C N S 288 
SER C    C N N 289 
SER O    O N N 290 
SER CB   C N N 291 
SER OG   O N N 292 
SER OXT  O N N 293 
SER H    H N N 294 
SER H2   H N N 295 
SER HA   H N N 296 
SER HB2  H N N 297 
SER HB3  H N N 298 
SER HG   H N N 299 
SER HXT  H N N 300 
THR N    N N N 301 
THR CA   C N S 302 
THR C    C N N 303 
THR O    O N N 304 
THR CB   C N R 305 
THR OG1  O N N 306 
THR CG2  C N N 307 
THR OXT  O N N 308 
THR H    H N N 309 
THR H2   H N N 310 
THR HA   H N N 311 
THR HB   H N N 312 
THR HG1  H N N 313 
THR HG21 H N N 314 
THR HG22 H N N 315 
THR HG23 H N N 316 
THR HXT  H N N 317 
TRP N    N N N 318 
TRP CA   C N S 319 
TRP C    C N N 320 
TRP O    O N N 321 
TRP CB   C N N 322 
TRP CG   C Y N 323 
TRP CD1  C Y N 324 
TRP CD2  C Y N 325 
TRP NE1  N Y N 326 
TRP CE2  C Y N 327 
TRP CE3  C Y N 328 
TRP CZ2  C Y N 329 
TRP CZ3  C Y N 330 
TRP CH2  C Y N 331 
TRP OXT  O N N 332 
TRP H    H N N 333 
TRP H2   H N N 334 
TRP HA   H N N 335 
TRP HB2  H N N 336 
TRP HB3  H N N 337 
TRP HD1  H N N 338 
TRP HE1  H N N 339 
TRP HE3  H N N 340 
TRP HZ2  H N N 341 
TRP HZ3  H N N 342 
TRP HH2  H N N 343 
TRP HXT  H N N 344 
TYR N    N N N 345 
TYR CA   C N S 346 
TYR C    C N N 347 
TYR O    O N N 348 
TYR CB   C N N 349 
TYR CG   C Y N 350 
TYR CD1  C Y N 351 
TYR CD2  C Y N 352 
TYR CE1  C Y N 353 
TYR CE2  C Y N 354 
TYR CZ   C Y N 355 
TYR OH   O N N 356 
TYR OXT  O N N 357 
TYR H    H N N 358 
TYR H2   H N N 359 
TYR HA   H N N 360 
TYR HB2  H N N 361 
TYR HB3  H N N 362 
TYR HD1  H N N 363 
TYR HD2  H N N 364 
TYR HE1  H N N 365 
TYR HE2  H N N 366 
TYR HH   H N N 367 
TYR HXT  H N N 368 
VAL N    N N N 369 
VAL CA   C N S 370 
VAL C    C N N 371 
VAL O    O N N 372 
VAL CB   C N N 373 
VAL CG1  C N N 374 
VAL CG2  C N N 375 
VAL OXT  O N N 376 
VAL H    H N N 377 
VAL H2   H N N 378 
VAL HA   H N N 379 
VAL HB   H N N 380 
VAL HG11 H N N 381 
VAL HG12 H N N 382 
VAL HG13 H N N 383 
VAL HG21 H N N 384 
VAL HG22 H N N 385 
VAL HG23 H N N 386 
VAL HXT  H N N 387 
# 
loop_
_chem_comp_bond.comp_id 
_chem_comp_bond.atom_id_1 
_chem_comp_bond.atom_id_2 
_chem_comp_bond.value_order 
_chem_comp_bond.pdbx_aromatic_flag 
_chem_comp_bond.pdbx_stereo_config 
_chem_comp_bond.pdbx_ordinal 
ALA N   CA   sing N N 1   
ALA N   H    sing N N 2   
ALA N   H2   sing N N 3   
ALA CA  C    sing N N 4   
ALA CA  CB   sing N N 5   
ALA CA  HA   sing N N 6   
ALA C   O    doub N N 7   
ALA C   OXT  sing N N 8   
ALA CB  HB1  sing N N 9   
ALA CB  HB2  sing N N 10  
ALA CB  HB3  sing N N 11  
ALA OXT HXT  sing N N 12  
ARG N   CA   sing N N 13  
ARG N   H    sing N N 14  
ARG N   H2   sing N N 15  
ARG CA  C    sing N N 16  
ARG CA  CB   sing N N 17  
ARG CA  HA   sing N N 18  
ARG C   O    doub N N 19  
ARG C   OXT  sing N N 20  
ARG CB  CG   sing N N 21  
ARG CB  HB2  sing N N 22  
ARG CB  HB3  sing N N 23  
ARG CG  CD   sing N N 24  
ARG CG  HG2  sing N N 25  
ARG CG  HG3  sing N N 26  
ARG CD  NE   sing N N 27  
ARG CD  HD2  sing N N 28  
ARG CD  HD3  sing N N 29  
ARG NE  CZ   sing N N 30  
ARG NE  HE   sing N N 31  
ARG CZ  NH1  sing N N 32  
ARG CZ  NH2  doub N N 33  
ARG NH1 HH11 sing N N 34  
ARG NH1 HH12 sing N N 35  
ARG NH2 HH21 sing N N 36  
ARG NH2 HH22 sing N N 37  
ARG OXT HXT  sing N N 38  
ASN N   CA   sing N N 39  
ASN N   H    sing N N 40  
ASN N   H2   sing N N 41  
ASN CA  C    sing N N 42  
ASN CA  CB   sing N N 43  
ASN CA  HA   sing N N 44  
ASN C   O    doub N N 45  
ASN C   OXT  sing N N 46  
ASN CB  CG   sing N N 47  
ASN CB  HB2  sing N N 48  
ASN CB  HB3  sing N N 49  
ASN CG  OD1  doub N N 50  
ASN CG  ND2  sing N N 51  
ASN ND2 HD21 sing N N 52  
ASN ND2 HD22 sing N N 53  
ASN OXT HXT  sing N N 54  
ASP N   CA   sing N N 55  
ASP N   H    sing N N 56  
ASP N   H2   sing N N 57  
ASP CA  C    sing N N 58  
ASP CA  CB   sing N N 59  
ASP CA  HA   sing N N 60  
ASP C   O    doub N N 61  
ASP C   OXT  sing N N 62  
ASP CB  CG   sing N N 63  
ASP CB  HB2  sing N N 64  
ASP CB  HB3  sing N N 65  
ASP CG  OD1  doub N N 66  
ASP CG  OD2  sing N N 67  
ASP OD2 HD2  sing N N 68  
ASP OXT HXT  sing N N 69  
CYS N   CA   sing N N 70  
CYS N   H    sing N N 71  
CYS N   H2   sing N N 72  
CYS CA  C    sing N N 73  
CYS CA  CB   sing N N 74  
CYS CA  HA   sing N N 75  
CYS C   O    doub N N 76  
CYS C   OXT  sing N N 77  
CYS CB  SG   sing N N 78  
CYS CB  HB2  sing N N 79  
CYS CB  HB3  sing N N 80  
CYS SG  HG   sing N N 81  
CYS OXT HXT  sing N N 82  
GLN N   CA   sing N N 83  
GLN N   H    sing N N 84  
GLN N   H2   sing N N 85  
GLN CA  C    sing N N 86  
GLN CA  CB   sing N N 87  
GLN CA  HA   sing N N 88  
GLN C   O    doub N N 89  
GLN C   OXT  sing N N 90  
GLN CB  CG   sing N N 91  
GLN CB  HB2  sing N N 92  
GLN CB  HB3  sing N N 93  
GLN CG  CD   sing N N 94  
GLN CG  HG2  sing N N 95  
GLN CG  HG3  sing N N 96  
GLN CD  OE1  doub N N 97  
GLN CD  NE2  sing N N 98  
GLN NE2 HE21 sing N N 99  
GLN NE2 HE22 sing N N 100 
GLN OXT HXT  sing N N 101 
GLU N   CA   sing N N 102 
GLU N   H    sing N N 103 
GLU N   H2   sing N N 104 
GLU CA  C    sing N N 105 
GLU CA  CB   sing N N 106 
GLU CA  HA   sing N N 107 
GLU C   O    doub N N 108 
GLU C   OXT  sing N N 109 
GLU CB  CG   sing N N 110 
GLU CB  HB2  sing N N 111 
GLU CB  HB3  sing N N 112 
GLU CG  CD   sing N N 113 
GLU CG  HG2  sing N N 114 
GLU CG  HG3  sing N N 115 
GLU CD  OE1  doub N N 116 
GLU CD  OE2  sing N N 117 
GLU OE2 HE2  sing N N 118 
GLU OXT HXT  sing N N 119 
GLY N   CA   sing N N 120 
GLY N   H    sing N N 121 
GLY N   H2   sing N N 122 
GLY CA  C    sing N N 123 
GLY CA  HA2  sing N N 124 
GLY CA  HA3  sing N N 125 
GLY C   O    doub N N 126 
GLY C   OXT  sing N N 127 
GLY OXT HXT  sing N N 128 
HIS N   CA   sing N N 129 
HIS N   H    sing N N 130 
HIS N   H2   sing N N 131 
HIS CA  C    sing N N 132 
HIS CA  CB   sing N N 133 
HIS CA  HA   sing N N 134 
HIS C   O    doub N N 135 
HIS C   OXT  sing N N 136 
HIS CB  CG   sing N N 137 
HIS CB  HB2  sing N N 138 
HIS CB  HB3  sing N N 139 
HIS CG  ND1  sing Y N 140 
HIS CG  CD2  doub Y N 141 
HIS ND1 CE1  doub Y N 142 
HIS ND1 HD1  sing N N 143 
HIS CD2 NE2  sing Y N 144 
HIS CD2 HD2  sing N N 145 
HIS CE1 NE2  sing Y N 146 
HIS CE1 HE1  sing N N 147 
HIS NE2 HE2  sing N N 148 
HIS OXT HXT  sing N N 149 
ILE N   CA   sing N N 150 
ILE N   H    sing N N 151 
ILE N   H2   sing N N 152 
ILE CA  C    sing N N 153 
ILE CA  CB   sing N N 154 
ILE CA  HA   sing N N 155 
ILE C   O    doub N N 156 
ILE C   OXT  sing N N 157 
ILE CB  CG1  sing N N 158 
ILE CB  CG2  sing N N 159 
ILE CB  HB   sing N N 160 
ILE CG1 CD1  sing N N 161 
ILE CG1 HG12 sing N N 162 
ILE CG1 HG13 sing N N 163 
ILE CG2 HG21 sing N N 164 
ILE CG2 HG22 sing N N 165 
ILE CG2 HG23 sing N N 166 
ILE CD1 HD11 sing N N 167 
ILE CD1 HD12 sing N N 168 
ILE CD1 HD13 sing N N 169 
ILE OXT HXT  sing N N 170 
LEU N   CA   sing N N 171 
LEU N   H    sing N N 172 
LEU N   H2   sing N N 173 
LEU CA  C    sing N N 174 
LEU CA  CB   sing N N 175 
LEU CA  HA   sing N N 176 
LEU C   O    doub N N 177 
LEU C   OXT  sing N N 178 
LEU CB  CG   sing N N 179 
LEU CB  HB2  sing N N 180 
LEU CB  HB3  sing N N 181 
LEU CG  CD1  sing N N 182 
LEU CG  CD2  sing N N 183 
LEU CG  HG   sing N N 184 
LEU CD1 HD11 sing N N 185 
LEU CD1 HD12 sing N N 186 
LEU CD1 HD13 sing N N 187 
LEU CD2 HD21 sing N N 188 
LEU CD2 HD22 sing N N 189 
LEU CD2 HD23 sing N N 190 
LEU OXT HXT  sing N N 191 
LYS N   CA   sing N N 192 
LYS N   H    sing N N 193 
LYS N   H2   sing N N 194 
LYS CA  C    sing N N 195 
LYS CA  CB   sing N N 196 
LYS CA  HA   sing N N 197 
LYS C   O    doub N N 198 
LYS C   OXT  sing N N 199 
LYS CB  CG   sing N N 200 
LYS CB  HB2  sing N N 201 
LYS CB  HB3  sing N N 202 
LYS CG  CD   sing N N 203 
LYS CG  HG2  sing N N 204 
LYS CG  HG3  sing N N 205 
LYS CD  CE   sing N N 206 
LYS CD  HD2  sing N N 207 
LYS CD  HD3  sing N N 208 
LYS CE  NZ   sing N N 209 
LYS CE  HE2  sing N N 210 
LYS CE  HE3  sing N N 211 
LYS NZ  HZ1  sing N N 212 
LYS NZ  HZ2  sing N N 213 
LYS NZ  HZ3  sing N N 214 
LYS OXT HXT  sing N N 215 
MET N   CA   sing N N 216 
MET N   H    sing N N 217 
MET N   H2   sing N N 218 
MET CA  C    sing N N 219 
MET CA  CB   sing N N 220 
MET CA  HA   sing N N 221 
MET C   O    doub N N 222 
MET C   OXT  sing N N 223 
MET CB  CG   sing N N 224 
MET CB  HB2  sing N N 225 
MET CB  HB3  sing N N 226 
MET CG  SD   sing N N 227 
MET CG  HG2  sing N N 228 
MET CG  HG3  sing N N 229 
MET SD  CE   sing N N 230 
MET CE  HE1  sing N N 231 
MET CE  HE2  sing N N 232 
MET CE  HE3  sing N N 233 
MET OXT HXT  sing N N 234 
PHE N   CA   sing N N 235 
PHE N   H    sing N N 236 
PHE N   H2   sing N N 237 
PHE CA  C    sing N N 238 
PHE CA  CB   sing N N 239 
PHE CA  HA   sing N N 240 
PHE C   O    doub N N 241 
PHE C   OXT  sing N N 242 
PHE CB  CG   sing N N 243 
PHE CB  HB2  sing N N 244 
PHE CB  HB3  sing N N 245 
PHE CG  CD1  doub Y N 246 
PHE CG  CD2  sing Y N 247 
PHE CD1 CE1  sing Y N 248 
PHE CD1 HD1  sing N N 249 
PHE CD2 CE2  doub Y N 250 
PHE CD2 HD2  sing N N 251 
PHE CE1 CZ   doub Y N 252 
PHE CE1 HE1  sing N N 253 
PHE CE2 CZ   sing Y N 254 
PHE CE2 HE2  sing N N 255 
PHE CZ  HZ   sing N N 256 
PHE OXT HXT  sing N N 257 
PRO N   CA   sing N N 258 
PRO N   CD   sing N N 259 
PRO N   H    sing N N 260 
PRO CA  C    sing N N 261 
PRO CA  CB   sing N N 262 
PRO CA  HA   sing N N 263 
PRO C   O    doub N N 264 
PRO C   OXT  sing N N 265 
PRO CB  CG   sing N N 266 
PRO CB  HB2  sing N N 267 
PRO CB  HB3  sing N N 268 
PRO CG  CD   sing N N 269 
PRO CG  HG2  sing N N 270 
PRO CG  HG3  sing N N 271 
PRO CD  HD2  sing N N 272 
PRO CD  HD3  sing N N 273 
PRO OXT HXT  sing N N 274 
SER N   CA   sing N N 275 
SER N   H    sing N N 276 
SER N   H2   sing N N 277 
SER CA  C    sing N N 278 
SER CA  CB   sing N N 279 
SER CA  HA   sing N N 280 
SER C   O    doub N N 281 
SER C   OXT  sing N N 282 
SER CB  OG   sing N N 283 
SER CB  HB2  sing N N 284 
SER CB  HB3  sing N N 285 
SER OG  HG   sing N N 286 
SER OXT HXT  sing N N 287 
THR N   CA   sing N N 288 
THR N   H    sing N N 289 
THR N   H2   sing N N 290 
THR CA  C    sing N N 291 
THR CA  CB   sing N N 292 
THR CA  HA   sing N N 293 
THR C   O    doub N N 294 
THR C   OXT  sing N N 295 
THR CB  OG1  sing N N 296 
THR CB  CG2  sing N N 297 
THR CB  HB   sing N N 298 
THR OG1 HG1  sing N N 299 
THR CG2 HG21 sing N N 300 
THR CG2 HG22 sing N N 301 
THR CG2 HG23 sing N N 302 
THR OXT HXT  sing N N 303 
TRP N   CA   sing N N 304 
TRP N   H    sing N N 305 
TRP N   H2   sing N N 306 
TRP CA  C    sing N N 307 
TRP CA  CB   sing N N 308 
TRP CA  HA   sing N N 309 
TRP C   O    doub N N 310 
TRP C   OXT  sing N N 311 
TRP CB  CG   sing N N 312 
TRP CB  HB2  sing N N 313 
TRP CB  HB3  sing N N 314 
TRP CG  CD1  doub Y N 315 
TRP CG  CD2  sing Y N 316 
TRP CD1 NE1  sing Y N 317 
TRP CD1 HD1  sing N N 318 
TRP CD2 CE2  doub Y N 319 
TRP CD2 CE3  sing Y N 320 
TRP NE1 CE2  sing Y N 321 
TRP NE1 HE1  sing N N 322 
TRP CE2 CZ2  sing Y N 323 
TRP CE3 CZ3  doub Y N 324 
TRP CE3 HE3  sing N N 325 
TRP CZ2 CH2  doub Y N 326 
TRP CZ2 HZ2  sing N N 327 
TRP CZ3 CH2  sing Y N 328 
TRP CZ3 HZ3  sing N N 329 
TRP CH2 HH2  sing N N 330 
TRP OXT HXT  sing N N 331 
TYR N   CA   sing N N 332 
TYR N   H    sing N N 333 
TYR N   H2   sing N N 334 
TYR CA  C    sing N N 335 
TYR CA  CB   sing N N 336 
TYR CA  HA   sing N N 337 
TYR C   O    doub N N 338 
TYR C   OXT  sing N N 339 
TYR CB  CG   sing N N 340 
TYR CB  HB2  sing N N 341 
TYR CB  HB3  sing N N 342 
TYR CG  CD1  doub Y N 343 
TYR CG  CD2  sing Y N 344 
TYR CD1 CE1  sing Y N 345 
TYR CD1 HD1  sing N N 346 
TYR CD2 CE2  doub Y N 347 
TYR CD2 HD2  sing N N 348 
TYR CE1 CZ   doub Y N 349 
TYR CE1 HE1  sing N N 350 
TYR CE2 CZ   sing Y N 351 
TYR CE2 HE2  sing N N 352 
TYR CZ  OH   sing N N 353 
TYR OH  HH   sing N N 354 
TYR OXT HXT  sing N N 355 
VAL N   CA   sing N N 356 
VAL N   H    sing N N 357 
VAL N   H2   sing N N 358 
VAL CA  C    sing N N 359 
VAL CA  CB   sing N N 360 
VAL CA  HA   sing N N 361 
VAL C   O    doub N N 362 
VAL C   OXT  sing N N 363 
VAL CB  CG1  sing N N 364 
VAL CB  CG2  sing N N 365 
VAL CB  HB   sing N N 366 
VAL CG1 HG11 sing N N 367 
VAL CG1 HG12 sing N N 368 
VAL CG1 HG13 sing N N 369 
VAL CG2 HG21 sing N N 370 
VAL CG2 HG22 sing N N 371 
VAL CG2 HG23 sing N N 372 
VAL OXT HXT  sing N N 373 
# 
_atom_sites.entry_id                    3CJW 
_atom_sites.fract_transf_matrix[1][1]   0.00399620 
_atom_sites.fract_transf_matrix[1][2]   0.00912236 
_atom_sites.fract_transf_matrix[1][3]   -0.00301502 
_atom_sites.fract_transf_matrix[2][1]   -0.01932959 
_atom_sites.fract_transf_matrix[2][2]   0.00772514 
_atom_sites.fract_transf_matrix[2][3]   -0.00224654 
_atom_sites.fract_transf_matrix[3][1]   0.00200739 
_atom_sites.fract_transf_matrix[3][2]   0.01106063 
_atom_sites.fract_transf_matrix[3][3]   0.02076210 
_atom_sites.fract_transf_vector[1]      0.366196 
_atom_sites.fract_transf_vector[2]      0.023311 
_atom_sites.fract_transf_vector[3]      0.325213 
# 
loop_
_atom_type.symbol 
C 
N 
O 
S 
# 
loop_
_atom_site.group_PDB 
_atom_site.id 
_atom_site.type_symbol 
_atom_site.label_atom_id 
_atom_site.label_alt_id 
_atom_site.label_comp_id 
_atom_site.label_asym_id 
_atom_site.label_entity_id 
_atom_site.label_seq_id 
_atom_site.pdbx_PDB_ins_code 
_atom_site.Cartn_x 
_atom_site.Cartn_y 
_atom_site.Cartn_z 
_atom_site.occupancy 
_atom_site.B_iso_or_equiv 
_atom_site.pdbx_formal_charge 
_atom_site.auth_seq_id 
_atom_site.auth_comp_id 
_atom_site.auth_asym_id 
_atom_site.auth_atom_id 
_atom_site.pdbx_PDB_model_num 
ATOM 1    N N   . GLY A 1 1   ? 16.144  -6.387  15.295  1.00 73.29 ? 171 GLY A N   1 
ATOM 2    C CA  . GLY A 1 1   ? 16.286  -7.595  16.206  1.00 73.22 ? 171 GLY A CA  1 
ATOM 3    C C   . GLY A 1 1   ? 17.679  -7.752  16.777  1.00 72.65 ? 171 GLY A C   1 
ATOM 4    O O   . GLY A 1 1   ? 18.495  -6.858  16.650  1.00 73.93 ? 171 GLY A O   1 
ATOM 5    N N   . SER A 1 2   ? 17.965  -8.876  17.424  1.00 72.70 ? 172 SER A N   1 
ATOM 6    C CA  . SER A 1 2   ? 19.259  -9.079  18.120  1.00 71.66 ? 172 SER A CA  1 
ATOM 7    C C   . SER A 1 2   ? 20.332  -9.822  17.321  1.00 71.77 ? 172 SER A C   1 
ATOM 8    O O   . SER A 1 2   ? 21.387  -10.153 17.850  1.00 72.93 ? 172 SER A O   1 
ATOM 9    C CB  . SER A 1 2   ? 19.075  -9.686  19.537  1.00 71.52 ? 172 SER A CB  1 
ATOM 10   O OG  . SER A 1 2   ? 19.026  -8.707  20.552  1.00 66.49 ? 172 SER A OG  1 
ATOM 11   N N   . ASN A 1 3   ? 20.080  -10.086 16.054  1.00 71.20 ? 173 ASN A N   1 
ATOM 12   C CA  . ASN A 1 3   ? 20.997  -9.485  15.065  1.00 70.22 ? 173 ASN A CA  1 
ATOM 13   C C   . ASN A 1 3   ? 20.201  -8.620  14.109  1.00 67.82 ? 173 ASN A C   1 
ATOM 14   O O   . ASN A 1 3   ? 19.696  -9.048  13.083  1.00 67.12 ? 173 ASN A O   1 
ATOM 15   C CB  . ASN A 1 3   ? 22.072  -10.364 14.376  1.00 71.13 ? 173 ASN A CB  1 
ATOM 16   C CG  . ASN A 1 3   ? 23.430  -9.538  14.126  1.00 73.52 ? 173 ASN A CG  1 
ATOM 17   O OD1 . ASN A 1 3   ? 23.946  -9.471  12.992  1.00 77.14 ? 173 ASN A OD1 1 
ATOM 18   N ND2 . ASN A 1 3   ? 23.941  -8.869  15.190  1.00 72.53 ? 173 ASN A ND2 1 
ATOM 19   N N   . SER A 1 4   ? 20.072  -7.386  14.567  1.00 64.99 ? 174 SER A N   1 
ATOM 20   C CA  . SER A 1 4   ? 19.455  -6.310  13.855  1.00 62.55 ? 174 SER A CA  1 
ATOM 21   C C   . SER A 1 4   ? 19.411  -6.559  12.368  1.00 58.83 ? 174 SER A C   1 
ATOM 22   O O   . SER A 1 4   ? 18.361  -6.572  11.813  1.00 57.58 ? 174 SER A O   1 
ATOM 23   C CB  . SER A 1 4   ? 20.220  -4.982  14.159  1.00 63.67 ? 174 SER A CB  1 
ATOM 24   O OG  . SER A 1 4   ? 20.519  -4.824  15.544  1.00 65.92 ? 174 SER A OG  1 
ATOM 25   N N   . HIS A 1 5   ? 20.546  -6.774  11.721  1.00 54.03 ? 175 HIS A N   1 
ATOM 26   C CA  . HIS A 1 5   ? 20.569  -6.772  10.283  1.00 51.47 ? 175 HIS A CA  1 
ATOM 27   C C   . HIS A 1 5   ? 19.755  -7.970  9.764   1.00 46.90 ? 175 HIS A C   1 
ATOM 28   O O   . HIS A 1 5   ? 18.789  -7.849  8.928   1.00 44.59 ? 175 HIS A O   1 
ATOM 29   C CB  . HIS A 1 5   ? 22.030  -6.631  9.721   1.00 53.54 ? 175 HIS A CB  1 
ATOM 30   C CG  . HIS A 1 5   ? 22.680  -5.289  10.019  1.00 57.19 ? 175 HIS A CG  1 
ATOM 31   N ND1 . HIS A 1 5   ? 24.054  -5.104  10.065  1.00 58.90 ? 175 HIS A ND1 1 
ATOM 32   C CD2 . HIS A 1 5   ? 22.139  -4.079  10.310  1.00 59.47 ? 175 HIS A CD2 1 
ATOM 33   C CE1 . HIS A 1 5   ? 24.334  -3.848  10.369  1.00 58.41 ? 175 HIS A CE1 1 
ATOM 34   N NE2 . HIS A 1 5   ? 23.190  -3.206  10.536  1.00 61.34 ? 175 HIS A NE2 1 
ATOM 35   N N   . SER A 1 6   ? 19.984  -9.132  10.370  1.00 42.22 ? 176 SER A N   1 
ATOM 36   C CA  . SER A 1 6   ? 19.223  -10.293 9.959   1.00 39.08 ? 176 SER A CA  1 
ATOM 37   C C   . SER A 1 6   ? 17.729  -10.219 10.345  1.00 35.19 ? 176 SER A C   1 
ATOM 38   O O   . SER A 1 6   ? 16.853  -10.742 9.550   1.00 33.05 ? 176 SER A O   1 
ATOM 39   C CB  . SER A 1 6   ? 19.877  -11.646 10.388  1.00 39.51 ? 176 SER A CB  1 
ATOM 40   O OG  . SER A 1 6   ? 19.523  -12.097 11.713  1.00 47.69 ? 176 SER A OG  1 
ATOM 41   N N   . TYR A 1 7   ? 17.409  -9.620  11.516  1.00 32.24 ? 177 TYR A N   1 
ATOM 42   C CA  . TYR A 1 7   ? 15.980  -9.469  11.886  1.00 27.40 ? 177 TYR A CA  1 
ATOM 43   C C   . TYR A 1 7   ? 15.290  -8.409  11.059  1.00 25.26 ? 177 TYR A C   1 
ATOM 44   O O   . TYR A 1 7   ? 14.094  -8.562  10.772  1.00 25.80 ? 177 TYR A O   1 
ATOM 45   C CB  . TYR A 1 7   ? 15.659  -9.382  13.310  1.00 27.60 ? 177 TYR A CB  1 
ATOM 46   C CG  . TYR A 1 7   ? 15.865  -10.741 13.970  1.00 24.27 ? 177 TYR A CG  1 
ATOM 47   C CD1 . TYR A 1 7   ? 14.930  -11.691 13.811  1.00 25.36 ? 177 TYR A CD1 1 
ATOM 48   C CD2 . TYR A 1 7   ? 16.994  -11.084 14.625  1.00 25.39 ? 177 TYR A CD2 1 
ATOM 49   C CE1 . TYR A 1 7   ? 15.087  -12.998 14.380  1.00 25.41 ? 177 TYR A CE1 1 
ATOM 50   C CE2 . TYR A 1 7   ? 17.203  -12.318 15.166  1.00 22.47 ? 177 TYR A CE2 1 
ATOM 51   C CZ  . TYR A 1 7   ? 16.246  -13.307 15.001  1.00 25.69 ? 177 TYR A CZ  1 
ATOM 52   O OH  . TYR A 1 7   ? 16.545  -14.571 15.493  1.00 24.42 ? 177 TYR A OH  1 
ATOM 53   N N   . LEU A 1 8   ? 15.987  -7.401  10.558  1.00 24.83 ? 178 LEU A N   1 
ATOM 54   C CA  . LEU A 1 8   ? 15.287  -6.431  9.611   1.00 25.04 ? 178 LEU A CA  1 
ATOM 55   C C   . LEU A 1 8   ? 14.963  -7.164  8.268   1.00 23.75 ? 178 LEU A C   1 
ATOM 56   O O   . LEU A 1 8   ? 13.896  -7.022  7.665   1.00 25.50 ? 178 LEU A O   1 
ATOM 57   C CB  . LEU A 1 8   ? 16.073  -5.107  9.325   1.00 24.73 ? 178 LEU A CB  1 
ATOM 58   C CG  . LEU A 1 8   ? 16.169  -4.165  10.486  1.00 26.82 ? 178 LEU A CG  1 
ATOM 59   C CD1 . LEU A 1 8   ? 17.155  -3.083  10.160  1.00 32.00 ? 178 LEU A CD1 1 
ATOM 60   C CD2 . LEU A 1 8   ? 14.810  -3.723  10.862  1.00 32.10 ? 178 LEU A CD2 1 
ATOM 61   N N   . SER A 1 9   ? 15.866  -8.029  7.831   1.00 26.52 ? 179 SER A N   1 
ATOM 62   C CA  . SER A 1 9   ? 15.659  -8.876  6.761   1.00 26.06 ? 179 SER A CA  1 
ATOM 63   C C   . SER A 1 9   ? 14.441  -9.831  6.977   1.00 26.66 ? 179 SER A C   1 
ATOM 64   O O   . SER A 1 9   ? 13.595  -9.984  6.104   1.00 25.15 ? 179 SER A O   1 
ATOM 65   C CB  . SER A 1 9   ? 16.929  -9.670  6.515   1.00 29.93 ? 179 SER A CB  1 
ATOM 66   O OG  . SER A 1 9   ? 16.661  -10.487 5.432   1.00 38.43 ? 179 SER A OG  1 
ATOM 67   N N   . GLY A 1 10  ? 14.351  -10.492 8.148   1.00 24.99 ? 180 GLY A N   1 
ATOM 68   C CA  . GLY A 1 10  ? 13.236  -11.374 8.486   1.00 23.11 ? 180 GLY A CA  1 
ATOM 69   C C   . GLY A 1 10  ? 11.951  -10.590 8.432   1.00 22.47 ? 180 GLY A C   1 
ATOM 70   O O   . GLY A 1 10  ? 10.910  -11.085 7.960   1.00 22.42 ? 180 GLY A O   1 
ATOM 71   N N   . TYR A 1 11  ? 11.973  -9.357  8.935   1.00 22.15 ? 181 TYR A N   1 
ATOM 72   C CA  . TYR A 1 11  ? 10.775  -8.479  8.779   1.00 20.55 ? 181 TYR A CA  1 
ATOM 73   C C   . TYR A 1 11  ? 10.282  -8.353  7.338   1.00 20.34 ? 181 TYR A C   1 
ATOM 74   O O   . TYR A 1 11  ? 9.078   -8.463  7.099   1.00 20.07 ? 181 TYR A O   1 
ATOM 75   C CB  . TYR A 1 11  ? 11.058  -7.111  9.482   1.00 20.44 ? 181 TYR A CB  1 
ATOM 76   C CG  . TYR A 1 11  ? 9.942   -6.046  9.441   1.00 18.48 ? 181 TYR A CG  1 
ATOM 77   C CD1 . TYR A 1 11  ? 8.655   -6.303  9.800   1.00 21.13 ? 181 TYR A CD1 1 
ATOM 78   C CD2 . TYR A 1 11  ? 10.201  -4.828  8.956   1.00 23.07 ? 181 TYR A CD2 1 
ATOM 79   C CE1 . TYR A 1 11  ? 7.703   -5.350  9.821   1.00 22.47 ? 181 TYR A CE1 1 
ATOM 80   C CE2 . TYR A 1 11  ? 9.265   -3.841  8.881   1.00 23.54 ? 181 TYR A CE2 1 
ATOM 81   C CZ  . TYR A 1 11  ? 8.005   -4.105  9.299   1.00 21.56 ? 181 TYR A CZ  1 
ATOM 82   O OH  . TYR A 1 11  ? 7.029   -3.153  9.214   1.00 21.32 ? 181 TYR A OH  1 
ATOM 83   N N   . ILE A 1 12  ? 11.170  -7.995  6.435   1.00 21.24 ? 182 ILE A N   1 
ATOM 84   C CA  . ILE A 1 12  ? 10.816  -7.772  5.054   1.00 20.02 ? 182 ILE A CA  1 
ATOM 85   C C   . ILE A 1 12  ? 10.254  -9.108  4.582   1.00 20.54 ? 182 ILE A C   1 
ATOM 86   O O   . ILE A 1 12  ? 9.202   -9.113  3.912   1.00 21.47 ? 182 ILE A O   1 
ATOM 87   C CB  . ILE A 1 12  ? 12.016  -7.323  4.157   1.00 21.13 ? 182 ILE A CB  1 
ATOM 88   C CG1 . ILE A 1 12  ? 12.589  -5.971  4.675   1.00 22.33 ? 182 ILE A CG1 1 
ATOM 89   C CG2 . ILE A 1 12  ? 11.562  -7.392  2.708   1.00 26.02 ? 182 ILE A CG2 1 
ATOM 90   C CD1 . ILE A 1 12  ? 13.703  -5.514  3.810   1.00 26.00 ? 182 ILE A CD1 1 
ATOM 91   N N   . SER A 1 13  ? 10.915  -10.237 4.928   1.00 23.04 ? 183 SER A N   1 
ATOM 92   C CA  . SER A 1 13  ? 10.352  -11.540 4.441   1.00 24.02 ? 183 SER A CA  1 
ATOM 93   C C   . SER A 1 13  ? 8.866   -11.775 4.907   1.00 22.78 ? 183 SER A C   1 
ATOM 94   O O   . SER A 1 13  ? 8.046   -12.319 4.107   1.00 22.29 ? 183 SER A O   1 
ATOM 95   C CB  . SER A 1 13  ? 11.169  -12.730 4.937   1.00 25.45 ? 183 SER A CB  1 
ATOM 96   O OG  . SER A 1 13  ? 12.429  -12.707 4.312   1.00 29.02 ? 183 SER A OG  1 
ATOM 97   N N   . LEU A 1 14  ? 8.568   -11.335 6.131   1.00 23.50 ? 184 LEU A N   1 
ATOM 98   C CA  . LEU A 1 14  ? 7.217   -11.415 6.684   1.00 22.08 ? 184 LEU A CA  1 
ATOM 99   C C   . LEU A 1 14  ? 6.240   -10.447 6.048   1.00 22.90 ? 184 LEU A C   1 
ATOM 100  O O   . LEU A 1 14  ? 5.039   -10.777 5.813   1.00 25.14 ? 184 LEU A O   1 
ATOM 101  C CB  . LEU A 1 14  ? 7.263   -11.407 8.174   1.00 22.03 ? 184 LEU A CB  1 
ATOM 102  C CG  . LEU A 1 14  ? 8.046   -12.567 8.788   1.00 21.50 ? 184 LEU A CG  1 
ATOM 103  C CD1 . LEU A 1 14  ? 8.019   -12.413 10.238  1.00 25.54 ? 184 LEU A CD1 1 
ATOM 104  C CD2 . LEU A 1 14  ? 7.437   -13.965 8.303   1.00 26.18 ? 184 LEU A CD2 1 
ATOM 105  N N   . LEU A 1 15  ? 6.721   -9.264  5.688   1.00 21.09 ? 185 LEU A N   1 
ATOM 106  C CA  . LEU A 1 15  ? 5.895   -8.322  4.942   1.00 22.85 ? 185 LEU A CA  1 
ATOM 107  C C   . LEU A 1 15  ? 5.513   -8.929  3.571   1.00 22.31 ? 185 LEU A C   1 
ATOM 108  O O   . LEU A 1 15  ? 4.432   -8.745  3.005   1.00 23.42 ? 185 LEU A O   1 
ATOM 109  C CB  . LEU A 1 15  ? 6.680   -7.038  4.647   1.00 21.54 ? 185 LEU A CB  1 
ATOM 110  C CG  . LEU A 1 15  ? 6.932   -6.180  5.875   1.00 21.93 ? 185 LEU A CG  1 
ATOM 111  C CD1 . LEU A 1 15  ? 7.680   -4.816  5.507   1.00 23.11 ? 185 LEU A CD1 1 
ATOM 112  C CD2 . LEU A 1 15  ? 5.591   -5.854  6.590   1.00 21.72 ? 185 LEU A CD2 1 
ATOM 113  N N   . LEU A 1 16  ? 6.472   -9.633  2.984   1.00 21.67 ? 186 LEU A N   1 
ATOM 114  C CA  . LEU A 1 16  ? 6.281   -10.318 1.719   1.00 22.50 ? 186 LEU A CA  1 
ATOM 115  C C   . LEU A 1 16  ? 5.297   -11.479 1.841   1.00 25.20 ? 186 LEU A C   1 
ATOM 116  O O   . LEU A 1 16  ? 4.424   -11.687 0.950   1.00 25.90 ? 186 LEU A O   1 
ATOM 117  C CB  . LEU A 1 16  ? 7.636   -10.817 1.123   1.00 26.10 ? 186 LEU A CB  1 
ATOM 118  C CG  . LEU A 1 16  ? 8.482   -9.774  0.545   1.00 27.04 ? 186 LEU A CG  1 
ATOM 119  C CD1 . LEU A 1 16  ? 9.847   -10.240 0.242   1.00 28.69 ? 186 LEU A CD1 1 
ATOM 120  C CD2 . LEU A 1 16  ? 7.821   -9.217  -0.734  1.00 26.69 ? 186 LEU A CD2 1 
ATOM 121  N N   . ARG A 1 17  ? 5.511   -12.285 2.800   1.00 23.29 ? 187 ARG A N   1 
ATOM 122  C CA  . ARG A 1 17  ? 4.664   -13.491 3.055   1.00 25.24 ? 187 ARG A CA  1 
ATOM 123  C C   . ARG A 1 17  ? 3.182   -13.106 3.305   1.00 25.16 ? 187 ARG A C   1 
ATOM 124  O O   . ARG A 1 17  ? 2.249   -13.944 3.104   1.00 26.30 ? 187 ARG A O   1 
ATOM 125  C CB  . ARG A 1 17  ? 5.197   -14.308 4.297   1.00 26.38 ? 187 ARG A CB  1 
ATOM 126  C CG  . ARG A 1 17  ? 4.289   -15.456 4.785   1.00 32.34 ? 187 ARG A CG  1 
ATOM 127  C CD  . ARG A 1 17  ? 4.992   -16.687 5.447   1.00 39.32 ? 187 ARG A CD  1 
ATOM 128  N NE  . ARG A 1 17  ? 4.623   -16.767 6.884   1.00 49.09 ? 187 ARG A NE  1 
ATOM 129  C CZ  . ARG A 1 17  ? 4.000   -17.797 7.454   1.00 52.40 ? 187 ARG A CZ  1 
ATOM 130  N NH1 . ARG A 1 17  ? 3.624   -18.879 6.768   1.00 57.17 ? 187 ARG A NH1 1 
ATOM 131  N NH2 . ARG A 1 17  ? 3.797   -17.780 8.753   1.00 50.93 ? 187 ARG A NH2 1 
ATOM 132  N N   . ALA A 1 18  ? 2.957   -11.864 3.778   1.00 23.07 ? 188 ALA A N   1 
ATOM 133  C CA  . ALA A 1 18  ? 1.626   -11.403 4.068   1.00 22.42 ? 188 ALA A CA  1 
ATOM 134  C C   . ALA A 1 18  ? 0.831   -11.127 2.772   1.00 21.63 ? 188 ALA A C   1 
ATOM 135  O O   . ALA A 1 18  ? -0.422  -10.916 2.851   1.00 23.71 ? 188 ALA A O   1 
ATOM 136  C CB  . ALA A 1 18  ? 1.702   -10.127 4.946   1.00 24.24 ? 188 ALA A CB  1 
ATOM 137  N N   . GLU A 1 19  ? 1.502   -11.024 1.596   1.00 24.50 ? 189 GLU A N   1 
ATOM 138  C CA  . GLU A 1 19  ? 0.865   -10.618 0.395   1.00 27.31 ? 189 GLU A CA  1 
ATOM 139  C C   . GLU A 1 19  ? -0.022  -11.768 -0.057  1.00 29.16 ? 189 GLU A C   1 
ATOM 140  O O   . GLU A 1 19  ? 0.406   -12.921 -0.126  1.00 31.50 ? 189 GLU A O   1 
ATOM 141  C CB  . GLU A 1 19  ? 1.933   -10.235 -0.693  1.00 26.44 ? 189 GLU A CB  1 
ATOM 142  C CG  . GLU A 1 19  ? 2.732   -8.949  -0.394  1.00 28.57 ? 189 GLU A CG  1 
ATOM 143  C CD  . GLU A 1 19  ? 2.023   -7.681  -0.729  1.00 29.30 ? 189 GLU A CD  1 
ATOM 144  O OE1 . GLU A 1 19  ? 0.851   -7.695  -0.949  1.00 35.36 ? 189 GLU A OE1 1 
ATOM 145  O OE2 . GLU A 1 19  ? 2.670   -6.648  -0.592  1.00 35.84 ? 189 GLU A OE2 1 
ATOM 146  N N   . PRO A 1 20  ? -1.294  -11.514 -0.316  1.00 31.06 ? 190 PRO A N   1 
ATOM 147  C CA  . PRO A 1 20  ? -2.140  -12.601 -0.868  1.00 35.85 ? 190 PRO A CA  1 
ATOM 148  C C   . PRO A 1 20  ? -1.700  -13.086 -2.252  1.00 41.31 ? 190 PRO A C   1 
ATOM 149  O O   . PRO A 1 20  ? -1.792  -14.359 -2.569  1.00 43.21 ? 190 PRO A O   1 
ATOM 150  C CB  . PRO A 1 20  ? -3.548  -11.981 -0.838  1.00 37.50 ? 190 PRO A CB  1 
ATOM 151  C CG  . PRO A 1 20  ? -3.378  -10.515 -0.758  1.00 33.79 ? 190 PRO A CG  1 
ATOM 152  C CD  . PRO A 1 20  ? -2.068  -10.286 -0.139  1.00 31.54 ? 190 PRO A CD  1 
ATOM 153  N N   . TYR A 1 21  ? -1.219  -12.260 -3.139  1.00 46.75 ? 191 TYR A N   1 
ATOM 154  C CA  . TYR A 1 21  ? -1.008  -13.094 -4.386  1.00 53.08 ? 191 TYR A CA  1 
ATOM 155  C C   . TYR A 1 21  ? 0.376   -13.620 -4.634  1.00 56.00 ? 191 TYR A C   1 
ATOM 156  O O   . TYR A 1 21  ? 0.902   -14.394 -3.801  1.00 58.13 ? 191 TYR A O   1 
ATOM 157  C CB  . TYR A 1 21  ? -1.746  -12.591 -5.599  1.00 54.65 ? 191 TYR A CB  1 
ATOM 158  C CG  . TYR A 1 21  ? -3.151  -12.441 -5.186  1.00 56.67 ? 191 TYR A CG  1 
ATOM 159  C CD1 . TYR A 1 21  ? -3.926  -13.541 -4.857  1.00 57.81 ? 191 TYR A CD1 1 
ATOM 160  C CD2 . TYR A 1 21  ? -3.685  -11.212 -5.075  1.00 54.04 ? 191 TYR A CD2 1 
ATOM 161  C CE1 . TYR A 1 21  ? -5.202  -13.368 -4.430  1.00 59.66 ? 191 TYR A CE1 1 
ATOM 162  C CE2 . TYR A 1 21  ? -4.929  -11.033 -4.631  1.00 55.74 ? 191 TYR A CE2 1 
ATOM 163  C CZ  . TYR A 1 21  ? -5.674  -12.091 -4.305  1.00 57.47 ? 191 TYR A CZ  1 
ATOM 164  O OH  . TYR A 1 21  ? -6.916  -11.800 -3.873  1.00 60.33 ? 191 TYR A OH  1 
ATOM 165  N N   . PRO A 1 22  ? 0.923   -13.360 -5.800  1.00 57.97 ? 192 PRO A N   1 
ATOM 166  C CA  . PRO A 1 22  ? 2.334   -13.426 -5.628  1.00 59.88 ? 192 PRO A CA  1 
ATOM 167  C C   . PRO A 1 22  ? 2.636   -12.210 -4.793  1.00 60.89 ? 192 PRO A C   1 
ATOM 168  O O   . PRO A 1 22  ? 2.998   -12.368 -3.635  1.00 62.02 ? 192 PRO A O   1 
ATOM 169  C CB  . PRO A 1 22  ? 2.870   -13.378 -7.061  1.00 59.89 ? 192 PRO A CB  1 
ATOM 170  C CG  . PRO A 1 22  ? 1.708   -13.755 -7.915  1.00 60.40 ? 192 PRO A CG  1 
ATOM 171  C CD  . PRO A 1 22  ? 0.550   -13.115 -7.191  1.00 58.98 ? 192 PRO A CD  1 
ATOM 172  N N   . THR A 1 23  ? 2.391   -11.035 -5.379  1.00 61.90 ? 193 THR A N   1 
ATOM 173  C CA  . THR A 1 23  ? 2.308   -9.731  -4.693  1.00 61.05 ? 193 THR A CA  1 
ATOM 174  C C   . THR A 1 23  ? 3.351   -9.627  -3.529  1.00 60.65 ? 193 THR A C   1 
ATOM 175  O O   . THR A 1 23  ? 4.593   -9.812  -3.686  1.00 57.56 ? 193 THR A O   1 
ATOM 176  C CB  . THR A 1 23  ? 0.772   -9.532  -4.260  1.00 61.57 ? 193 THR A CB  1 
ATOM 177  O OG1 . THR A 1 23  ? -0.047  -9.714  -5.415  1.00 64.03 ? 193 THR A OG1 1 
ATOM 178  C CG2 . THR A 1 23  ? 0.396   -8.180  -3.744  1.00 60.34 ? 193 THR A CG2 1 
ATOM 179  N N   . MET A 1 37  ? -11.914 -18.301 -17.024 1.00 67.18 ? 207 MET A N   1 
ATOM 180  C CA  . MET A 1 37  ? -13.308 -18.062 -16.709 1.00 66.01 ? 207 MET A CA  1 
ATOM 181  C C   . MET A 1 37  ? -13.544 -16.626 -16.280 1.00 65.48 ? 207 MET A C   1 
ATOM 182  O O   . MET A 1 37  ? -13.451 -16.255 -15.103 1.00 65.74 ? 207 MET A O   1 
ATOM 183  C CB  . MET A 1 37  ? -13.800 -19.033 -15.633 1.00 66.40 ? 207 MET A CB  1 
ATOM 184  C CG  . MET A 1 37  ? -14.318 -20.343 -16.143 1.00 65.81 ? 207 MET A CG  1 
ATOM 185  S SD  . MET A 1 37  ? -13.057 -21.592 -16.335 1.00 66.50 ? 207 MET A SD  1 
ATOM 186  C CE  . MET A 1 37  ? -12.175 -21.283 -14.776 1.00 70.05 ? 207 MET A CE  1 
ATOM 187  N N   . GLY A 1 38  ? -13.889 -15.824 -17.270 1.00 64.47 ? 208 GLY A N   1 
ATOM 188  C CA  . GLY A 1 38  ? -14.627 -14.603 -17.044 1.00 63.36 ? 208 GLY A CA  1 
ATOM 189  C C   . GLY A 1 38  ? -13.712 -13.501 -16.623 1.00 62.46 ? 208 GLY A C   1 
ATOM 190  O O   . GLY A 1 38  ? -14.190 -12.424 -16.309 1.00 64.75 ? 208 GLY A O   1 
ATOM 191  N N   . ILE A 1 39  ? -12.404 -13.754 -16.599 1.00 59.55 ? 209 ILE A N   1 
ATOM 192  C CA  . ILE A 1 39  ? -11.448 -12.673 -16.750 1.00 57.18 ? 209 ILE A CA  1 
ATOM 193  C C   . ILE A 1 39  ? -11.907 -11.425 -15.989 1.00 54.50 ? 209 ILE A C   1 
ATOM 194  O O   . ILE A 1 39  ? -12.981 -10.893 -16.256 1.00 53.91 ? 209 ILE A O   1 
ATOM 195  C CB  . ILE A 1 39  ? -11.270 -12.301 -18.267 1.00 57.41 ? 209 ILE A CB  1 
ATOM 196  C CG1 . ILE A 1 39  ? -10.944 -10.819 -18.470 1.00 57.95 ? 209 ILE A CG1 1 
ATOM 197  C CG2 . ILE A 1 39  ? -12.488 -12.674 -19.092 1.00 57.55 ? 209 ILE A CG2 1 
ATOM 198  C CD1 . ILE A 1 39  ? -9.498  -10.503 -18.208 1.00 62.00 ? 209 ILE A CD1 1 
ATOM 199  N N   . GLU A 1 40  ? -11.100 -10.942 -15.057 1.00 51.26 ? 210 GLU A N   1 
ATOM 200  C CA  . GLU A 1 40  ? -11.539 -9.828  -14.266 1.00 49.72 ? 210 GLU A CA  1 
ATOM 201  C C   . GLU A 1 40  ? -11.697 -8.612  -15.117 1.00 46.34 ? 210 GLU A C   1 
ATOM 202  O O   . GLU A 1 40  ? -10.790 -8.305  -15.891 1.00 48.14 ? 210 GLU A O   1 
ATOM 203  C CB  . GLU A 1 40  ? -10.478 -9.487  -13.223 1.00 49.98 ? 210 GLU A CB  1 
ATOM 204  C CG  . GLU A 1 40  ? -10.608 -10.245 -11.970 1.00 52.69 ? 210 GLU A CG  1 
ATOM 205  C CD  . GLU A 1 40  ? -9.475  -9.973  -10.958 1.00 57.47 ? 210 GLU A CD  1 
ATOM 206  O OE1 . GLU A 1 40  ? -8.292  -9.797  -11.395 1.00 60.23 ? 210 GLU A OE1 1 
ATOM 207  O OE2 . GLU A 1 40  ? -9.776  -9.961  -9.726  1.00 60.33 ? 210 GLU A OE2 1 
ATOM 208  N N   . ASN A 1 41  ? -12.755 -7.845  -14.908 1.00 41.12 ? 211 ASN A N   1 
ATOM 209  C CA  . ASN A 1 41  ? -12.783 -6.508  -15.504 1.00 43.85 ? 211 ASN A CA  1 
ATOM 210  C C   . ASN A 1 41  ? -12.137 -5.480  -14.612 1.00 43.09 ? 211 ASN A C   1 
ATOM 211  O O   . ASN A 1 41  ? -11.653 -5.850  -13.582 1.00 44.37 ? 211 ASN A O   1 
ATOM 212  C CB  . ASN A 1 41  ? -14.170 -6.086  -15.892 1.00 43.24 ? 211 ASN A CB  1 
ATOM 213  C CG  . ASN A 1 41  ? -15.022 -5.657  -14.750 1.00 48.24 ? 211 ASN A CG  1 
ATOM 214  O OD1 . ASN A 1 41  ? -14.526 -5.076  -13.857 1.00 44.36 ? 211 ASN A OD1 1 
ATOM 215  N ND2 . ASN A 1 41  ? -16.342 -5.949  -14.805 1.00 47.76 ? 211 ASN A ND2 1 
ATOM 216  N N   . ILE A 1 42  ? -12.022 -4.251  -15.084 1.00 43.57 ? 212 ILE A N   1 
ATOM 217  C CA  . ILE A 1 42  ? -11.007 -3.373  -14.541 1.00 43.61 ? 212 ILE A CA  1 
ATOM 218  C C   . ILE A 1 42  ? -11.453 -3.024  -13.156 1.00 43.60 ? 212 ILE A C   1 
ATOM 219  O O   . ILE A 1 42  ? -10.640 -2.750  -12.283 1.00 39.55 ? 212 ILE A O   1 
ATOM 220  C CB  . ILE A 1 42  ? -10.649 -2.071  -15.423 1.00 44.93 ? 212 ILE A CB  1 
ATOM 221  C CG1 . ILE A 1 42  ? -9.546  -1.306  -14.701 1.00 48.55 ? 212 ILE A CG1 1 
ATOM 222  C CG2 . ILE A 1 42  ? -11.905 -1.177  -15.711 1.00 41.57 ? 212 ILE A CG2 1 
ATOM 223  C CD1 . ILE A 1 42  ? -8.863  -0.195  -15.464 1.00 48.43 ? 212 ILE A CD1 1 
ATOM 224  N N   . CYS A 1 43  ? -12.744 -3.030  -12.943 1.00 43.36 ? 213 CYS A N   1 
ATOM 225  C CA  . CYS A 1 43  ? -13.258 -2.673  -11.674 1.00 44.47 ? 213 CYS A CA  1 
ATOM 226  C C   . CYS A 1 43  ? -13.150 -3.860  -10.694 1.00 43.13 ? 213 CYS A C   1 
ATOM 227  O O   . CYS A 1 43  ? -12.897 -3.659  -9.484  1.00 42.69 ? 213 CYS A O   1 
ATOM 228  C CB  . CYS A 1 43  ? -14.689 -2.219  -11.834 1.00 44.21 ? 213 CYS A CB  1 
ATOM 229  S SG  . CYS A 1 43  ? -14.951 -0.632  -12.833 1.00 54.12 ? 213 CYS A SG  1 
ATOM 230  N N   . GLU A 1 44  ? -13.322 -5.107  -11.156 1.00 41.55 ? 214 GLU A N   1 
ATOM 231  C CA  . GLU A 1 44  ? -13.046 -6.273  -10.315 1.00 42.74 ? 214 GLU A CA  1 
ATOM 232  C C   . GLU A 1 44  ? -11.538 -6.327  -9.941  1.00 37.12 ? 214 GLU A C   1 
ATOM 233  O O   . GLU A 1 44  ? -11.141 -6.660  -8.771  1.00 38.27 ? 214 GLU A O   1 
ATOM 234  C CB  . GLU A 1 44  ? -13.459 -7.611  -10.961 1.00 44.62 ? 214 GLU A CB  1 
ATOM 235  C CG  . GLU A 1 44  ? -14.948 -8.075  -10.637 1.00 49.71 ? 214 GLU A CG  1 
ATOM 236  C CD  . GLU A 1 44  ? -15.200 -9.603  -10.858 1.00 51.94 ? 214 GLU A CD  1 
ATOM 237  O OE1 . GLU A 1 44  ? -14.211 -10.395 -11.036 1.00 62.76 ? 214 GLU A OE1 1 
ATOM 238  O OE2 . GLU A 1 44  ? -16.397 -10.036 -10.817 1.00 61.38 ? 214 GLU A OE2 1 
ATOM 239  N N   . LEU A 1 45  ? -10.729 -5.825  -10.838 1.00 33.88 ? 215 LEU A N   1 
ATOM 240  C CA  . LEU A 1 45  ? -9.285  -5.842  -10.658 1.00 35.00 ? 215 LEU A CA  1 
ATOM 241  C C   . LEU A 1 45  ? -9.099  -4.833  -9.533  1.00 31.85 ? 215 LEU A C   1 
ATOM 242  O O   . LEU A 1 45  ? -8.364  -5.072  -8.575  1.00 34.80 ? 215 LEU A O   1 
ATOM 243  C CB  . LEU A 1 45  ? -8.490  -5.319  -11.844 1.00 33.54 ? 215 LEU A CB  1 
ATOM 244  C CG  . LEU A 1 45  ? -7.008  -5.641  -11.930 1.00 36.49 ? 215 LEU A CG  1 
ATOM 245  C CD1 . LEU A 1 45  ? -6.670  -6.973  -11.206 1.00 40.97 ? 215 LEU A CD1 1 
ATOM 246  C CD2 . LEU A 1 45  ? -6.602  -5.731  -13.474 1.00 41.63 ? 215 LEU A CD2 1 
ATOM 247  N N   . ALA A 1 46  ? -9.722  -3.620  -9.594  1.00 33.50 ? 216 ALA A N   1 
ATOM 248  C CA  . ALA A 1 46  ? -9.537  -2.563  -8.542  1.00 33.11 ? 216 ALA A CA  1 
ATOM 249  C C   . ALA A 1 46  ? -9.979  -3.012  -7.211  1.00 32.26 ? 216 ALA A C   1 
ATOM 250  O O   . ALA A 1 46  ? -9.296  -2.813  -6.261  1.00 30.80 ? 216 ALA A O   1 
ATOM 251  C CB  . ALA A 1 46  ? -10.309 -1.328  -8.958  1.00 32.10 ? 216 ALA A CB  1 
ATOM 252  N N   . ALA A 1 47  ? -11.095 -3.742  -7.165  1.00 31.42 ? 217 ALA A N   1 
ATOM 253  C CA  . ALA A 1 47  ? -11.554 -4.259  -5.892  1.00 31.87 ? 217 ALA A CA  1 
ATOM 254  C C   . ALA A 1 47  ? -10.560 -5.248  -5.339  1.00 31.89 ? 217 ALA A C   1 
ATOM 255  O O   . ALA A 1 47  ? -10.331 -5.268  -4.142  1.00 31.37 ? 217 ALA A O   1 
ATOM 256  C CB  . ALA A 1 47  ? -12.892 -4.919  -6.067  1.00 31.97 ? 217 ALA A CB  1 
ATOM 257  N N   . ARG A 1 48  ? -9.988  -6.116  -6.169  1.00 30.14 ? 218 ARG A N   1 
ATOM 258  C CA  . ARG A 1 48  ? -8.933  -6.980  -5.648  1.00 31.59 ? 218 ARG A CA  1 
ATOM 259  C C   . ARG A 1 48  ? -7.727  -6.270  -5.147  1.00 29.89 ? 218 ARG A C   1 
ATOM 260  O O   . ARG A 1 48  ? -7.129  -6.657  -4.076  1.00 31.56 ? 218 ARG A O   1 
ATOM 261  C CB  . ARG A 1 48  ? -8.423  -7.856  -6.744  1.00 32.74 ? 218 ARG A CB  1 
ATOM 262  C CG  . ARG A 1 48  ? -7.279  -8.801  -6.354  1.00 39.04 ? 218 ARG A CG  1 
ATOM 263  C CD  . ARG A 1 48  ? -7.096  -9.922  -7.421  1.00 46.94 ? 218 ARG A CD  1 
ATOM 264  N NE  . ARG A 1 48  ? -6.365  -9.423  -8.591  1.00 53.44 ? 218 ARG A NE  1 
ATOM 265  C CZ  . ARG A 1 48  ? -6.170  -10.088 -9.732  1.00 55.91 ? 218 ARG A CZ  1 
ATOM 266  N NH1 . ARG A 1 48  ? -6.693  -11.297 -9.931  1.00 59.47 ? 218 ARG A NH1 1 
ATOM 267  N NH2 . ARG A 1 48  ? -5.453  -9.531  -10.691 1.00 58.71 ? 218 ARG A NH2 1 
ATOM 268  N N   . MET A 1 49  ? -7.312  -5.189  -5.840  1.00 29.84 ? 219 MET A N   1 
ATOM 269  C CA  . MET A 1 49  ? -6.156  -4.415  -5.336  1.00 27.77 ? 219 MET A CA  1 
ATOM 270  C C   . MET A 1 49  ? -6.439  -3.797  -3.925  1.00 26.45 ? 219 MET A C   1 
ATOM 271  O O   . MET A 1 49  ? -5.550  -3.745  -3.085  1.00 26.58 ? 219 MET A O   1 
ATOM 272  C CB  . MET A 1 49  ? -5.827  -3.221  -6.241  1.00 31.54 ? 219 MET A CB  1 
ATOM 273  C CG  . MET A 1 49  ? -5.527  -3.542  -7.692  1.00 34.03 ? 219 MET A CG  1 
ATOM 274  S SD  . MET A 1 49  ? -4.001  -4.451  -7.832  1.00 37.97 ? 219 MET A SD  1 
ATOM 275  C CE  . MET A 1 49  ? -4.672  -6.054  -8.033  1.00 39.34 ? 219 MET A CE  1 
ATOM 276  N N   . LEU A 1 50  ? -7.674  -3.348  -3.654  1.00 26.41 ? 220 LEU A N   1 
ATOM 277  C CA  . LEU A 1 50  ? -8.051  -2.825  -2.387  1.00 25.73 ? 220 LEU A CA  1 
ATOM 278  C C   . LEU A 1 50  ? -8.155  -3.933  -1.388  1.00 25.94 ? 220 LEU A C   1 
ATOM 279  O O   . LEU A 1 50  ? -7.583  -3.808  -0.283  1.00 24.78 ? 220 LEU A O   1 
ATOM 280  C CB  . LEU A 1 50  ? -9.323  -1.998  -2.490  1.00 26.80 ? 220 LEU A CB  1 
ATOM 281  C CG  . LEU A 1 50  ? -9.866  -1.448  -1.140  1.00 26.96 ? 220 LEU A CG  1 
ATOM 282  C CD1 . LEU A 1 50  ? -8.869  -0.544  -0.420  1.00 29.24 ? 220 LEU A CD1 1 
ATOM 283  C CD2 . LEU A 1 50  ? -11.316 -0.801  -1.368  1.00 31.25 ? 220 LEU A CD2 1 
ATOM 284  N N   . PHE A 1 51  ? -8.891  -4.980  -1.732  1.00 26.83 ? 221 PHE A N   1 
ATOM 285  C CA  . PHE A 1 51  ? -8.995  -6.041  -0.739  1.00 28.20 ? 221 PHE A CA  1 
ATOM 286  C C   . PHE A 1 51  ? -7.662  -6.662  -0.371  1.00 25.96 ? 221 PHE A C   1 
ATOM 287  O O   . PHE A 1 51  ? -7.415  -6.986  0.821   1.00 30.35 ? 221 PHE A O   1 
ATOM 288  C CB  . PHE A 1 51  ? -9.974  -7.112  -1.181  1.00 31.17 ? 221 PHE A CB  1 
ATOM 289  C CG  . PHE A 1 51  ? -11.391 -6.693  -0.889  1.00 33.24 ? 221 PHE A CG  1 
ATOM 290  C CD1 . PHE A 1 51  ? -11.785 -6.590  0.448   1.00 44.35 ? 221 PHE A CD1 1 
ATOM 291  C CD2 . PHE A 1 51  ? -12.227 -6.233  -1.885  1.00 43.39 ? 221 PHE A CD2 1 
ATOM 292  C CE1 . PHE A 1 51  ? -13.066 -6.158  0.747   1.00 45.36 ? 221 PHE A CE1 1 
ATOM 293  C CE2 . PHE A 1 51  ? -13.528 -5.787  -1.616  1.00 43.74 ? 221 PHE A CE2 1 
ATOM 294  C CZ  . PHE A 1 51  ? -13.941 -5.747  -0.327  1.00 45.79 ? 221 PHE A CZ  1 
ATOM 295  N N   . SER A 1 52  ? -6.796  -6.766  -1.364  1.00 26.42 ? 222 SER A N   1 
ATOM 296  C CA  . SER A 1 52  ? -5.511  -7.355  -1.068  1.00 27.85 ? 222 SER A CA  1 
ATOM 297  C C   . SER A 1 52  ? -4.668  -6.509  -0.104  1.00 25.06 ? 222 SER A C   1 
ATOM 298  O O   . SER A 1 52  ? -3.875  -7.040  0.646   1.00 26.38 ? 222 SER A O   1 
ATOM 299  C CB  . SER A 1 52  ? -4.612  -7.558  -2.227  1.00 30.63 ? 222 SER A CB  1 
ATOM 300  O OG  . SER A 1 52  ? -4.480  -6.432  -2.935  1.00 37.91 ? 222 SER A OG  1 
ATOM 301  N N   . ALA A 1 53  ? -4.755  -5.196  -0.233  1.00 24.13 ? 223 ALA A N   1 
ATOM 302  C CA  . ALA A 1 53  ? -4.186  -4.240  0.776   1.00 21.69 ? 223 ALA A CA  1 
ATOM 303  C C   . ALA A 1 53  ? -4.627  -4.484  2.212   1.00 20.56 ? 223 ALA A C   1 
ATOM 304  O O   . ALA A 1 53  ? -3.845  -4.534  3.145   1.00 22.35 ? 223 ALA A O   1 
ATOM 305  C CB  . ALA A 1 53  ? -4.451  -2.748  0.386   1.00 23.34 ? 223 ALA A CB  1 
ATOM 306  N N   . VAL A 1 54  ? -5.926  -4.673  2.370   1.00 20.75 ? 224 VAL A N   1 
ATOM 307  C CA  . VAL A 1 54  ? -6.472  -4.906  3.688   1.00 22.21 ? 224 VAL A CA  1 
ATOM 308  C C   . VAL A 1 54  ? -6.068  -6.290  4.171   1.00 21.11 ? 224 VAL A C   1 
ATOM 309  O O   . VAL A 1 54  ? -5.695  -6.391  5.339   1.00 22.36 ? 224 VAL A O   1 
ATOM 310  C CB  . VAL A 1 54  ? -7.991  -4.671  3.677   1.00 24.69 ? 224 VAL A CB  1 
ATOM 311  C CG1 . VAL A 1 54  ? -8.562  -5.154  4.891   1.00 25.00 ? 224 VAL A CG1 1 
ATOM 312  C CG2 . VAL A 1 54  ? -8.420  -3.269  3.216   1.00 26.96 ? 224 VAL A CG2 1 
ATOM 313  N N   . GLU A 1 55  ? -6.141  -7.307  3.291   1.00 23.44 ? 225 GLU A N   1 
ATOM 314  C CA  . GLU A 1 55  ? -5.714  -8.629  3.713   1.00 23.97 ? 225 GLU A CA  1 
ATOM 315  C C   . GLU A 1 55  ? -4.235  -8.678  4.043   1.00 23.00 ? 225 GLU A C   1 
ATOM 316  O O   . GLU A 1 55  ? -3.806  -9.279  5.011   1.00 24.02 ? 225 GLU A O   1 
ATOM 317  C CB  . GLU A 1 55  ? -5.949  -9.596  2.579   1.00 26.80 ? 225 GLU A CB  1 
ATOM 318  C CG  . GLU A 1 55  ? -5.623  -11.044 2.888   1.00 33.22 ? 225 GLU A CG  1 
ATOM 319  C CD  . GLU A 1 55  ? -6.606  -11.621 3.960   1.00 34.30 ? 225 GLU A CD  1 
ATOM 320  O OE1 . GLU A 1 55  ? -7.517  -10.851 4.305   1.00 46.82 ? 225 GLU A OE1 1 
ATOM 321  O OE2 . GLU A 1 55  ? -6.422  -12.755 4.471   1.00 55.84 ? 225 GLU A OE2 1 
ATOM 322  N N   . TRP A 1 56  ? -3.382  -8.006  3.269   1.00 21.98 ? 226 TRP A N   1 
ATOM 323  C CA  . TRP A 1 56  ? -1.964  -7.900  3.515   1.00 21.37 ? 226 TRP A CA  1 
ATOM 324  C C   . TRP A 1 56  ? -1.804  -7.246  4.878   1.00 19.62 ? 226 TRP A C   1 
ATOM 325  O O   . TRP A 1 56  ? -1.022  -7.765  5.778   1.00 20.11 ? 226 TRP A O   1 
ATOM 326  C CB  . TRP A 1 56  ? -1.314  -7.045  2.443   1.00 22.22 ? 226 TRP A CB  1 
ATOM 327  C CG  . TRP A 1 56  ? 0.082   -6.674  2.709   1.00 20.36 ? 226 TRP A CG  1 
ATOM 328  C CD1 . TRP A 1 56  ? 1.241   -7.422  2.596   1.00 24.25 ? 226 TRP A CD1 1 
ATOM 329  C CD2 . TRP A 1 56  ? 0.543   -5.402  3.268   1.00 19.95 ? 226 TRP A CD2 1 
ATOM 330  N NE1 . TRP A 1 56  ? 2.364   -6.682  2.956   1.00 22.68 ? 226 TRP A NE1 1 
ATOM 331  C CE2 . TRP A 1 56  ? 1.959   -5.472  3.420   1.00 19.69 ? 226 TRP A CE2 1 
ATOM 332  C CE3 . TRP A 1 56  ? -0.103  -4.218  3.618   1.00 22.29 ? 226 TRP A CE3 1 
ATOM 333  C CZ2 . TRP A 1 56  ? 2.665   -4.443  3.913   1.00 21.42 ? 226 TRP A CZ2 1 
ATOM 334  C CZ3 . TRP A 1 56  ? 0.657   -3.170  4.148   1.00 21.76 ? 226 TRP A CZ3 1 
ATOM 335  C CH2 . TRP A 1 56  ? 2.010   -3.296  4.271   1.00 21.77 ? 226 TRP A CH2 1 
ATOM 336  N N   . ALA A 1 57  ? -2.520  -6.162  5.195   1.00 20.44 ? 227 ALA A N   1 
ATOM 337  C CA  . ALA A 1 57  ? -2.365  -5.477  6.484   1.00 18.73 ? 227 ALA A CA  1 
ATOM 338  C C   . ALA A 1 57  ? -2.738  -6.411  7.686   1.00 20.14 ? 227 ALA A C   1 
ATOM 339  O O   . ALA A 1 57  ? -2.100  -6.295  8.747   1.00 21.32 ? 227 ALA A O   1 
ATOM 340  C CB  . ALA A 1 57  ? -3.166  -4.171  6.540   1.00 22.03 ? 227 ALA A CB  1 
ATOM 341  N N   . ARG A 1 58  ? -3.784  -7.246  7.563   1.00 21.29 ? 228 ARG A N   1 
ATOM 342  C CA  . ARG A 1 58  ? -4.172  -8.162  8.571   1.00 22.17 ? 228 ARG A CA  1 
ATOM 343  C C   . ARG A 1 58  ? -3.149  -9.234  8.827   1.00 23.02 ? 228 ARG A C   1 
ATOM 344  O O   . ARG A 1 58  ? -3.280  -9.927  9.810   1.00 25.39 ? 228 ARG A O   1 
ATOM 345  C CB  . ARG A 1 58  ? -5.449  -8.863  8.232   1.00 22.54 ? 228 ARG A CB  1 
ATOM 346  C CG  . ARG A 1 58  ? -6.612  -8.000  8.285   1.00 27.02 ? 228 ARG A CG  1 
ATOM 347  C CD  . ARG A 1 58  ? -7.986  -8.793  8.425   1.00 32.91 ? 228 ARG A CD  1 
ATOM 348  N NE  . ARG A 1 58  ? -8.116  -9.451  7.152   1.00 36.42 ? 228 ARG A NE  1 
ATOM 349  C CZ  . ARG A 1 58  ? -9.162  -9.405  6.413   1.00 46.35 ? 228 ARG A CZ  1 
ATOM 350  N NH1 . ARG A 1 58  ? -10.258 -8.865  6.887   1.00 55.15 ? 228 ARG A NH1 1 
ATOM 351  N NH2 . ARG A 1 58  ? -9.120  -9.984  5.228   1.00 47.37 ? 228 ARG A NH2 1 
ATOM 352  N N   . ASN A 1 59  ? -2.200  -9.425  7.949   1.00 19.84 ? 229 ASN A N   1 
ATOM 353  C CA  . ASN A 1 59  ? -1.242  -10.510 8.039   1.00 19.29 ? 229 ASN A CA  1 
ATOM 354  C C   . ASN A 1 59  ? 0.232   -10.175 8.214   1.00 18.67 ? 229 ASN A C   1 
ATOM 355  O O   . ASN A 1 59  ? 1.082   -11.016 8.537   1.00 23.10 ? 229 ASN A O   1 
ATOM 356  C CB  . ASN A 1 59  ? -1.376  -11.288 6.759   1.00 21.50 ? 229 ASN A CB  1 
ATOM 357  C CG  . ASN A 1 59  ? -2.615  -12.261 6.791   1.00 26.21 ? 229 ASN A CG  1 
ATOM 358  O OD1 . ASN A 1 59  ? -3.624  -11.900 6.322   1.00 31.97 ? 229 ASN A OD1 1 
ATOM 359  N ND2 . ASN A 1 59  ? -2.534  -13.306 7.517   1.00 31.14 ? 229 ASN A ND2 1 
ATOM 360  N N   . ILE A 1 60  ? 0.536   -8.871  8.151   1.00 19.37 ? 230 ILE A N   1 
ATOM 361  C CA  . ILE A 1 60  ? 1.917   -8.418  8.529   1.00 18.54 ? 230 ILE A CA  1 
ATOM 362  C C   . ILE A 1 60  ? 2.185   -8.429  10.027  1.00 20.77 ? 230 ILE A C   1 
ATOM 363  O O   . ILE A 1 60  ? 1.231   -8.401  10.805  1.00 18.65 ? 230 ILE A O   1 
ATOM 364  C CB  . ILE A 1 60  ? 2.173   -7.004  7.956   1.00 19.78 ? 230 ILE A CB  1 
ATOM 365  C CG1 . ILE A 1 60  ? 1.278   -5.910  8.525   1.00 20.29 ? 230 ILE A CG1 1 
ATOM 366  C CG2 . ILE A 1 60  ? 2.183   -7.094  6.385   1.00 20.28 ? 230 ILE A CG2 1 
ATOM 367  C CD1 . ILE A 1 60  ? 1.819   -4.355  8.235   1.00 21.29 ? 230 ILE A CD1 1 
ATOM 368  N N   . PRO A 1 61  ? 3.450   -8.454  10.408  1.00 20.55 ? 231 PRO A N   1 
ATOM 369  C CA  . PRO A 1 61  ? 3.746   -8.173  11.791  1.00 20.22 ? 231 PRO A CA  1 
ATOM 370  C C   . PRO A 1 61  ? 3.240   -6.840  12.242  1.00 20.01 ? 231 PRO A C   1 
ATOM 371  O O   . PRO A 1 61  ? 3.062   -5.928  11.439  1.00 18.78 ? 231 PRO A O   1 
ATOM 372  C CB  . PRO A 1 61  ? 5.270   -8.229  11.834  1.00 21.46 ? 231 PRO A CB  1 
ATOM 373  C CG  . PRO A 1 61  ? 5.637   -9.028  10.626  1.00 21.21 ? 231 PRO A CG  1 
ATOM 374  C CD  . PRO A 1 61  ? 4.666   -8.578  9.622   1.00 21.76 ? 231 PRO A CD  1 
ATOM 375  N N   . PHE A 1 62  ? 2.926   -6.756  13.516  1.00 19.23 ? 232 PHE A N   1 
ATOM 376  C CA  . PHE A 1 62  ? 2.697   -5.514  14.365  1.00 19.64 ? 232 PHE A CA  1 
ATOM 377  C C   . PHE A 1 62  ? 1.333   -4.966  14.119  1.00 20.69 ? 232 PHE A C   1 
ATOM 378  O O   . PHE A 1 62  ? 0.600   -4.663  15.040  1.00 22.15 ? 232 PHE A O   1 
ATOM 379  C CB  . PHE A 1 62  ? 3.709   -4.452  14.146  1.00 19.96 ? 232 PHE A CB  1 
ATOM 380  C CG  . PHE A 1 62  ? 5.084   -4.913  14.442  1.00 22.08 ? 232 PHE A CG  1 
ATOM 381  C CD1 . PHE A 1 62  ? 5.419   -5.294  15.736  1.00 27.61 ? 232 PHE A CD1 1 
ATOM 382  C CD2 . PHE A 1 62  ? 6.030   -5.089  13.462  1.00 23.96 ? 232 PHE A CD2 1 
ATOM 383  C CE1 . PHE A 1 62  ? 6.698   -5.705  16.060  1.00 29.06 ? 232 PHE A CE1 1 
ATOM 384  C CE2 . PHE A 1 62  ? 7.334   -5.604  13.835  1.00 24.50 ? 232 PHE A CE2 1 
ATOM 385  C CZ  . PHE A 1 62  ? 7.652   -5.823  15.113  1.00 24.59 ? 232 PHE A CZ  1 
ATOM 386  N N   . PHE A 1 63  ? 0.930   -4.752  12.870  1.00 20.25 ? 233 PHE A N   1 
ATOM 387  C CA  . PHE A 1 63  ? -0.363  -4.079  12.581  1.00 20.60 ? 233 PHE A CA  1 
ATOM 388  C C   . PHE A 1 63  ? -1.538  -4.713  13.270  1.00 21.17 ? 233 PHE A C   1 
ATOM 389  O O   . PHE A 1 63  ? -2.348  -3.998  13.860  1.00 21.44 ? 233 PHE A O   1 
ATOM 390  C CB  . PHE A 1 63  ? -0.584  -3.931  11.092  1.00 20.67 ? 233 PHE A CB  1 
ATOM 391  C CG  . PHE A 1 63  ? -1.771  -3.125  10.727  1.00 19.79 ? 233 PHE A CG  1 
ATOM 392  C CD1 . PHE A 1 63  ? -1.733  -1.687  10.667  1.00 19.25 ? 233 PHE A CD1 1 
ATOM 393  C CD2 . PHE A 1 63  ? -2.929  -3.757  10.441  1.00 21.86 ? 233 PHE A CD2 1 
ATOM 394  C CE1 . PHE A 1 63  ? -2.794  -1.002  10.328  1.00 22.64 ? 233 PHE A CE1 1 
ATOM 395  C CE2 . PHE A 1 63  ? -4.009  -3.048  10.077  1.00 22.52 ? 233 PHE A CE2 1 
ATOM 396  C CZ  . PHE A 1 63  ? -3.990  -1.685  10.027  1.00 22.56 ? 233 PHE A CZ  1 
ATOM 397  N N   . PRO A 1 64  ? -1.699  -6.021  13.150  1.00 20.43 ? 234 PRO A N   1 
ATOM 398  C CA  . PRO A 1 64  ? -2.856  -6.672  13.747  1.00 21.58 ? 234 PRO A CA  1 
ATOM 399  C C   . PRO A 1 64  ? -2.914  -6.606  15.222  1.00 22.20 ? 234 PRO A C   1 
ATOM 400  O O   . PRO A 1 64  ? -4.016  -6.857  15.841  1.00 25.06 ? 234 PRO A O   1 
ATOM 401  C CB  . PRO A 1 64  ? -2.793  -8.139  13.092  1.00 24.56 ? 234 PRO A CB  1 
ATOM 402  C CG  . PRO A 1 64  ? -1.798  -7.961  12.041  1.00 27.66 ? 234 PRO A CG  1 
ATOM 403  C CD  . PRO A 1 64  ? -0.934  -6.925  12.355  1.00 20.66 ? 234 PRO A CD  1 
ATOM 404  N N   . ASP A 1 65  ? -1.810  -6.292  15.841  1.00 24.15 ? 235 ASP A N   1 
ATOM 405  C CA  . ASP A 1 65  ? -1.748  -6.140  17.324  1.00 24.42 ? 235 ASP A CA  1 
ATOM 406  C C   . ASP A 1 65  ? -2.006  -4.723  17.769  1.00 22.68 ? 235 ASP A C   1 
ATOM 407  O O   . ASP A 1 65  ? -1.951  -4.424  18.986  1.00 26.50 ? 235 ASP A O   1 
ATOM 408  C CB  . ASP A 1 65  ? -0.468  -6.747  17.906  1.00 24.99 ? 235 ASP A CB  1 
ATOM 409  C CG  . ASP A 1 65  ? -0.489  -6.803  19.490  1.00 33.69 ? 235 ASP A CG  1 
ATOM 410  O OD1 . ASP A 1 65  ? -1.527  -7.192  20.068  1.00 39.15 ? 235 ASP A OD1 1 
ATOM 411  O OD2 . ASP A 1 65  ? 0.544   -6.442  20.192  1.00 40.40 ? 235 ASP A OD2 1 
ATOM 412  N N   . LEU A 1 66  ? -2.168  -3.799  16.803  1.00 21.93 ? 236 LEU A N   1 
ATOM 413  C CA  . LEU A 1 66  ? -2.483  -2.441  17.233  1.00 21.54 ? 236 LEU A CA  1 
ATOM 414  C C   . LEU A 1 66  ? -3.964  -2.454  17.722  1.00 22.88 ? 236 LEU A C   1 
ATOM 415  O O   . LEU A 1 66  ? -4.740  -3.326  17.290  1.00 22.17 ? 236 LEU A O   1 
ATOM 416  C CB  . LEU A 1 66  ? -2.401  -1.472  16.090  1.00 20.91 ? 236 LEU A CB  1 
ATOM 417  C CG  . LEU A 1 66  ? -1.008  -1.281  15.457  1.00 19.18 ? 236 LEU A CG  1 
ATOM 418  C CD1 . LEU A 1 66  ? -1.063  -0.347  14.317  1.00 23.24 ? 236 LEU A CD1 1 
ATOM 419  C CD2 . LEU A 1 66  ? -0.034  -0.744  16.442  1.00 23.50 ? 236 LEU A CD2 1 
ATOM 420  N N   . GLN A 1 67  ? -4.392  -1.534  18.544  1.00 22.29 ? 237 GLN A N   1 
ATOM 421  C CA  . GLN A 1 67  ? -5.750  -1.453  18.912  1.00 23.65 ? 237 GLN A CA  1 
ATOM 422  C C   . GLN A 1 67  ? -6.534  -1.293  17.646  1.00 22.66 ? 237 GLN A C   1 
ATOM 423  O O   . GLN A 1 67  ? -6.098  -0.585  16.734  1.00 22.43 ? 237 GLN A O   1 
ATOM 424  C CB  . GLN A 1 67  ? -5.903  -0.212  19.715  1.00 26.77 ? 237 GLN A CB  1 
ATOM 425  C CG  . GLN A 1 67  ? -5.330  -0.285  21.055  1.00 36.32 ? 237 GLN A CG  1 
ATOM 426  C CD  . GLN A 1 67  ? -5.992  -1.297  21.936  1.00 46.56 ? 237 GLN A CD  1 
ATOM 427  O OE1 . GLN A 1 67  ? -7.153  -1.668  21.696  1.00 55.48 ? 237 GLN A OE1 1 
ATOM 428  N NE2 . GLN A 1 67  ? -5.275  -1.744  23.019  1.00 53.70 ? 237 GLN A NE2 1 
ATOM 429  N N   . ILE A 1 68  ? -7.711  -1.919  17.630  1.00 23.72 ? 238 ILE A N   1 
ATOM 430  C CA  . ILE A 1 68  ? -8.493  -1.896  16.402  1.00 22.01 ? 238 ILE A CA  1 
ATOM 431  C C   . ILE A 1 68  ? -8.806  -0.513  15.862  1.00 19.65 ? 238 ILE A C   1 
ATOM 432  O O   . ILE A 1 68  ? -8.888  -0.324  14.626  1.00 22.63 ? 238 ILE A O   1 
ATOM 433  C CB  . ILE A 1 68  ? -9.776  -2.806  16.573  1.00 23.19 ? 238 ILE A CB  1 
ATOM 434  C CG1 . ILE A 1 68  ? -10.438 -3.043  15.289  1.00 24.08 ? 238 ILE A CG1 1 
ATOM 435  C CG2 . ILE A 1 68  ? -10.833 -2.216  17.434  1.00 25.16 ? 238 ILE A CG2 1 
ATOM 436  C CD1 . ILE A 1 68  ? -9.821  -3.874  14.304  1.00 26.56 ? 238 ILE A CD1 1 
ATOM 437  N N   . THR A 1 69  ? -9.071  0.404   16.774  1.00 22.05 ? 239 THR A N   1 
ATOM 438  C CA  . THR A 1 69  ? -9.396  1.745   16.319  1.00 22.65 ? 239 THR A CA  1 
ATOM 439  C C   . THR A 1 69  ? -8.190  2.394   15.630  1.00 21.29 ? 239 THR A C   1 
ATOM 440  O O   . THR A 1 69  ? -8.390  3.227   14.718  1.00 22.63 ? 239 THR A O   1 
ATOM 441  C CB  . THR A 1 69  ? -9.844  2.595   17.461  1.00 24.69 ? 239 THR A CB  1 
ATOM 442  O OG1 . THR A 1 69  ? -8.883  2.544   18.501  1.00 27.78 ? 239 THR A OG1 1 
ATOM 443  C CG2 . THR A 1 69  ? -11.178 2.157   17.955  1.00 26.74 ? 239 THR A CG2 1 
ATOM 444  N N   . ASP A 1 70  ? -6.968  2.082   16.051  1.00 21.44 ? 240 ASP A N   1 
ATOM 445  C CA  . ASP A 1 70  ? -5.736  2.608   15.425  1.00 21.25 ? 240 ASP A CA  1 
ATOM 446  C C   . ASP A 1 70  ? -5.672  1.973   14.016  1.00 21.02 ? 240 ASP A C   1 
ATOM 447  O O   . ASP A 1 70  ? -5.286  2.620   13.020  1.00 21.73 ? 240 ASP A O   1 
ATOM 448  C CB  . ASP A 1 70  ? -4.529  2.320   16.283  1.00 22.93 ? 240 ASP A CB  1 
ATOM 449  C CG  . ASP A 1 70  ? -4.370  3.260   17.400  1.00 26.70 ? 240 ASP A CG  1 
ATOM 450  O OD1 . ASP A 1 70  ? -5.108  4.232   17.553  1.00 28.51 ? 240 ASP A OD1 1 
ATOM 451  O OD2 . ASP A 1 70  ? -3.404  2.996   18.160  1.00 31.11 ? 240 ASP A OD2 1 
ATOM 452  N N   . GLN A 1 71  ? -5.909  0.660   13.940  1.00 21.82 ? 241 GLN A N   1 
ATOM 453  C CA  . GLN A 1 71  ? -5.868  -0.019  12.620  1.00 19.23 ? 241 GLN A CA  1 
ATOM 454  C C   . GLN A 1 71  ? -6.807  0.653   11.655  1.00 20.47 ? 241 GLN A C   1 
ATOM 455  O O   . GLN A 1 71  ? -6.433  0.940   10.484  1.00 19.87 ? 241 GLN A O   1 
ATOM 456  C CB  . GLN A 1 71  ? -6.221  -1.492  12.748  1.00 20.58 ? 241 GLN A CB  1 
ATOM 457  C CG  . GLN A 1 71  ? -5.249  -2.293  13.563  1.00 19.83 ? 241 GLN A CG  1 
ATOM 458  C CD  . GLN A 1 71  ? -5.673  -3.747  13.534  1.00 20.46 ? 241 GLN A CD  1 
ATOM 459  O OE1 . GLN A 1 71  ? -5.962  -4.293  12.477  1.00 22.77 ? 241 GLN A OE1 1 
ATOM 460  N NE2 . GLN A 1 71  ? -5.700  -4.396  14.701  1.00 22.10 ? 241 GLN A NE2 1 
ATOM 461  N N   . VAL A 1 72  ? -7.996  0.911   12.120  1.00 19.19 ? 242 VAL A N   1 
ATOM 462  C CA  . VAL A 1 72  ? -9.013  1.610   11.266  1.00 20.48 ? 242 VAL A CA  1 
ATOM 463  C C   . VAL A 1 72  ? -8.497  3.041   10.866  1.00 21.64 ? 242 VAL A C   1 
ATOM 464  O O   . VAL A 1 72  ? -8.664  3.447   9.721   1.00 22.52 ? 242 VAL A O   1 
ATOM 465  C CB  . VAL A 1 72  ? -10.414 1.724   11.908  1.00 21.63 ? 242 VAL A CB  1 
ATOM 466  C CG1 . VAL A 1 72  ? -11.389 2.562   11.071  1.00 23.78 ? 242 VAL A CG1 1 
ATOM 467  C CG2 . VAL A 1 72  ? -10.943 0.293   12.148  1.00 22.49 ? 242 VAL A CG2 1 
ATOM 468  N N   . ALA A 1 73  ? -7.987  3.795   11.845  1.00 22.89 ? 243 ALA A N   1 
ATOM 469  C CA  . ALA A 1 73  ? -7.548  5.150   11.567  1.00 21.93 ? 243 ALA A CA  1 
ATOM 470  C C   . ALA A 1 73  ? -6.498  5.086   10.489  1.00 20.86 ? 243 ALA A C   1 
ATOM 471  O O   . ALA A 1 73  ? -6.451  5.952   9.512   1.00 21.51 ? 243 ALA A O   1 
ATOM 472  C CB  . ALA A 1 73  ? -7.005  5.820   12.769  1.00 23.50 ? 243 ALA A CB  1 
ATOM 473  N N   . LEU A 1 74  ? -5.480  4.238   10.645  1.00 20.21 ? 244 LEU A N   1 
ATOM 474  C CA  . LEU A 1 74  ? -4.393  4.114   9.614   1.00 19.70 ? 244 LEU A CA  1 
ATOM 475  C C   . LEU A 1 74  ? -4.913  3.764   8.257   1.00 20.57 ? 244 LEU A C   1 
ATOM 476  O O   . LEU A 1 74  ? -4.515  4.386   7.217   1.00 20.05 ? 244 LEU A O   1 
ATOM 477  C CB  . LEU A 1 74  ? -3.306  3.136   10.074  1.00 16.90 ? 244 LEU A CB  1 
ATOM 478  C CG  . LEU A 1 74  ? -2.621  3.608   11.376  1.00 19.45 ? 244 LEU A CG  1 
ATOM 479  C CD1 . LEU A 1 74  ? -1.687  2.407   11.876  1.00 23.02 ? 244 LEU A CD1 1 
ATOM 480  C CD2 . LEU A 1 74  ? -1.771  4.780   11.029  1.00 20.14 ? 244 LEU A CD2 1 
ATOM 481  N N   . LEU A 1 75  ? -5.801  2.784   8.139   1.00 20.31 ? 245 LEU A N   1 
ATOM 482  C CA  . LEU A 1 75  ? -6.259  2.346   6.780   1.00 20.72 ? 245 LEU A CA  1 
ATOM 483  C C   . LEU A 1 75  ? -7.181  3.434   6.179   1.00 20.39 ? 245 LEU A C   1 
ATOM 484  O O   . LEU A 1 75  ? -7.233  3.598   4.951   1.00 21.58 ? 245 LEU A O   1 
ATOM 485  C CB  . LEU A 1 75  ? -6.977  0.975   6.802   1.00 21.86 ? 245 LEU A CB  1 
ATOM 486  C CG  . LEU A 1 75  ? -5.999  -0.172  6.901   1.00 21.35 ? 245 LEU A CG  1 
ATOM 487  C CD1 . LEU A 1 75  ? -6.745  -1.447  7.471   1.00 24.86 ? 245 LEU A CD1 1 
ATOM 488  C CD2 . LEU A 1 75  ? -5.303  -0.446  5.518   1.00 26.46 ? 245 LEU A CD2 1 
ATOM 489  N N   . ARG A 1 76  ? -8.003  4.084   7.037   1.00 21.73 ? 246 ARG A N   1 
ATOM 490  C CA  . ARG A 1 76  ? -8.942  5.118   6.491   1.00 21.85 ? 246 ARG A CA  1 
ATOM 491  C C   . ARG A 1 76  ? -8.134  6.198   5.750   1.00 22.91 ? 246 ARG A C   1 
ATOM 492  O O   . ARG A 1 76  ? -8.554  6.706   4.753   1.00 24.98 ? 246 ARG A O   1 
ATOM 493  C CB  . ARG A 1 76  ? -9.766  5.758   7.591   1.00 22.17 ? 246 ARG A CB  1 
ATOM 494  C CG  . ARG A 1 76  ? -11.028 4.961   8.116   1.00 24.50 ? 246 ARG A CG  1 
ATOM 495  C CD  . ARG A 1 76  ? -11.819 5.716   9.154   1.00 29.03 ? 246 ARG A CD  1 
ATOM 496  N NE  . ARG A 1 76  ? -12.916 4.913   9.797   1.00 41.46 ? 246 ARG A NE  1 
ATOM 497  C CZ  . ARG A 1 76  ? -14.230 5.169   9.870   1.00 47.09 ? 246 ARG A CZ  1 
ATOM 498  N NH1 . ARG A 1 76  ? -14.734 6.246   9.213   1.00 53.13 ? 246 ARG A NH1 1 
ATOM 499  N NH2 . ARG A 1 76  ? -15.088 4.277   10.512  1.00 37.64 ? 246 ARG A NH2 1 
ATOM 500  N N   . LEU A 1 77  ? -6.977  6.566   6.306   1.00 20.88 ? 247 LEU A N   1 
ATOM 501  C CA  . LEU A 1 77  ? -6.083  7.582   5.691   1.00 21.45 ? 247 LEU A CA  1 
ATOM 502  C C   . LEU A 1 77  ? -5.344  7.033   4.533   1.00 21.70 ? 247 LEU A C   1 
ATOM 503  O O   . LEU A 1 77  ? -5.236  7.781   3.537   1.00 22.25 ? 247 LEU A O   1 
ATOM 504  C CB  . LEU A 1 77  ? -5.075  8.242   6.701   1.00 21.58 ? 247 LEU A CB  1 
ATOM 505  C CG  . LEU A 1 77  ? -4.053  9.290   6.198   1.00 23.06 ? 247 LEU A CG  1 
ATOM 506  C CD1 . LEU A 1 77  ? -4.710  10.457  5.452   1.00 27.65 ? 247 LEU A CD1 1 
ATOM 507  C CD2 . LEU A 1 77  ? -3.011  9.624   7.278   1.00 24.32 ? 247 LEU A CD2 1 
ATOM 508  N N   . THR A 1 78  ? -4.846  5.851   4.629   1.00 19.80 ? 248 THR A N   1 
ATOM 509  C CA  . THR A 1 78  ? -3.900  5.358   3.628   1.00 18.21 ? 248 THR A CA  1 
ATOM 510  C C   . THR A 1 78  ? -4.362  4.476   2.518   1.00 19.23 ? 248 THR A C   1 
ATOM 511  O O   . THR A 1 78  ? -3.529  4.067   1.691   1.00 20.77 ? 248 THR A O   1 
ATOM 512  C CB  . THR A 1 78  ? -2.712  4.646   4.338   1.00 18.57 ? 248 THR A CB  1 
ATOM 513  O OG1 . THR A 1 78  ? -3.090  3.518   5.032   1.00 20.06 ? 248 THR A OG1 1 
ATOM 514  C CG2 . THR A 1 78  ? -2.030  5.653   5.333   1.00 21.97 ? 248 THR A CG2 1 
ATOM 515  N N   . TRP A 1 79  ? -5.638  4.072   2.568   1.00 20.75 ? 249 TRP A N   1 
ATOM 516  C CA  . TRP A 1 79  ? -6.081  3.013   1.607   1.00 19.83 ? 249 TRP A CA  1 
ATOM 517  C C   . TRP A 1 79  ? -5.745  3.409   0.225   1.00 20.23 ? 249 TRP A C   1 
ATOM 518  O O   . TRP A 1 79  ? -5.398  2.532   -0.571  1.00 21.69 ? 249 TRP A O   1 
ATOM 519  C CB  . TRP A 1 79  ? -7.544  2.674   1.763   1.00 20.96 ? 249 TRP A CB  1 
ATOM 520  C CG  . TRP A 1 79  ? -8.467  3.734   1.242   1.00 23.34 ? 249 TRP A CG  1 
ATOM 521  C CD1 . TRP A 1 79  ? -9.123  4.687   1.942   1.00 24.43 ? 249 TRP A CD1 1 
ATOM 522  C CD2 . TRP A 1 79  ? -8.895  3.872   -0.111  1.00 23.50 ? 249 TRP A CD2 1 
ATOM 523  N NE1 . TRP A 1 79  ? -9.883  5.476   1.088   1.00 22.40 ? 249 TRP A NE1 1 
ATOM 524  C CE2 . TRP A 1 79  ? -9.851  4.930   -0.146  1.00 21.79 ? 249 TRP A CE2 1 
ATOM 525  C CE3 . TRP A 1 79  ? -8.648  3.141   -1.285  1.00 25.13 ? 249 TRP A CE3 1 
ATOM 526  C CZ2 . TRP A 1 79  ? -10.335 5.393   -1.355  1.00 24.44 ? 249 TRP A CZ2 1 
ATOM 527  C CZ3 . TRP A 1 79  ? -9.171  3.551   -2.459  1.00 26.09 ? 249 TRP A CZ3 1 
ATOM 528  C CH2 . TRP A 1 79  ? -10.008 4.650   -2.488  1.00 27.82 ? 249 TRP A CH2 1 
ATOM 529  N N   . SER A 1 80  ? -5.855  4.666   -0.105  1.00 21.75 ? 250 SER A N   1 
ATOM 530  C CA  . SER A 1 80  ? -5.637  5.087   -1.511  1.00 22.23 ? 250 SER A CA  1 
ATOM 531  C C   . SER A 1 80  ? -4.212  4.994   -1.922  1.00 24.14 ? 250 SER A C   1 
ATOM 532  O O   . SER A 1 80  ? -3.915  4.715   -3.068  1.00 23.27 ? 250 SER A O   1 
ATOM 533  C CB  . SER A 1 80  ? -6.180  6.461   -1.857  1.00 21.97 ? 250 SER A CB  1 
ATOM 534  O OG  . SER A 1 80  ? -5.633  7.436   -1.115  1.00 23.51 ? 250 SER A OG  1 
ATOM 535  N N   . GLU A 1 81  ? -3.289  5.198   -0.972  1.00 20.30 ? 251 GLU A N   1 
ATOM 536  C CA  . GLU A 1 81  ? -1.855  5.072   -1.245  1.00 19.54 ? 251 GLU A CA  1 
ATOM 537  C C   . GLU A 1 81  ? -1.457  3.616   -1.410  1.00 21.13 ? 251 GLU A C   1 
ATOM 538  O O   . GLU A 1 81  ? -0.681  3.323   -2.289  1.00 23.30 ? 251 GLU A O   1 
ATOM 539  C CB  . GLU A 1 81  ? -1.105  5.671   -0.053  1.00 20.46 ? 251 GLU A CB  1 
ATOM 540  C CG  . GLU A 1 81  ? -1.503  7.119   0.271   1.00 21.43 ? 251 GLU A CG  1 
ATOM 541  C CD  . GLU A 1 81  ? -0.795  7.693   1.485   1.00 23.30 ? 251 GLU A CD  1 
ATOM 542  O OE1 . GLU A 1 81  ? 0.364   7.334   1.749   1.00 26.04 ? 251 GLU A OE1 1 
ATOM 543  O OE2 . GLU A 1 81  ? -1.412  8.576   2.118   1.00 26.41 ? 251 GLU A OE2 1 
ATOM 544  N N   . LEU A 1 82  ? -2.037  2.743   -0.560  1.00 19.57 ? 252 LEU A N   1 
ATOM 545  C CA  . LEU A 1 82  ? -1.815  1.292   -0.777  1.00 19.60 ? 252 LEU A CA  1 
ATOM 546  C C   . LEU A 1 82  ? -2.404  0.815   -2.084  1.00 20.54 ? 252 LEU A C   1 
ATOM 547  O O   . LEU A 1 82  ? -1.773  -0.037  -2.704  1.00 22.81 ? 252 LEU A O   1 
ATOM 548  C CB  . LEU A 1 82  ? -2.346  0.533   0.435   1.00 19.64 ? 252 LEU A CB  1 
ATOM 549  C CG  . LEU A 1 82  ? -1.868  0.912   1.857   1.00 19.13 ? 252 LEU A CG  1 
ATOM 550  C CD1 . LEU A 1 82  ? -2.600  0.076   2.848   1.00 22.49 ? 252 LEU A CD1 1 
ATOM 551  C CD2 . LEU A 1 82  ? -0.345  0.552   1.929   1.00 22.74 ? 252 LEU A CD2 1 
ATOM 552  N N   . PHE A 1 83  ? -3.564  1.351   -2.454  1.00 23.32 ? 253 PHE A N   1 
ATOM 553  C CA  . PHE A 1 83  ? -4.166  1.049   -3.717  1.00 23.78 ? 253 PHE A CA  1 
ATOM 554  C C   . PHE A 1 83  ? -3.279  1.357   -4.894  1.00 22.96 ? 253 PHE A C   1 
ATOM 555  O O   . PHE A 1 83  ? -3.074  0.505   -5.775  1.00 24.19 ? 253 PHE A O   1 
ATOM 556  C CB  . PHE A 1 83  ? -5.482  1.756   -3.849  1.00 23.80 ? 253 PHE A CB  1 
ATOM 557  C CG  . PHE A 1 83  ? -6.186  1.487   -5.154  1.00 24.99 ? 253 PHE A CG  1 
ATOM 558  C CD1 . PHE A 1 83  ? -7.049  0.436   -5.224  1.00 26.96 ? 253 PHE A CD1 1 
ATOM 559  C CD2 . PHE A 1 83  ? -5.963  2.323   -6.269  1.00 25.57 ? 253 PHE A CD2 1 
ATOM 560  C CE1 . PHE A 1 83  ? -7.691  0.147   -6.402  1.00 27.24 ? 253 PHE A CE1 1 
ATOM 561  C CE2 . PHE A 1 83  ? -6.563  2.062   -7.382  1.00 28.75 ? 253 PHE A CE2 1 
ATOM 562  C CZ  . PHE A 1 83  ? -7.480  0.991   -7.442  1.00 28.64 ? 253 PHE A CZ  1 
ATOM 563  N N   . VAL A 1 84  ? -2.735  2.564   -4.905  1.00 24.45 ? 254 VAL A N   1 
ATOM 564  C CA  . VAL A 1 84  ? -1.784  2.957   -5.940  1.00 24.62 ? 254 VAL A CA  1 
ATOM 565  C C   . VAL A 1 84  ? -0.576  2.046   -5.951  1.00 24.52 ? 254 VAL A C   1 
ATOM 566  O O   . VAL A 1 84  ? -0.156  1.609   -7.068  1.00 27.15 ? 254 VAL A O   1 
ATOM 567  C CB  . VAL A 1 84  ? -1.411  4.399   -5.864  1.00 23.15 ? 254 VAL A CB  1 
ATOM 568  C CG1 . VAL A 1 84  ? -0.196  4.761   -6.837  1.00 25.18 ? 254 VAL A CG1 1 
ATOM 569  C CG2 . VAL A 1 84  ? -2.593  5.404   -5.993  1.00 26.01 ? 254 VAL A CG2 1 
ATOM 570  N N   . LEU A 1 85  ? -0.007  1.755   -4.775  1.00 21.80 ? 255 LEU A N   1 
ATOM 571  C CA  . LEU A 1 85  ? 1.175   0.864   -4.752  1.00 22.89 ? 255 LEU A CA  1 
ATOM 572  C C   . LEU A 1 85  ? 0.802   -0.471  -5.368  1.00 24.85 ? 255 LEU A C   1 
ATOM 573  O O   . LEU A 1 85  ? 1.540   -1.083  -6.161  1.00 25.44 ? 255 LEU A O   1 
ATOM 574  C CB  . LEU A 1 85  ? 1.770   0.725   -3.362  1.00 22.97 ? 255 LEU A CB  1 
ATOM 575  C CG  . LEU A 1 85  ? 2.478   1.982   -2.913  1.00 20.92 ? 255 LEU A CG  1 
ATOM 576  C CD1 . LEU A 1 85  ? 2.662   2.053   -1.447  1.00 21.60 ? 255 LEU A CD1 1 
ATOM 577  C CD2 . LEU A 1 85  ? 3.921   2.035   -3.588  1.00 23.41 ? 255 LEU A CD2 1 
ATOM 578  N N   . ASN A 1 86  ? -0.324  -1.066  -4.980  1.00 22.38 ? 256 ASN A N   1 
ATOM 579  C CA  . ASN A 1 86  ? -0.670  -2.366  -5.508  1.00 24.75 ? 256 ASN A CA  1 
ATOM 580  C C   . ASN A 1 86  ? -0.969  -2.304  -6.976  1.00 24.29 ? 256 ASN A C   1 
ATOM 581  O O   . ASN A 1 86  ? -0.626  -3.224  -7.805  1.00 24.50 ? 256 ASN A O   1 
ATOM 582  C CB  . ASN A 1 86  ? -1.887  -2.807  -4.744  1.00 23.54 ? 256 ASN A CB  1 
ATOM 583  C CG  . ASN A 1 86  ? -1.624  -3.517  -3.466  1.00 25.06 ? 256 ASN A CG  1 
ATOM 584  O OD1 . ASN A 1 86  ? -2.622  -3.968  -2.787  1.00 30.79 ? 256 ASN A OD1 1 
ATOM 585  N ND2 . ASN A 1 86  ? -0.413  -3.688  -3.137  1.00 25.47 ? 256 ASN A ND2 1 
ATOM 586  N N   . ALA A 1 87  ? -1.662  -1.246  -7.452  1.00 25.80 ? 257 ALA A N   1 
ATOM 587  C CA  . ALA A 1 87  ? -1.908  -1.063  -8.901  1.00 26.03 ? 257 ALA A CA  1 
ATOM 588  C C   . ALA A 1 87  ? -0.619  -0.993  -9.765  1.00 25.33 ? 257 ALA A C   1 
ATOM 589  O O   . ALA A 1 87  ? -0.541  -1.681  -10.879 1.00 28.91 ? 257 ALA A O   1 
ATOM 590  C CB  . ALA A 1 87  ? -2.688  0.222   -9.093  1.00 28.72 ? 257 ALA A CB  1 
ATOM 591  N N   . ALA A 1 88  ? 0.425   -0.329  -9.246  1.00 27.71 ? 258 ALA A N   1 
ATOM 592  C CA  . ALA A 1 88  ? 1.743   -0.305  -9.936  1.00 28.26 ? 258 ALA A CA  1 
ATOM 593  C C   . ALA A 1 88  ? 2.397   -1.671  -9.887  1.00 28.59 ? 258 ALA A C   1 
ATOM 594  O O   . ALA A 1 88  ? 2.819   -2.248  -10.914 1.00 29.90 ? 258 ALA A O   1 
ATOM 595  C CB  . ALA A 1 88  ? 2.615   0.752   -9.217  1.00 31.15 ? 258 ALA A CB  1 
ATOM 596  N N   . GLN A 1 89  ? 2.323   -2.324  -8.743  1.00 27.76 ? 259 GLN A N   1 
ATOM 597  C CA  . GLN A 1 89  ? 2.944   -3.587  -8.546  1.00 27.18 ? 259 GLN A CA  1 
ATOM 598  C C   . GLN A 1 89  ? 2.400   -4.649  -9.503  1.00 26.77 ? 259 GLN A C   1 
ATOM 599  O O   . GLN A 1 89  ? 3.076   -5.492  -10.025 1.00 31.21 ? 259 GLN A O   1 
ATOM 600  C CB  . GLN A 1 89  ? 2.915   -4.048  -7.153  1.00 29.13 ? 259 GLN A CB  1 
ATOM 601  C CG  . GLN A 1 89  ? 3.595   -5.357  -6.958  1.00 28.11 ? 259 GLN A CG  1 
ATOM 602  C CD  . GLN A 1 89  ? 3.777   -5.708  -5.457  1.00 30.90 ? 259 GLN A CD  1 
ATOM 603  O OE1 . GLN A 1 89  ? 2.982   -5.319  -4.605  1.00 36.60 ? 259 GLN A OE1 1 
ATOM 604  N NE2 . GLN A 1 89  ? 4.811   -6.422  -5.147  1.00 34.05 ? 259 GLN A NE2 1 
ATOM 605  N N   . CYS A 1 90  ? 1.106   -4.606  -9.621  1.00 29.51 ? 260 CYS A N   1 
ATOM 606  C CA  . CYS A 1 90  ? 0.363   -5.606  -10.425 1.00 31.49 ? 260 CYS A CA  1 
ATOM 607  C C   . CYS A 1 90  ? 0.154   -5.220  -11.856 1.00 33.84 ? 260 CYS A C   1 
ATOM 608  O O   . CYS A 1 90  ? -0.420  -6.019  -12.621 1.00 33.19 ? 260 CYS A O   1 
ATOM 609  C CB  . CYS A 1 90  ? -0.986  -5.930  -9.782  1.00 31.35 ? 260 CYS A CB  1 
ATOM 610  S SG  . CYS A 1 90  ? -0.790  -6.682  -8.111  1.00 40.00 ? 260 CYS A SG  1 
ATOM 611  N N   . SER A 1 91  ? 0.683   -4.089  -12.284 1.00 34.63 ? 261 SER A N   1 
ATOM 612  C CA  . SER A 1 91  ? 0.526   -3.611  -13.695 1.00 36.02 ? 261 SER A CA  1 
ATOM 613  C C   . SER A 1 91  ? -0.936  -3.537  -14.133 1.00 34.89 ? 261 SER A C   1 
ATOM 614  O O   . SER A 1 91  ? -1.327  -4.078  -15.223 1.00 35.10 ? 261 SER A O   1 
ATOM 615  C CB  . SER A 1 91  ? 1.266   -4.493  -14.685 1.00 36.09 ? 261 SER A CB  1 
ATOM 616  O OG  . SER A 1 91  ? 2.622   -4.600  -14.446 1.00 38.75 ? 261 SER A OG  1 
ATOM 617  N N   . MET A 1 92  ? -1.787  -3.087  -13.238 1.00 36.74 ? 262 MET A N   1 
ATOM 618  C CA  . MET A 1 92  ? -3.208  -2.866  -13.503 1.00 38.69 ? 262 MET A CA  1 
ATOM 619  C C   . MET A 1 92  ? -3.240  -1.996  -14.765 1.00 39.57 ? 262 MET A C   1 
ATOM 620  O O   . MET A 1 92  ? -2.478  -1.020  -14.942 1.00 40.82 ? 262 MET A O   1 
ATOM 621  C CB  . MET A 1 92  ? -3.864  -2.230  -12.245 1.00 39.10 ? 262 MET A CB  1 
ATOM 622  C CG  . MET A 1 92  ? -5.277  -2.224  -12.393 1.00 40.18 ? 262 MET A CG  1 
ATOM 623  S SD  . MET A 1 92  ? -6.060  -1.252  -11.117 1.00 42.68 ? 262 MET A SD  1 
ATOM 624  C CE  . MET A 1 92  ? -5.555  0.264   -11.868 1.00 39.82 ? 262 MET A CE  1 
ATOM 625  N N   . PRO A 1 93  ? -3.919  -2.490  -15.782 1.00 41.03 ? 263 PRO A N   1 
ATOM 626  C CA  . PRO A 1 93  ? -4.059  -1.789  -17.068 1.00 43.73 ? 263 PRO A CA  1 
ATOM 627  C C   . PRO A 1 93  ? -4.606  -0.376  -16.860 1.00 48.26 ? 263 PRO A C   1 
ATOM 628  O O   . PRO A 1 93  ? -5.632  -0.260  -16.126 1.00 49.91 ? 263 PRO A O   1 
ATOM 629  C CB  . PRO A 1 93  ? -5.058  -2.699  -17.787 1.00 43.39 ? 263 PRO A CB  1 
ATOM 630  C CG  . PRO A 1 93  ? -4.820  -4.052  -17.190 1.00 42.23 ? 263 PRO A CG  1 
ATOM 631  C CD  . PRO A 1 93  ? -4.631  -3.784  -15.730 1.00 40.96 ? 263 PRO A CD  1 
ATOM 632  N N   . LEU A 1 94  ? -3.902  0.663   -17.375 1.00 51.89 ? 264 LEU A N   1 
ATOM 633  C CA  . LEU A 1 94  ? -4.152  2.120   -16.943 1.00 55.64 ? 264 LEU A CA  1 
ATOM 634  C C   . LEU A 1 94  ? -4.749  3.219   -17.841 1.00 57.25 ? 264 LEU A C   1 
ATOM 635  O O   . LEU A 1 94  ? -5.142  4.302   -17.314 1.00 59.21 ? 264 LEU A O   1 
ATOM 636  C CB  . LEU A 1 94  ? -2.854  2.738   -16.331 1.00 56.89 ? 264 LEU A CB  1 
ATOM 637  C CG  . LEU A 1 94  ? -1.745  3.184   -17.266 1.00 57.98 ? 264 LEU A CG  1 
ATOM 638  C CD1 . LEU A 1 94  ? -2.090  4.567   -17.743 1.00 58.79 ? 264 LEU A CD1 1 
ATOM 639  C CD2 . LEU A 1 94  ? -0.333  3.161   -16.558 1.00 56.75 ? 264 LEU A CD2 1 
ATOM 640  N N   . HIS A 1 95  ? -4.780  3.054   -19.146 1.00 58.61 ? 265 HIS A N   1 
ATOM 641  C CA  . HIS A 1 95  ? -5.330  4.124   -20.012 1.00 58.83 ? 265 HIS A CA  1 
ATOM 642  C C   . HIS A 1 95  ? -6.727  3.611   -20.373 1.00 58.28 ? 265 HIS A C   1 
ATOM 643  O O   . HIS A 1 95  ? -7.332  4.107   -21.342 1.00 59.06 ? 265 HIS A O   1 
ATOM 644  C CB  . HIS A 1 95  ? -4.568  4.281   -21.340 1.00 59.67 ? 265 HIS A CB  1 
ATOM 645  C CG  . HIS A 1 95  ? -3.110  4.739   -21.262 1.00 64.51 ? 265 HIS A CG  1 
ATOM 646  N ND1 . HIS A 1 95  ? -2.467  5.390   -22.321 1.00 65.62 ? 265 HIS A ND1 1 
ATOM 647  C CD2 . HIS A 1 95  ? -2.156  4.563   -20.313 1.00 67.03 ? 265 HIS A CD2 1 
ATOM 648  C CE1 . HIS A 1 95  ? -1.203  5.618   -22.011 1.00 67.11 ? 265 HIS A CE1 1 
ATOM 649  N NE2 . HIS A 1 95  ? -0.984  5.122   -20.797 1.00 69.44 ? 265 HIS A NE2 1 
ATOM 650  N N   . VAL A 1 96  ? -7.277  2.682   -19.585 1.00 56.58 ? 266 VAL A N   1 
ATOM 651  C CA  . VAL A 1 96  ? -8.129  1.598   -20.135 1.00 56.94 ? 266 VAL A CA  1 
ATOM 652  C C   . VAL A 1 96  ? -9.684  1.727   -20.344 1.00 57.83 ? 266 VAL A C   1 
ATOM 653  O O   . VAL A 1 96  ? -10.526 1.378   -19.509 1.00 57.65 ? 266 VAL A O   1 
ATOM 654  C CB  . VAL A 1 96  ? -7.899  0.376   -19.357 1.00 54.73 ? 266 VAL A CB  1 
ATOM 655  C CG1 . VAL A 1 96  ? -7.014  0.695   -18.158 1.00 57.15 ? 266 VAL A CG1 1 
ATOM 656  C CG2 . VAL A 1 96  ? -9.210  -0.175  -18.991 1.00 50.31 ? 266 VAL A CG2 1 
ATOM 657  N N   . ALA A 1 97  ? -10.008 2.112   -21.563 1.00 59.36 ? 267 ALA A N   1 
ATOM 658  C CA  . ALA A 1 97  ? -11.340 2.427   -22.077 1.00 60.69 ? 267 ALA A CA  1 
ATOM 659  C C   . ALA A 1 97  ? -10.790 3.395   -23.118 1.00 61.76 ? 267 ALA A C   1 
ATOM 660  O O   . ALA A 1 97  ? -10.755 4.620   -22.913 1.00 61.94 ? 267 ALA A O   1 
ATOM 661  C CB  . ALA A 1 97  ? -12.312 3.090   -21.062 1.00 60.60 ? 267 ALA A CB  1 
ATOM 662  N N   . PRO A 1 98  ? -10.334 2.785   -24.246 1.00 63.12 ? 268 PRO A N   1 
ATOM 663  C CA  . PRO A 1 98  ? -9.186  3.067   -25.019 1.00 63.58 ? 268 PRO A CA  1 
ATOM 664  C C   . PRO A 1 98  ? -8.140  3.929   -24.409 1.00 64.69 ? 268 PRO A C   1 
ATOM 665  O O   . PRO A 1 98  ? -7.237  3.307   -23.773 1.00 66.38 ? 268 PRO A O   1 
ATOM 666  C CB  . PRO A 1 98  ? -9.790  3.432   -26.339 1.00 63.07 ? 268 PRO A CB  1 
ATOM 667  C CG  . PRO A 1 98  ? -10.654 2.178   -26.505 1.00 63.93 ? 268 PRO A CG  1 
ATOM 668  C CD  . PRO A 1 98  ? -11.048 1.742   -25.004 1.00 63.16 ? 268 PRO A CD  1 
ATOM 669  N N   . VAL A 1 116 ? -15.551 3.116   -20.809 1.00 66.90 ? 286 VAL A N   1 
ATOM 670  C CA  . VAL A 1 116 ? -15.251 4.585   -21.100 1.00 65.90 ? 286 VAL A CA  1 
ATOM 671  C C   . VAL A 1 116 ? -15.002 5.284   -19.792 1.00 64.34 ? 286 VAL A C   1 
ATOM 672  O O   . VAL A 1 116 ? -15.501 4.765   -18.711 1.00 63.73 ? 286 VAL A O   1 
ATOM 673  C CB  . VAL A 1 116 ? -16.396 5.360   -21.831 1.00 66.31 ? 286 VAL A CB  1 
ATOM 674  C CG1 . VAL A 1 116 ? -17.528 4.399   -22.266 1.00 66.24 ? 286 VAL A CG1 1 
ATOM 675  C CG2 . VAL A 1 116 ? -16.909 6.576   -20.945 1.00 66.10 ? 286 VAL A CG2 1 
ATOM 676  N N   . ALA A 1 117 ? -14.265 6.418   -19.918 1.00 61.97 ? 287 ALA A N   1 
ATOM 677  C CA  . ALA A 1 117 ? -13.715 7.195   -18.751 1.00 60.61 ? 287 ALA A CA  1 
ATOM 678  C C   . ALA A 1 117 ? -13.621 8.701   -18.964 1.00 58.47 ? 287 ALA A C   1 
ATOM 679  O O   . ALA A 1 117 ? -13.759 9.157   -20.072 1.00 60.04 ? 287 ALA A O   1 
ATOM 680  C CB  . ALA A 1 117 ? -12.358 6.682   -18.387 1.00 60.38 ? 287 ALA A CB  1 
ATOM 681  N N   . PHE A 1 118 ? -13.441 9.447   -17.873 1.00 55.84 ? 288 PHE A N   1 
ATOM 682  C CA  . PHE A 1 118 ? -12.980 10.908  -17.834 1.00 53.92 ? 288 PHE A CA  1 
ATOM 683  C C   . PHE A 1 118 ? -11.692 11.158  -18.763 1.00 53.46 ? 288 PHE A C   1 
ATOM 684  O O   . PHE A 1 118 ? -11.510 10.587  -19.915 1.00 52.02 ? 288 PHE A O   1 
ATOM 685  C CB  . PHE A 1 118 ? -12.622 11.244  -16.343 1.00 52.32 ? 288 PHE A CB  1 
ATOM 686  C CG  . PHE A 1 118 ? -13.034 12.676  -15.802 1.00 50.22 ? 288 PHE A CG  1 
ATOM 687  C CD1 . PHE A 1 118 ? -14.295 13.220  -16.030 1.00 51.76 ? 288 PHE A CD1 1 
ATOM 688  C CD2 . PHE A 1 118 ? -12.143 13.394  -14.998 1.00 41.02 ? 288 PHE A CD2 1 
ATOM 689  C CE1 . PHE A 1 118 ? -14.671 14.618  -15.472 1.00 52.17 ? 288 PHE A CE1 1 
ATOM 690  C CE2 . PHE A 1 118 ? -12.444 14.704  -14.431 1.00 49.40 ? 288 PHE A CE2 1 
ATOM 691  C CZ  . PHE A 1 118 ? -13.739 15.325  -14.687 1.00 51.33 ? 288 PHE A CZ  1 
ATOM 692  N N   . MET A 1 119 ? -10.834 12.040  -18.300 1.00 51.54 ? 289 MET A N   1 
ATOM 693  C CA  . MET A 1 119 ? -9.418  11.640  -18.251 1.00 52.01 ? 289 MET A CA  1 
ATOM 694  C C   . MET A 1 119 ? -8.478  12.476  -17.533 1.00 50.57 ? 289 MET A C   1 
ATOM 695  O O   . MET A 1 119 ? -7.267  12.214  -17.679 1.00 50.29 ? 289 MET A O   1 
ATOM 696  C CB  . MET A 1 119 ? -8.758  11.418  -19.585 1.00 53.00 ? 289 MET A CB  1 
ATOM 697  C CG  . MET A 1 119 ? -7.452  10.476  -19.524 1.00 55.06 ? 289 MET A CG  1 
ATOM 698  S SD  . MET A 1 119 ? -7.908  8.925   -20.459 1.00 67.72 ? 289 MET A SD  1 
ATOM 699  C CE  . MET A 1 119 ? -6.575  7.895   -20.353 1.00 35.68 ? 289 MET A CE  1 
ATOM 700  N N   . ASP A 1 120 ? -8.983  13.491  -16.789 1.00 49.24 ? 290 ASP A N   1 
ATOM 701  C CA  . ASP A 1 120 ? -8.154  14.177  -15.855 1.00 47.61 ? 290 ASP A CA  1 
ATOM 702  C C   . ASP A 1 120 ? -7.967  13.108  -14.840 1.00 47.78 ? 290 ASP A C   1 
ATOM 703  O O   . ASP A 1 120 ? -6.870  13.000  -14.335 1.00 49.01 ? 290 ASP A O   1 
ATOM 704  C CB  . ASP A 1 120 ? -8.786  15.399  -15.188 1.00 46.12 ? 290 ASP A CB  1 
ATOM 705  C CG  . ASP A 1 120 ? -7.739  16.157  -14.219 1.00 50.04 ? 290 ASP A CG  1 
ATOM 706  O OD1 . ASP A 1 120 ? -6.434  16.112  -14.520 1.00 44.41 ? 290 ASP A OD1 1 
ATOM 707  O OD2 . ASP A 1 120 ? -8.269  16.743  -13.164 1.00 53.57 ? 290 ASP A OD2 1 
ATOM 708  N N   . HIS A 1 121 ? -9.010  12.293  -14.597 1.00 47.86 ? 291 HIS A N   1 
ATOM 709  C CA  . HIS A 1 121 ? -8.967  11.322  -13.529 1.00 47.06 ? 291 HIS A CA  1 
ATOM 710  C C   . HIS A 1 121 ? -8.047  10.236  -13.935 1.00 45.75 ? 291 HIS A C   1 
ATOM 711  O O   . HIS A 1 121 ? -7.214  9.761   -13.125 1.00 44.31 ? 291 HIS A O   1 
ATOM 712  C CB  . HIS A 1 121 ? -10.343 10.713  -13.216 1.00 48.24 ? 291 HIS A CB  1 
ATOM 713  C CG  . HIS A 1 121 ? -11.342 11.663  -12.614 1.00 50.51 ? 291 HIS A CG  1 
ATOM 714  N ND1 . HIS A 1 121 ? -10.989 12.876  -12.046 1.00 52.62 ? 291 HIS A ND1 1 
ATOM 715  C CD2 . HIS A 1 121 ? -12.690 11.560  -12.489 1.00 50.10 ? 291 HIS A CD2 1 
ATOM 716  C CE1 . HIS A 1 121 ? -12.081 13.478  -11.605 1.00 54.47 ? 291 HIS A CE1 1 
ATOM 717  N NE2 . HIS A 1 121 ? -13.129 12.712  -11.877 1.00 56.59 ? 291 HIS A NE2 1 
ATOM 718  N N   . ILE A 1 122 ? -8.215  9.794   -15.166 1.00 45.40 ? 292 ILE A N   1 
ATOM 719  C CA  . ILE A 1 122 ? -7.403  8.731   -15.653 1.00 44.35 ? 292 ILE A CA  1 
ATOM 720  C C   . ILE A 1 122 ? -5.979  9.257   -15.591 1.00 43.89 ? 292 ILE A C   1 
ATOM 721  O O   . ILE A 1 122 ? -5.039  8.561   -15.166 1.00 43.23 ? 292 ILE A O   1 
ATOM 722  C CB  . ILE A 1 122 ? -7.747  8.243   -17.127 1.00 45.08 ? 292 ILE A CB  1 
ATOM 723  C CG1 . ILE A 1 122 ? -9.261  7.955   -17.412 1.00 45.47 ? 292 ILE A CG1 1 
ATOM 724  C CG2 . ILE A 1 122 ? -6.806  7.081   -17.535 1.00 46.08 ? 292 ILE A CG2 1 
ATOM 725  C CD1 . ILE A 1 122 ? -9.778  6.517   -17.244 1.00 49.05 ? 292 ILE A CD1 1 
ATOM 726  N N   . ARG A 1 123 ? -5.767  10.478  -16.059 1.00 43.03 ? 293 ARG A N   1 
ATOM 727  C CA  . ARG A 1 123 ? -4.366  10.983  -16.133 1.00 43.91 ? 293 ARG A CA  1 
ATOM 728  C C   . ARG A 1 123 ? -3.660  11.136  -14.767 1.00 44.21 ? 293 ARG A C   1 
ATOM 729  O O   . ARG A 1 123 ? -2.429  10.882  -14.640 1.00 44.49 ? 293 ARG A O   1 
ATOM 730  C CB  . ARG A 1 123 ? -4.267  12.297  -16.917 1.00 46.13 ? 293 ARG A CB  1 
ATOM 731  C CG  . ARG A 1 123 ? -3.054  13.117  -16.565 1.00 48.36 ? 293 ARG A CG  1 
ATOM 732  C CD  . ARG A 1 123 ? -3.462  14.205  -15.742 1.00 57.04 ? 293 ARG A CD  1 
ATOM 733  N NE  . ARG A 1 123 ? -2.397  14.811  -14.984 1.00 59.39 ? 293 ARG A NE  1 
ATOM 734  C CZ  . ARG A 1 123 ? -2.617  15.811  -14.143 1.00 62.54 ? 293 ARG A CZ  1 
ATOM 735  N NH1 . ARG A 1 123 ? -3.865  16.290  -13.969 1.00 60.71 ? 293 ARG A NH1 1 
ATOM 736  N NH2 . ARG A 1 123 ? -1.589  16.323  -13.456 1.00 65.76 ? 293 ARG A NH2 1 
ATOM 737  N N   . ILE A 1 124 ? -4.397  11.460  -13.739 1.00 40.80 ? 294 ILE A N   1 
ATOM 738  C CA  . ILE A 1 124 ? -3.599  11.730  -12.495 1.00 41.82 ? 294 ILE A CA  1 
ATOM 739  C C   . ILE A 1 124 ? -3.272  10.440  -11.638 1.00 42.80 ? 294 ILE A C   1 
ATOM 740  O O   . ILE A 1 124 ? -2.169  10.316  -11.041 1.00 42.00 ? 294 ILE A O   1 
ATOM 741  C CB  . ILE A 1 124 ? -4.134  12.827  -11.654 1.00 40.97 ? 294 ILE A CB  1 
ATOM 742  C CG1 . ILE A 1 124 ? -5.347  12.248  -10.996 1.00 28.44 ? 294 ILE A CG1 1 
ATOM 743  C CG2 . ILE A 1 124 ? -4.070  14.593  -12.477 1.00 35.59 ? 294 ILE A CG2 1 
ATOM 744  C CD1 . ILE A 1 124 ? -6.137  13.792  -10.882 1.00 33.61 ? 294 ILE A CD1 1 
ATOM 745  N N   . PHE A 1 125 ? -4.143  9.446   -11.700 1.00 44.30 ? 295 PHE A N   1 
ATOM 746  C CA  . PHE A 1 125 ? -3.747  8.107   -11.116 1.00 44.02 ? 295 PHE A CA  1 
ATOM 747  C C   . PHE A 1 125 ? -2.340  7.600   -11.830 1.00 42.93 ? 295 PHE A C   1 
ATOM 748  O O   . PHE A 1 125 ? -1.273  7.167   -11.218 1.00 42.16 ? 295 PHE A O   1 
ATOM 749  C CB  . PHE A 1 125 ? -4.953  7.196   -11.427 1.00 43.85 ? 295 PHE A CB  1 
ATOM 750  C CG  . PHE A 1 125 ? -4.860  5.938   -10.858 1.00 45.14 ? 295 PHE A CG  1 
ATOM 751  C CD1 . PHE A 1 125 ? -4.635  5.775   -9.483  1.00 43.36 ? 295 PHE A CD1 1 
ATOM 752  C CD2 . PHE A 1 125 ? -4.830  4.842   -11.617 1.00 38.58 ? 295 PHE A CD2 1 
ATOM 753  C CE1 . PHE A 1 125 ? -4.494  4.542   -9.010  1.00 43.49 ? 295 PHE A CE1 1 
ATOM 754  C CE2 . PHE A 1 125 ? -4.718  3.615   -11.041 1.00 44.50 ? 295 PHE A CE2 1 
ATOM 755  C CZ  . PHE A 1 125 ? -4.566  3.470   -9.837  1.00 42.80 ? 295 PHE A CZ  1 
ATOM 756  N N   . GLN A 1 126 ? -2.355  7.829   -13.130 1.00 42.29 ? 296 GLN A N   1 
ATOM 757  C CA  . GLN A 1 126 ? -1.434  7.268   -14.099 1.00 40.24 ? 296 GLN A CA  1 
ATOM 758  C C   . GLN A 1 126 ? 0.010   7.573   -13.861 1.00 37.84 ? 296 GLN A C   1 
ATOM 759  O O   . GLN A 1 126 ? 0.857   6.639   -14.016 1.00 33.85 ? 296 GLN A O   1 
ATOM 760  C CB  . GLN A 1 126 ? -1.773  7.818   -15.433 1.00 42.37 ? 296 GLN A CB  1 
ATOM 761  C CG  . GLN A 1 126 ? -2.802  7.106   -16.138 1.00 47.26 ? 296 GLN A CG  1 
ATOM 762  C CD  . GLN A 1 126 ? -3.103  7.833   -17.411 1.00 51.19 ? 296 GLN A CD  1 
ATOM 763  O OE1 . GLN A 1 126 ? -3.315  8.981   -17.344 1.00 50.70 ? 296 GLN A OE1 1 
ATOM 764  N NE2 . GLN A 1 126 ? -3.023  7.163   -18.614 1.00 57.17 ? 296 GLN A NE2 1 
ATOM 765  N N   . GLU A 1 127 ? 0.339   8.856   -13.620 1.00 36.22 ? 297 GLU A N   1 
ATOM 766  C CA  . GLU A 1 127 ? 1.746   9.244   -13.436 1.00 40.20 ? 297 GLU A CA  1 
ATOM 767  C C   . GLU A 1 127 ? 2.343   8.553   -12.275 1.00 35.92 ? 297 GLU A C   1 
ATOM 768  O O   . GLU A 1 127 ? 3.491   8.277   -12.301 1.00 40.74 ? 297 GLU A O   1 
ATOM 769  C CB  . GLU A 1 127 ? 1.973   10.784  -13.237 1.00 40.97 ? 297 GLU A CB  1 
ATOM 770  C CG  . GLU A 1 127 ? 2.910   11.075  -11.999 1.00 46.19 ? 297 GLU A CG  1 
ATOM 771  C CD  . GLU A 1 127 ? 2.885   12.472  -11.367 1.00 47.70 ? 297 GLU A CD  1 
ATOM 772  O OE1 . GLU A 1 127 ? 3.661   12.662  -10.366 1.00 52.09 ? 297 GLU A OE1 1 
ATOM 773  O OE2 . GLU A 1 127 ? 2.116   13.348  -11.845 1.00 55.88 ? 297 GLU A OE2 1 
ATOM 774  N N   . GLN A 1 128 ? 1.614   8.391   -11.206 1.00 38.26 ? 298 GLN A N   1 
ATOM 775  C CA  . GLN A 1 128 ? 2.201   7.746   -10.045 1.00 37.88 ? 298 GLN A CA  1 
ATOM 776  C C   . GLN A 1 128 ? 2.514   6.304   -10.269 1.00 34.97 ? 298 GLN A C   1 
ATOM 777  O O   . GLN A 1 128 ? 3.571   5.832   -9.892  1.00 34.09 ? 298 GLN A O   1 
ATOM 778  C CB  . GLN A 1 128 ? 1.300   7.822   -8.810  1.00 39.16 ? 298 GLN A CB  1 
ATOM 779  C CG  . GLN A 1 128 ? 1.241   9.140   -8.084  1.00 41.01 ? 298 GLN A CG  1 
ATOM 780  C CD  . GLN A 1 128 ? 2.519   9.871   -8.178  1.00 45.60 ? 298 GLN A CD  1 
ATOM 781  O OE1 . GLN A 1 128 ? 3.590   9.407   -7.737  1.00 46.23 ? 298 GLN A OE1 1 
ATOM 782  N NE2 . GLN A 1 128 ? 2.440   11.054  -8.775  1.00 47.05 ? 298 GLN A NE2 1 
ATOM 783  N N   . VAL A 1 129 ? 1.580   5.612   -10.889 1.00 34.63 ? 299 VAL A N   1 
ATOM 784  C CA  . VAL A 1 129 ? 1.846   4.292   -11.293 1.00 33.82 ? 299 VAL A CA  1 
ATOM 785  C C   . VAL A 1 129 ? 3.064   4.306   -12.176 1.00 32.20 ? 299 VAL A C   1 
ATOM 786  O O   . VAL A 1 129 ? 3.935   3.467   -12.001 1.00 33.64 ? 299 VAL A O   1 
ATOM 787  C CB  . VAL A 1 129 ? 0.603   3.659   -11.939 1.00 34.59 ? 299 VAL A CB  1 
ATOM 788  C CG1 . VAL A 1 129 ? 0.920   2.340   -12.609 1.00 35.74 ? 299 VAL A CG1 1 
ATOM 789  C CG2 . VAL A 1 129 ? -0.609  3.555   -10.904 1.00 36.04 ? 299 VAL A CG2 1 
ATOM 790  N N   . GLU A 1 130 ? 3.109   5.202   -13.177 1.00 32.12 ? 300 GLU A N   1 
ATOM 791  C CA  . GLU A 1 130 ? 4.215   5.135   -14.149 1.00 34.85 ? 300 GLU A CA  1 
ATOM 792  C C   . GLU A 1 130 ? 5.573   5.432   -13.580 1.00 34.05 ? 300 GLU A C   1 
ATOM 793  O O   . GLU A 1 130 ? 6.512   4.781   -13.887 1.00 35.86 ? 300 GLU A O   1 
ATOM 794  C CB  . GLU A 1 130 ? 3.926   6.016   -15.347 1.00 34.79 ? 300 GLU A CB  1 
ATOM 795  C CG  . GLU A 1 130 ? 2.848   5.400   -16.217 1.00 41.91 ? 300 GLU A CG  1 
ATOM 796  C CD  . GLU A 1 130 ? 2.201   6.357   -17.153 1.00 52.83 ? 300 GLU A CD  1 
ATOM 797  O OE1 . GLU A 1 130 ? 2.521   7.576   -17.010 1.00 59.06 ? 300 GLU A OE1 1 
ATOM 798  O OE2 . GLU A 1 130 ? 1.371   5.902   -18.031 1.00 60.70 ? 300 GLU A OE2 1 
ATOM 799  N N   . LYS A 1 131 ? 5.628   6.327   -12.629 1.00 33.89 ? 301 LYS A N   1 
ATOM 800  C CA  . LYS A 1 131 ? 6.876   6.609   -11.952 1.00 34.16 ? 301 LYS A CA  1 
ATOM 801  C C   . LYS A 1 131 ? 7.410   5.439   -11.100 1.00 34.91 ? 301 LYS A C   1 
ATOM 802  O O   . LYS A 1 131 ? 8.600   5.165   -11.083 1.00 37.64 ? 301 LYS A O   1 
ATOM 803  C CB  . LYS A 1 131 ? 6.684   7.876   -11.121 1.00 36.74 ? 301 LYS A CB  1 
ATOM 804  C CG  . LYS A 1 131 ? 6.653   9.136   -11.962 1.00 42.41 ? 301 LYS A CG  1 
ATOM 805  C CD  . LYS A 1 131 ? 6.112   10.347  -11.190 1.00 46.03 ? 301 LYS A CD  1 
ATOM 806  C CE  . LYS A 1 131 ? 6.514   11.658  -11.783 1.00 50.31 ? 301 LYS A CE  1 
ATOM 807  N NZ  . LYS A 1 131 ? 5.957   12.757  -10.910 1.00 51.17 ? 301 LYS A NZ  1 
ATOM 808  N N   . LEU A 1 132 ? 6.519   4.667   -10.460 1.00 34.30 ? 302 LEU A N   1 
ATOM 809  C CA  . LEU A 1 132 ? 6.976   3.553   -9.635  1.00 29.95 ? 302 LEU A CA  1 
ATOM 810  C C   . LEU A 1 132 ? 7.475   2.518   -10.617 1.00 32.09 ? 302 LEU A C   1 
ATOM 811  O O   . LEU A 1 132 ? 8.518   1.898   -10.419 1.00 33.36 ? 302 LEU A O   1 
ATOM 812  C CB  . LEU A 1 132 ? 5.762   3.006   -8.859  1.00 30.20 ? 302 LEU A CB  1 
ATOM 813  C CG  . LEU A 1 132 ? 5.268   3.789   -7.618  1.00 27.80 ? 302 LEU A CG  1 
ATOM 814  C CD1 . LEU A 1 132 ? 3.759   3.454   -7.190  1.00 29.97 ? 302 LEU A CD1 1 
ATOM 815  C CD2 . LEU A 1 132 ? 6.338   3.745   -6.440  1.00 29.87 ? 302 LEU A CD2 1 
ATOM 816  N N   . LYS A 1 133 ? 6.749   2.310   -11.741 1.00 34.61 ? 303 LYS A N   1 
ATOM 817  C CA  . LYS A 1 133 ? 7.200   1.274   -12.657 1.00 35.14 ? 303 LYS A CA  1 
ATOM 818  C C   . LYS A 1 133 ? 8.528   1.717   -13.262 1.00 34.83 ? 303 LYS A C   1 
ATOM 819  O O   . LYS A 1 133 ? 9.396   0.903   -13.480 1.00 36.35 ? 303 LYS A O   1 
ATOM 820  C CB  . LYS A 1 133 ? 6.133   0.961   -13.720 1.00 36.38 ? 303 LYS A CB  1 
ATOM 821  C CG  . LYS A 1 133 ? 4.832   0.375   -13.109 1.00 38.61 ? 303 LYS A CG  1 
ATOM 822  C CD  . LYS A 1 133 ? 3.785   0.035   -14.189 1.00 42.71 ? 303 LYS A CD  1 
ATOM 823  C CE  . LYS A 1 133 ? 2.531   -0.446  -13.574 1.00 46.14 ? 303 LYS A CE  1 
ATOM 824  N NZ  . LYS A 1 133 ? 1.393   -0.604  -14.631 1.00 49.66 ? 303 LYS A NZ  1 
ATOM 825  N N   . ALA A 1 134 ? 8.680   3.008   -13.474 1.00 34.71 ? 304 ALA A N   1 
ATOM 826  C CA  . ALA A 1 134 ? 9.923   3.585   -14.035 1.00 36.40 ? 304 ALA A CA  1 
ATOM 827  C C   . ALA A 1 134 ? 11.135  3.423   -13.155 1.00 35.72 ? 304 ALA A C   1 
ATOM 828  O O   . ALA A 1 134 ? 12.243  3.342   -13.644 1.00 39.59 ? 304 ALA A O   1 
ATOM 829  C CB  . ALA A 1 134 ? 9.743   5.056   -14.368 1.00 36.80 ? 304 ALA A CB  1 
ATOM 830  N N   . LEU A 1 135 ? 10.907  3.349   -11.852 1.00 33.21 ? 305 LEU A N   1 
ATOM 831  C CA  . LEU A 1 135 ? 12.003  3.054   -10.952 1.00 32.54 ? 305 LEU A CA  1 
ATOM 832  C C   . LEU A 1 135 ? 12.237  1.531   -10.766 1.00 31.18 ? 305 LEU A C   1 
ATOM 833  O O   . LEU A 1 135 ? 13.162  1.127   -10.065 1.00 31.98 ? 305 LEU A O   1 
ATOM 834  C CB  . LEU A 1 135 ? 11.636  3.720   -9.627  1.00 31.49 ? 305 LEU A CB  1 
ATOM 835  C CG  . LEU A 1 135 ? 12.238  4.347   -8.425  1.00 36.61 ? 305 LEU A CG  1 
ATOM 836  C CD1 . LEU A 1 135 ? 13.553  4.982   -8.797  1.00 38.64 ? 305 LEU A CD1 1 
ATOM 837  C CD2 . LEU A 1 135 ? 11.036  5.359   -8.038  1.00 35.59 ? 305 LEU A CD2 1 
ATOM 838  N N   . HIS A 1 136 ? 11.353  0.690   -11.382 1.00 29.64 ? 306 HIS A N   1 
ATOM 839  C CA  . HIS A 1 136 ? 11.478  -0.742  -11.335 1.00 33.32 ? 306 HIS A CA  1 
ATOM 840  C C   . HIS A 1 136 ? 11.509  -1.213  -9.893  1.00 30.13 ? 306 HIS A C   1 
ATOM 841  O O   . HIS A 1 136 ? 12.312  -2.079  -9.497  1.00 30.56 ? 306 HIS A O   1 
ATOM 842  C CB  . HIS A 1 136 ? 12.773  -1.182  -11.995 1.00 35.48 ? 306 HIS A CB  1 
ATOM 843  C CG  . HIS A 1 136 ? 12.915  -0.711  -13.395 1.00 38.95 ? 306 HIS A CG  1 
ATOM 844  N ND1 . HIS A 1 136 ? 12.234  -1.275  -14.434 1.00 43.56 ? 306 HIS A ND1 1 
ATOM 845  C CD2 . HIS A 1 136 ? 13.603  0.330   -13.898 1.00 45.05 ? 306 HIS A CD2 1 
ATOM 846  C CE1 . HIS A 1 136 ? 12.584  -0.660  -15.554 1.00 41.40 ? 306 HIS A CE1 1 
ATOM 847  N NE2 . HIS A 1 136 ? 13.400  0.330   -15.249 1.00 44.10 ? 306 HIS A NE2 1 
ATOM 848  N N   . VAL A 1 137 ? 10.596  -0.664  -9.135  1.00 28.57 ? 307 VAL A N   1 
ATOM 849  C CA  . VAL A 1 137 ? 10.395  -1.018  -7.748  1.00 26.62 ? 307 VAL A CA  1 
ATOM 850  C C   . VAL A 1 137 ? 10.193  -2.554  -7.733  1.00 25.39 ? 307 VAL A C   1 
ATOM 851  O O   . VAL A 1 137 ? 9.402   -3.103  -8.509  1.00 26.56 ? 307 VAL A O   1 
ATOM 852  C CB  . VAL A 1 137 ? 9.197   -0.264  -7.186  1.00 25.30 ? 307 VAL A CB  1 
ATOM 853  C CG1 . VAL A 1 137 ? 8.862   -0.769  -5.769  1.00 25.57 ? 307 VAL A CG1 1 
ATOM 854  C CG2 . VAL A 1 137 ? 9.483   1.227   -7.226  1.00 27.10 ? 307 VAL A CG2 1 
ATOM 855  N N   . ASP A 1 138 ? 10.936  -3.238  -6.896  1.00 27.41 ? 308 ASP A N   1 
ATOM 856  C CA  . ASP A 1 138 ? 10.844  -4.639  -6.730  1.00 26.06 ? 308 ASP A CA  1 
ATOM 857  C C   . ASP A 1 138 ? 9.860   -5.111  -5.660  1.00 23.29 ? 308 ASP A C   1 
ATOM 858  O O   . ASP A 1 138 ? 9.322   -4.286  -4.936  1.00 23.51 ? 308 ASP A O   1 
ATOM 859  C CB  . ASP A 1 138 ? 12.207  -5.298  -6.697  1.00 26.42 ? 308 ASP A CB  1 
ATOM 860  C CG  . ASP A 1 138 ? 12.936  -5.189  -5.391  1.00 27.08 ? 308 ASP A CG  1 
ATOM 861  O OD1 . ASP A 1 138 ? 12.226  -5.128  -4.380  1.00 29.71 ? 308 ASP A OD1 1 
ATOM 862  O OD2 . ASP A 1 138 ? 14.208  -5.316  -5.340  1.00 29.96 ? 308 ASP A OD2 1 
ATOM 863  N N   . SER A 1 139 ? 9.620   -6.412  -5.471  1.00 25.21 ? 309 SER A N   1 
ATOM 864  C CA  . SER A 1 139 ? 8.528   -6.873  -4.624  1.00 25.81 ? 309 SER A CA  1 
ATOM 865  C C   . SER A 1 139 ? 8.824   -6.467  -3.155  1.00 24.92 ? 309 SER A C   1 
ATOM 866  O O   . SER A 1 139 ? 7.963   -6.071  -2.346  1.00 25.64 ? 309 SER A O   1 
ATOM 867  C CB  . SER A 1 139 ? 8.228   -8.367  -4.736  1.00 30.28 ? 309 SER A CB  1 
ATOM 868  O OG  . SER A 1 139 ? 9.413   -9.082  -4.635  1.00 40.12 ? 309 SER A OG  1 
ATOM 869  N N   . ALA A 1 140 ? 10.059  -6.635  -2.803  1.00 23.06 ? 310 ALA A N   1 
ATOM 870  C CA  . ALA A 1 140 ? 10.499  -6.281  -1.461  1.00 22.76 ? 310 ALA A CA  1 
ATOM 871  C C   . ALA A 1 140 ? 10.250  -4.823  -1.186  1.00 23.95 ? 310 ALA A C   1 
ATOM 872  O O   . ALA A 1 140 ? 9.842   -4.390  -0.046  1.00 21.95 ? 310 ALA A O   1 
ATOM 873  C CB  . ALA A 1 140 ? 11.935  -6.716  -1.147  1.00 23.95 ? 310 ALA A CB  1 
ATOM 874  N N   . GLU A 1 141 ? 10.674  -4.005  -2.133  1.00 23.45 ? 311 GLU A N   1 
ATOM 875  C CA  . GLU A 1 141 ? 10.591  -2.523  -1.981  1.00 24.83 ? 311 GLU A CA  1 
ATOM 876  C C   . GLU A 1 141 ? 9.117   -2.154  -1.906  1.00 22.84 ? 311 GLU A C   1 
ATOM 877  O O   . GLU A 1 141 ? 8.773   -1.339  -1.112  1.00 22.35 ? 311 GLU A O   1 
ATOM 878  C CB  . GLU A 1 141 ? 11.268  -1.846  -3.161  1.00 25.09 ? 311 GLU A CB  1 
ATOM 879  C CG  . GLU A 1 141 ? 12.788  -2.036  -3.149  1.00 25.06 ? 311 GLU A CG  1 
ATOM 880  C CD  . GLU A 1 141 ? 13.496  -1.563  -4.405  1.00 28.51 ? 311 GLU A CD  1 
ATOM 881  O OE1 . GLU A 1 141 ? 12.805  -1.636  -5.479  1.00 27.78 ? 311 GLU A OE1 1 
ATOM 882  O OE2 . GLU A 1 141 ? 14.635  -1.072  -4.297  1.00 27.35 ? 311 GLU A OE2 1 
ATOM 883  N N   . TYR A 1 142 ? 8.255   -2.754  -2.705  1.00 23.24 ? 312 TYR A N   1 
ATOM 884  C CA  . TYR A 1 142 ? 6.814   -2.516  -2.612  1.00 19.18 ? 312 TYR A CA  1 
ATOM 885  C C   . TYR A 1 142 ? 6.282   -2.791  -1.196  1.00 21.24 ? 312 TYR A C   1 
ATOM 886  O O   . TYR A 1 142 ? 5.546   -1.999  -0.635  1.00 22.54 ? 312 TYR A O   1 
ATOM 887  C CB  . TYR A 1 142 ? 6.005   -3.313  -3.643  1.00 21.28 ? 312 TYR A CB  1 
ATOM 888  C CG  . TYR A 1 142 ? 5.908   -2.577  -4.996  1.00 22.07 ? 312 TYR A CG  1 
ATOM 889  C CD1 . TYR A 1 142 ? 5.260   -1.339  -5.145  1.00 22.62 ? 312 TYR A CD1 1 
ATOM 890  C CD2 . TYR A 1 142 ? 6.379   -3.165  -6.161  1.00 22.15 ? 312 TYR A CD2 1 
ATOM 891  C CE1 . TYR A 1 142 ? 5.231   -0.718  -6.373  1.00 25.48 ? 312 TYR A CE1 1 
ATOM 892  C CE2 . TYR A 1 142 ? 6.269   -2.607  -7.410  1.00 25.81 ? 312 TYR A CE2 1 
ATOM 893  C CZ  . TYR A 1 142 ? 5.683   -1.363  -7.535  1.00 23.46 ? 312 TYR A CZ  1 
ATOM 894  O OH  . TYR A 1 142 ? 5.664   -0.658  -8.683  1.00 30.31 ? 312 TYR A OH  1 
ATOM 895  N N   . SER A 1 143 ? 6.638   -3.950  -0.654  1.00 22.33 ? 313 SER A N   1 
ATOM 896  C CA  . SER A 1 143 ? 6.093   -4.368  0.606   1.00 21.83 ? 313 SER A CA  1 
ATOM 897  C C   . SER A 1 143 ? 6.593   -3.386  1.689   1.00 20.66 ? 313 SER A C   1 
ATOM 898  O O   . SER A 1 143 ? 5.872   -3.032  2.587   1.00 21.81 ? 313 SER A O   1 
ATOM 899  C CB  . SER A 1 143 ? 6.405   -5.811  0.996   1.00 24.67 ? 313 SER A CB  1 
ATOM 900  O OG  . SER A 1 143 ? 5.828   -6.750  0.046   1.00 32.17 ? 313 SER A OG  1 
ATOM 901  N N   . CYS A 1 144 ? 7.899   -2.975  1.661   1.00 21.05 ? 314 CYS A N   1 
ATOM 902  C CA  . CYS A 1 144 ? 8.398   -1.937  2.573   1.00 21.95 ? 314 CYS A CA  1 
ATOM 903  C C   . CYS A 1 144 ? 7.683   -0.630  2.422   1.00 20.66 ? 314 CYS A C   1 
ATOM 904  O O   . CYS A 1 144 ? 7.432   0.010   3.419   1.00 19.17 ? 314 CYS A O   1 
ATOM 905  C CB  . CYS A 1 144 ? 9.891   -1.698  2.468   1.00 22.90 ? 314 CYS A CB  1 
ATOM 906  S SG  . CYS A 1 144 ? 10.929  -3.174  2.933   1.00 24.66 ? 314 CYS A SG  1 
ATOM 907  N N   . LEU A 1 145 ? 7.503   -0.142  1.218   1.00 19.77 ? 315 LEU A N   1 
ATOM 908  C CA  . LEU A 1 145 ? 6.835   1.108   0.991   1.00 19.32 ? 315 LEU A CA  1 
ATOM 909  C C   . LEU A 1 145 ? 5.426   1.043   1.501   1.00 18.41 ? 315 LEU A C   1 
ATOM 910  O O   . LEU A 1 145 ? 4.967   2.006   2.129   1.00 20.03 ? 315 LEU A O   1 
ATOM 911  C CB  . LEU A 1 145 ? 6.895   1.552   -0.465  1.00 22.01 ? 315 LEU A CB  1 
ATOM 912  C CG  . LEU A 1 145 ? 8.230   1.972   -1.099  1.00 23.80 ? 315 LEU A CG  1 
ATOM 913  C CD1 . LEU A 1 145 ? 7.990   2.070   -2.708  1.00 29.43 ? 315 LEU A CD1 1 
ATOM 914  C CD2 . LEU A 1 145 ? 8.722   3.319   -0.455  1.00 21.91 ? 315 LEU A CD2 1 
ATOM 915  N N   . LYS A 1 146 ? 4.733   -0.081  1.302   1.00 19.04 ? 316 LYS A N   1 
ATOM 916  C CA  . LYS A 1 146 ? 3.388   -0.163  1.837   1.00 18.76 ? 316 LYS A CA  1 
ATOM 917  C C   . LYS A 1 146 ? 3.415   -0.084  3.392   1.00 18.26 ? 316 LYS A C   1 
ATOM 918  O O   . LYS A 1 146 ? 2.513   0.557   4.007   1.00 19.79 ? 316 LYS A O   1 
ATOM 919  C CB  . LYS A 1 146 ? 2.718   -1.433  1.363   1.00 21.47 ? 316 LYS A CB  1 
ATOM 920  C CG  . LYS A 1 146 ? 2.267   -1.621  -0.081  1.00 22.94 ? 316 LYS A CG  1 
ATOM 921  C CD  . LYS A 1 146 ? 1.698   -3.020  -0.214  1.00 25.23 ? 316 LYS A CD  1 
ATOM 922  C CE  . LYS A 1 146 ? 2.183   -3.494  -1.421  1.00 27.32 ? 316 LYS A CE  1 
ATOM 923  N NZ  . LYS A 1 146 ? 1.739   -4.769  -2.167  1.00 33.48 ? 316 LYS A NZ  1 
ATOM 924  N N   . ALA A 1 147 ? 4.383   -0.748  4.021   1.00 17.49 ? 317 ALA A N   1 
ATOM 925  C CA  . ALA A 1 147 ? 4.492   -0.625  5.502   1.00 17.20 ? 317 ALA A CA  1 
ATOM 926  C C   . ALA A 1 147 ? 4.795   0.809   6.007   1.00 17.59 ? 317 ALA A C   1 
ATOM 927  O O   . ALA A 1 147 ? 4.249   1.342   6.974   1.00 20.49 ? 317 ALA A O   1 
ATOM 928  C CB  . ALA A 1 147 ? 5.541   -1.588  6.085   1.00 18.85 ? 317 ALA A CB  1 
ATOM 929  N N   . ILE A 1 148 ? 5.737   1.485   5.286   1.00 19.58 ? 318 ILE A N   1 
ATOM 930  C CA  . ILE A 1 148 ? 6.058   2.840   5.619   1.00 18.49 ? 318 ILE A CA  1 
ATOM 931  C C   . ILE A 1 148 ? 4.776   3.764   5.483   1.00 15.84 ? 318 ILE A C   1 
ATOM 932  O O   . ILE A 1 148 ? 4.554   4.616   6.289   1.00 19.68 ? 318 ILE A O   1 
ATOM 933  C CB  . ILE A 1 148 ? 7.205   3.391   4.711   1.00 19.10 ? 318 ILE A CB  1 
ATOM 934  C CG1 . ILE A 1 148 ? 8.559   2.637   4.943   1.00 19.72 ? 318 ILE A CG1 1 
ATOM 935  C CG2 . ILE A 1 148 ? 7.376   4.878   5.044   1.00 19.53 ? 318 ILE A CG2 1 
ATOM 936  C CD1 . ILE A 1 148 ? 9.618   2.765   3.964   1.00 22.27 ? 318 ILE A CD1 1 
ATOM 937  N N   . VAL A 1 149 ? 4.006   3.559   4.394   1.00 18.91 ? 319 VAL A N   1 
ATOM 938  C CA  . VAL A 1 149 ? 2.785   4.308   4.150   1.00 18.23 ? 319 VAL A CA  1 
ATOM 939  C C   . VAL A 1 149 ? 1.786   3.980   5.259   1.00 20.53 ? 319 VAL A C   1 
ATOM 940  O O   . VAL A 1 149 ? 1.154   4.886   5.815   1.00 20.03 ? 319 VAL A O   1 
ATOM 941  C CB  . VAL A 1 149 ? 2.139   3.855   2.781   1.00 19.46 ? 319 VAL A CB  1 
ATOM 942  C CG1 . VAL A 1 149 ? 0.691   4.037   2.709   1.00 22.46 ? 319 VAL A CG1 1 
ATOM 943  C CG2 . VAL A 1 149 ? 2.935   4.594   1.638   1.00 22.39 ? 319 VAL A CG2 1 
ATOM 944  N N   . LEU A 1 150 ? 1.633   2.693   5.587   1.00 19.45 ? 320 LEU A N   1 
ATOM 945  C CA  . LEU A 1 150 ? 0.562   2.324   6.590   1.00 19.51 ? 320 LEU A CA  1 
ATOM 946  C C   . LEU A 1 150 ? 0.860   2.856   7.990   1.00 19.61 ? 320 LEU A C   1 
ATOM 947  O O   . LEU A 1 150 ? -0.076  3.241   8.662   1.00 21.32 ? 320 LEU A O   1 
ATOM 948  C CB  . LEU A 1 150 ? 0.535   0.817   6.685   1.00 19.99 ? 320 LEU A CB  1 
ATOM 949  C CG  . LEU A 1 150 ? -0.548  0.176   7.477   1.00 21.89 ? 320 LEU A CG  1 
ATOM 950  C CD1 . LEU A 1 150 ? -1.897  0.598   7.105   1.00 23.19 ? 320 LEU A CD1 1 
ATOM 951  C CD2 . LEU A 1 150 ? -0.409  -1.427  7.326   1.00 23.89 ? 320 LEU A CD2 1 
ATOM 952  N N   . PHE A 1 151 ? 2.138   2.754   8.429   1.00 19.37 ? 321 PHE A N   1 
ATOM 953  C CA  . PHE A 1 151 ? 2.509   3.147   9.792   1.00 19.18 ? 321 PHE A CA  1 
ATOM 954  C C   . PHE A 1 151 ? 2.741   4.660   9.875   1.00 19.69 ? 321 PHE A C   1 
ATOM 955  O O   . PHE A 1 151 ? 3.775   5.095   10.308  1.00 23.76 ? 321 PHE A O   1 
ATOM 956  C CB  . PHE A 1 151 ? 3.667   2.337   10.347  1.00 18.59 ? 321 PHE A CB  1 
ATOM 957  C CG  . PHE A 1 151 ? 3.428   0.876   10.494  1.00 19.29 ? 321 PHE A CG  1 
ATOM 958  C CD1 . PHE A 1 151 ? 2.333   0.394   11.204  1.00 18.40 ? 321 PHE A CD1 1 
ATOM 959  C CD2 . PHE A 1 151 ? 4.218   -0.054  9.889   1.00 19.79 ? 321 PHE A CD2 1 
ATOM 960  C CE1 . PHE A 1 151 ? 2.120   -0.916  11.372  1.00 19.84 ? 321 PHE A CE1 1 
ATOM 961  C CE2 . PHE A 1 151 ? 4.062   -1.439  10.089  1.00 21.08 ? 321 PHE A CE2 1 
ATOM 962  C CZ  . PHE A 1 151 ? 2.913   -1.862  10.803  1.00 18.67 ? 321 PHE A CZ  1 
ATOM 963  N N   . THR A 1 152 ? 1.769   5.413   9.475   1.00 22.27 ? 322 THR A N   1 
ATOM 964  C CA  . THR A 1 152 ? 1.903   6.920   9.493   1.00 22.67 ? 322 THR A CA  1 
ATOM 965  C C   . THR A 1 152 ? 1.231   7.576   10.670  1.00 23.58 ? 322 THR A C   1 
ATOM 966  O O   . THR A 1 152 ? 0.068   7.316   11.010  1.00 24.33 ? 322 THR A O   1 
ATOM 967  C CB  . THR A 1 152 ? 1.290   7.573   8.180   1.00 23.76 ? 322 THR A CB  1 
ATOM 968  O OG1 . THR A 1 152 ? 1.478   8.988   8.273   1.00 23.62 ? 322 THR A OG1 1 
ATOM 969  C CG2 . THR A 1 152 ? -0.217  7.172   7.914   1.00 25.93 ? 322 THR A CG2 1 
ATOM 970  N N   . SER A 1 153 ? 2.048   8.345   11.323  1.00 25.38 ? 323 SER A N   1 
ATOM 971  C CA  . SER A 1 153 ? 1.530   9.102   12.479  1.00 25.48 ? 323 SER A CA  1 
ATOM 972  C C   . SER A 1 153 ? 0.646   10.310  12.056  1.00 25.76 ? 323 SER A C   1 
ATOM 973  O O   . SER A 1 153 ? 0.201   11.081  12.910  1.00 31.97 ? 323 SER A O   1 
ATOM 974  C CB  . SER A 1 153 ? 2.536   9.644   13.558  1.00 29.68 ? 323 SER A CB  1 
ATOM 975  O OG  . SER A 1 153 ? 3.580   10.281  12.860  1.00 32.53 ? 323 SER A OG  1 
ATOM 976  N N   . ASP A 1 154 ? 0.418   10.468  10.732  1.00 24.18 ? 324 ASP A N   1 
ATOM 977  C CA  . ASP A 1 154 ? -0.474  11.488  10.319  1.00 26.20 ? 324 ASP A CA  1 
ATOM 978  C C   . ASP A 1 154 ? -1.952  11.164  10.508  1.00 28.42 ? 324 ASP A C   1 
ATOM 979  O O   . ASP A 1 154 ? -2.812  12.042  10.409  1.00 31.75 ? 324 ASP A O   1 
ATOM 980  C CB  . ASP A 1 154 ? -0.160  11.839  8.907   1.00 27.49 ? 324 ASP A CB  1 
ATOM 981  C CG  . ASP A 1 154 ? 1.183   12.479  8.748   1.00 29.19 ? 324 ASP A CG  1 
ATOM 982  O OD1 . ASP A 1 154 ? 1.772   13.067  9.749   1.00 36.38 ? 324 ASP A OD1 1 
ATOM 983  O OD2 . ASP A 1 154 ? 1.738   12.228  7.657   1.00 32.16 ? 324 ASP A OD2 1 
ATOM 984  N N   . ALA A 1 155 ? -2.277  9.899   10.780  1.00 26.47 ? 325 ALA A N   1 
ATOM 985  C CA  . ALA A 1 155 ? -3.676  9.522   10.897  1.00 28.27 ? 325 ALA A CA  1 
ATOM 986  C C   . ALA A 1 155 ? -4.252  10.172  12.090  1.00 31.49 ? 325 ALA A C   1 
ATOM 987  O O   . ALA A 1 155 ? -3.644  10.182  13.095  1.00 31.31 ? 325 ALA A O   1 
ATOM 988  C CB  . ALA A 1 155 ? -3.817  8.033   11.016  1.00 27.41 ? 325 ALA A CB  1 
ATOM 989  N N   . CYS A 1 156 ? -5.467  10.655  11.948  1.00 37.02 ? 326 CYS A N   1 
ATOM 990  C CA  . CYS A 1 156 ? -6.272  11.219  13.016  1.00 38.42 ? 326 CYS A CA  1 
ATOM 991  C C   . CYS A 1 156 ? -6.716  10.166  13.997  1.00 36.41 ? 326 CYS A C   1 
ATOM 992  O O   . CYS A 1 156 ? -7.106  9.085   13.579  1.00 39.80 ? 326 CYS A O   1 
ATOM 993  C CB  . CYS A 1 156 ? -7.479  11.971  12.370  1.00 38.73 ? 326 CYS A CB  1 
ATOM 994  S SG  A CYS A 1 156 ? -8.734  12.852  13.338  0.50 44.75 ? 326 CYS A SG  1 
ATOM 995  S SG  B CYS A 1 156 ? -6.900  13.746  12.032  0.50 44.00 ? 326 CYS A SG  1 
ATOM 996  N N   . GLY A 1 157 ? -6.604  10.453  15.307  1.00 35.95 ? 327 GLY A N   1 
ATOM 997  C CA  . GLY A 1 157 ? -7.205  9.651   16.341  1.00 35.51 ? 327 GLY A CA  1 
ATOM 998  C C   . GLY A 1 157 ? -6.385  8.509   16.869  1.00 34.50 ? 327 GLY A C   1 
ATOM 999  O O   . GLY A 1 157 ? -6.912  7.552   17.457  1.00 36.64 ? 327 GLY A O   1 
ATOM 1000 N N   . LEU A 1 158 ? -5.099  8.466   16.559  1.00 33.66 ? 328 LEU A N   1 
ATOM 1001 C CA  . LEU A 1 158 ? -4.250  7.410   17.104  1.00 29.75 ? 328 LEU A CA  1 
ATOM 1002 C C   . LEU A 1 158 ? -4.046  7.388   18.588  1.00 30.71 ? 328 LEU A C   1 
ATOM 1003 O O   . LEU A 1 158 ? -3.728  8.440   19.247  1.00 33.17 ? 328 LEU A O   1 
ATOM 1004 C CB  . LEU A 1 158 ? -2.813  7.463   16.466  1.00 28.97 ? 328 LEU A CB  1 
ATOM 1005 C CG  . LEU A 1 158 ? -2.683  7.098   15.038  1.00 25.78 ? 328 LEU A CG  1 
ATOM 1006 C CD1 . LEU A 1 158 ? -1.298  7.404   14.584  1.00 29.70 ? 328 LEU A CD1 1 
ATOM 1007 C CD2 . LEU A 1 158 ? -3.223  5.637   14.774  1.00 29.07 ? 328 LEU A CD2 1 
ATOM 1008 N N   . SER A 1 159 ? -4.027  6.245   19.144  1.00 32.75 ? 329 SER A N   1 
ATOM 1009 C CA  . SER A 1 159 ? -3.904  6.113   20.592  1.00 35.24 ? 329 SER A CA  1 
ATOM 1010 C C   . SER A 1 159 ? -2.466  5.953   21.060  1.00 36.38 ? 329 SER A C   1 
ATOM 1011 O O   . SER A 1 159 ? -2.159  6.142   22.254  1.00 39.29 ? 329 SER A O   1 
ATOM 1012 C CB  . SER A 1 159 ? -4.654  4.892   21.037  1.00 36.15 ? 329 SER A CB  1 
ATOM 1013 O OG  . SER A 1 159 ? -3.823  3.751   20.902  1.00 38.31 ? 329 SER A OG  1 
ATOM 1014 N N   . ASP A 1 160 ? -1.641  5.484   20.164  1.00 35.59 ? 330 ASP A N   1 
ATOM 1015 C CA  . ASP A 1 160 ? -0.213  5.254   20.482  1.00 36.90 ? 330 ASP A CA  1 
ATOM 1016 C C   . ASP A 1 160 ? 0.674   5.626   19.335  1.00 34.04 ? 330 ASP A C   1 
ATOM 1017 O O   . ASP A 1 160 ? 1.173   4.799   18.581  1.00 32.83 ? 330 ASP A O   1 
ATOM 1018 C CB  . ASP A 1 160 ? 0.060   3.898   20.998  1.00 38.32 ? 330 ASP A CB  1 
ATOM 1019 C CG  . ASP A 1 160 ? 1.481   3.736   21.610  1.00 40.23 ? 330 ASP A CG  1 
ATOM 1020 O OD1 . ASP A 1 160 ? 2.443   4.569   21.589  1.00 37.10 ? 330 ASP A OD1 1 
ATOM 1021 O OD2 . ASP A 1 160 ? 1.650   2.617   22.134  1.00 46.74 ? 330 ASP A OD2 1 
ATOM 1022 N N   . VAL A 1 161 ? 0.867   6.926   19.288  1.00 32.61 ? 331 VAL A N   1 
ATOM 1023 C CA  . VAL A 1 161 ? 1.576   7.543   18.197  1.00 30.25 ? 331 VAL A CA  1 
ATOM 1024 C C   . VAL A 1 161 ? 3.026   7.131   18.237  1.00 27.85 ? 331 VAL A C   1 
ATOM 1025 O O   . VAL A 1 161 ? 3.584   6.846   17.188  1.00 25.47 ? 331 VAL A O   1 
ATOM 1026 C CB  . VAL A 1 161 ? 1.435   9.041   18.220  1.00 30.26 ? 331 VAL A CB  1 
ATOM 1027 C CG1 . VAL A 1 161 ? 2.562   9.677   17.451  1.00 34.50 ? 331 VAL A CG1 1 
ATOM 1028 C CG2 . VAL A 1 161 ? 0.022   9.458   17.756  1.00 32.77 ? 331 VAL A CG2 1 
ATOM 1029 N N   . ALA A 1 162 ? 3.638   7.067   19.439  1.00 28.08 ? 332 ALA A N   1 
ATOM 1030 C CA  . ALA A 1 162 ? 5.045   6.673   19.491  1.00 27.92 ? 332 ALA A CA  1 
ATOM 1031 C C   . ALA A 1 162 ? 5.271   5.320   18.928  1.00 25.63 ? 332 ALA A C   1 
ATOM 1032 O O   . ALA A 1 162 ? 6.272   5.059   18.303  1.00 26.29 ? 332 ALA A O   1 
ATOM 1033 C CB  . ALA A 1 162 ? 5.562   6.793   21.001  1.00 29.07 ? 332 ALA A CB  1 
ATOM 1034 N N   . HIS A 1 163 ? 4.369   4.391   19.225  1.00 25.10 ? 333 HIS A N   1 
ATOM 1035 C CA  . HIS A 1 163 ? 4.540   3.010   18.738  1.00 23.47 ? 333 HIS A CA  1 
ATOM 1036 C C   . HIS A 1 163 ? 4.441   2.921   17.204  1.00 23.17 ? 333 HIS A C   1 
ATOM 1037 O O   . HIS A 1 163 ? 5.312   2.314   16.558  1.00 23.80 ? 333 HIS A O   1 
ATOM 1038 C CB  . HIS A 1 163 ? 3.564   2.063   19.417  1.00 24.06 ? 333 HIS A CB  1 
ATOM 1039 C CG  . HIS A 1 163 ? 3.648   0.658   18.980  1.00 25.54 ? 333 HIS A CG  1 
ATOM 1040 N ND1 . HIS A 1 163 ? 4.753   -0.139  19.123  1.00 26.65 ? 333 HIS A ND1 1 
ATOM 1041 C CD2 . HIS A 1 163 ? 2.663   -0.144  18.502  1.00 28.02 ? 333 HIS A CD2 1 
ATOM 1042 C CE1 . HIS A 1 163 ? 4.485   -1.315  18.546  1.00 27.93 ? 333 HIS A CE1 1 
ATOM 1043 N NE2 . HIS A 1 163 ? 3.220   -1.361  18.197  1.00 26.14 ? 333 HIS A NE2 1 
ATOM 1044 N N   . VAL A 1 164 ? 3.476   3.635   16.627  1.00 23.94 ? 334 VAL A N   1 
ATOM 1045 C CA  . VAL A 1 164 ? 3.335   3.673   15.209  1.00 24.61 ? 334 VAL A CA  1 
ATOM 1046 C C   . VAL A 1 164 ? 4.569   4.303   14.549  1.00 21.04 ? 334 VAL A C   1 
ATOM 1047 O O   . VAL A 1 164 ? 5.071   3.793   13.575  1.00 21.72 ? 334 VAL A O   1 
ATOM 1048 C CB  . VAL A 1 164 ? 2.041   4.345   14.745  1.00 23.89 ? 334 VAL A CB  1 
ATOM 1049 C CG1 . VAL A 1 164 ? 1.981   4.584   13.190  1.00 23.78 ? 334 VAL A CG1 1 
ATOM 1050 C CG2 . VAL A 1 164 ? 0.798   3.456   15.213  1.00 26.77 ? 334 VAL A CG2 1 
ATOM 1051 N N   . GLU A 1 165 ? 5.068   5.381   15.135  1.00 22.38 ? 335 GLU A N   1 
ATOM 1052 C CA  . GLU A 1 165 ? 6.300   5.959   14.628  1.00 22.70 ? 335 GLU A CA  1 
ATOM 1053 C C   . GLU A 1 165 ? 7.443   5.007   14.641  1.00 20.58 ? 335 GLU A C   1 
ATOM 1054 O O   . GLU A 1 165 ? 8.267   5.000   13.693  1.00 21.97 ? 335 GLU A O   1 
ATOM 1055 C CB  . GLU A 1 165 ? 6.583   7.258   15.384  1.00 22.60 ? 335 GLU A CB  1 
ATOM 1056 C CG  . GLU A 1 165 ? 5.654   8.362   14.988  1.00 28.38 ? 335 GLU A CG  1 
ATOM 1057 C CD  . GLU A 1 165 ? 5.870   9.715   15.566  1.00 35.78 ? 335 GLU A CD  1 
ATOM 1058 O OE1 . GLU A 1 165 ? 6.575   9.824   16.522  1.00 48.08 ? 335 GLU A OE1 1 
ATOM 1059 O OE2 . GLU A 1 165 ? 5.252   10.707  15.081  1.00 41.92 ? 335 GLU A OE2 1 
ATOM 1060 N N   . SER A 1 166 ? 7.569   4.274   15.742  1.00 22.64 ? 336 SER A N   1 
ATOM 1061 C CA  . SER A 1 166 ? 8.622   3.242   15.877  1.00 23.35 ? 336 SER A CA  1 
ATOM 1062 C C   . SER A 1 166 ? 8.493   2.222   14.781  1.00 21.06 ? 336 SER A C   1 
ATOM 1063 O O   . SER A 1 166 ? 9.503   1.681   14.272  1.00 21.63 ? 336 SER A O   1 
ATOM 1064 C CB  . SER A 1 166 ? 8.695   2.632   17.218  1.00 23.96 ? 336 SER A CB  1 
ATOM 1065 O OG  . SER A 1 166 ? 8.937   3.660   18.119  1.00 36.58 ? 336 SER A OG  1 
ATOM 1066 N N   . LEU A 1 167 ? 7.250   1.844   14.450  1.00 21.58 ? 337 LEU A N   1 
ATOM 1067 C CA  . LEU A 1 167 ? 7.044   0.858   13.423  1.00 19.31 ? 337 LEU A CA  1 
ATOM 1068 C C   . LEU A 1 167 ? 7.423   1.429   12.031  1.00 19.89 ? 337 LEU A C   1 
ATOM 1069 O O   . LEU A 1 167 ? 7.987   0.747   11.190  1.00 20.88 ? 337 LEU A O   1 
ATOM 1070 C CB  . LEU A 1 167 ? 5.635   0.353   13.446  1.00 19.39 ? 337 LEU A CB  1 
ATOM 1071 C CG  . LEU A 1 167 ? 5.239   -0.500  14.620  1.00 20.32 ? 337 LEU A CG  1 
ATOM 1072 C CD1 . LEU A 1 167 ? 3.683   -0.797  14.630  1.00 23.75 ? 337 LEU A CD1 1 
ATOM 1073 C CD2 . LEU A 1 167 ? 6.080   -1.729  14.660  1.00 24.93 ? 337 LEU A CD2 1 
ATOM 1074 N N   . GLN A 1 168 ? 7.098   2.701   11.808  1.00 19.95 ? 338 GLN A N   1 
ATOM 1075 C CA  . GLN A 1 168 ? 7.534   3.319   10.569  1.00 20.04 ? 338 GLN A CA  1 
ATOM 1076 C C   . GLN A 1 168 ? 9.016   3.426   10.466  1.00 20.09 ? 338 GLN A C   1 
ATOM 1077 O O   . GLN A 1 168 ? 9.558   3.197   9.391   1.00 19.89 ? 338 GLN A O   1 
ATOM 1078 C CB  . GLN A 1 168 ? 6.947   4.682   10.367  1.00 20.84 ? 338 GLN A CB  1 
ATOM 1079 C CG  . GLN A 1 168 ? 6.967   5.198   8.905   1.00 22.85 ? 338 GLN A CG  1 
ATOM 1080 C CD  . GLN A 1 168 ? 6.421   6.579   8.726   1.00 21.94 ? 338 GLN A CD  1 
ATOM 1081 O OE1 . GLN A 1 168 ? 6.824   7.536   9.526   1.00 26.45 ? 338 GLN A OE1 1 
ATOM 1082 N NE2 . GLN A 1 168 ? 5.613   6.780   7.751   1.00 23.34 ? 338 GLN A NE2 1 
ATOM 1083 N N   . GLU A 1 169 ? 9.708   3.721   11.582  1.00 20.13 ? 339 GLU A N   1 
ATOM 1084 C CA  . GLU A 1 169 ? 11.161  3.783   11.660  1.00 19.86 ? 339 GLU A CA  1 
ATOM 1085 C C   . GLU A 1 169 ? 11.750  2.411   11.331  1.00 21.68 ? 339 GLU A C   1 
ATOM 1086 O O   . GLU A 1 169 ? 12.711  2.243   10.522  1.00 22.03 ? 339 GLU A O   1 
ATOM 1087 C CB  . GLU A 1 169 ? 11.637  4.308   13.005  1.00 22.85 ? 339 GLU A CB  1 
ATOM 1088 C CG  . GLU A 1 169 ? 13.139  4.118   13.028  1.00 27.32 ? 339 GLU A CG  1 
ATOM 1089 C CD  . GLU A 1 169 ? 13.897  4.914   13.828  1.00 39.61 ? 339 GLU A CD  1 
ATOM 1090 O OE1 . GLU A 1 169 ? 13.479  5.178   14.937  1.00 47.14 ? 339 GLU A OE1 1 
ATOM 1091 O OE2 . GLU A 1 169 ? 15.002  5.208   13.279  1.00 45.75 ? 339 GLU A OE2 1 
ATOM 1092 N N   . LYS A 1 170 ? 11.210  1.367   11.924  1.00 20.56 ? 340 LYS A N   1 
ATOM 1093 C CA  . LYS A 1 170 ? 11.663  0.004   11.563  1.00 19.47 ? 340 LYS A CA  1 
ATOM 1094 C C   . LYS A 1 170 ? 11.549  -0.331  10.091  1.00 20.49 ? 340 LYS A C   1 
ATOM 1095 O O   . LYS A 1 170 ? 12.454  -0.859  9.450   1.00 20.31 ? 340 LYS A O   1 
ATOM 1096 C CB  . LYS A 1 170 ? 10.918  -0.980  12.372  1.00 20.74 ? 340 LYS A CB  1 
ATOM 1097 C CG  . LYS A 1 170 ? 11.448  -2.428  12.220  1.00 20.83 ? 340 LYS A CG  1 
ATOM 1098 C CD  . LYS A 1 170 ? 10.579  -3.460  12.876  1.00 26.30 ? 340 LYS A CD  1 
ATOM 1099 C CE  . LYS A 1 170 ? 10.434  -3.266  14.304  1.00 33.11 ? 340 LYS A CE  1 
ATOM 1100 N NZ  . LYS A 1 170 ? 11.742  -3.444  14.962  1.00 41.06 ? 340 LYS A NZ  1 
ATOM 1101 N N   . SER A 1 171 ? 10.411  0.140   9.504   1.00 19.65 ? 341 SER A N   1 
ATOM 1102 C CA  . SER A 1 171 ? 10.108  -0.155  8.104   1.00 18.59 ? 341 SER A CA  1 
ATOM 1103 C C   . SER A 1 171 ? 11.107  0.611   7.190   1.00 20.14 ? 341 SER A C   1 
ATOM 1104 O O   . SER A 1 171 ? 11.526  0.116   6.217   1.00 19.84 ? 341 SER A O   1 
ATOM 1105 C CB  . SER A 1 171 ? 8.660   0.206   7.870   1.00 19.90 ? 341 SER A CB  1 
ATOM 1106 O OG  . SER A 1 171 ? 7.760   -0.579  8.650   1.00 18.90 ? 341 SER A OG  1 
ATOM 1107 N N   . GLN A 1 172 ? 11.380  1.839   7.493   1.00 20.05 ? 342 GLN A N   1 
ATOM 1108 C CA  . GLN A 1 172 ? 12.288  2.615   6.715   1.00 19.33 ? 342 GLN A CA  1 
ATOM 1109 C C   . GLN A 1 172 ? 13.722  2.136   6.868   1.00 21.15 ? 342 GLN A C   1 
ATOM 1110 O O   . GLN A 1 172 ? 14.416  2.108   5.841   1.00 21.70 ? 342 GLN A O   1 
ATOM 1111 C CB  . GLN A 1 172 ? 12.076  4.065   6.801   1.00 24.37 ? 342 GLN A CB  1 
ATOM 1112 C CG  . GLN A 1 172 ? 12.437  4.601   7.980   1.00 23.64 ? 342 GLN A CG  1 
ATOM 1113 C CD  . GLN A 1 172 ? 13.761  5.468   7.926   1.00 24.02 ? 342 GLN A CD  1 
ATOM 1114 O OE1 . GLN A 1 172 ? 13.995  6.295   8.792   1.00 34.68 ? 342 GLN A OE1 1 
ATOM 1115 N NE2 . GLN A 1 172 ? 14.601  5.138   7.032   1.00 25.88 ? 342 GLN A NE2 1 
ATOM 1116 N N   . CYS A 1 173 ? 14.113  1.714   8.077   1.00 22.60 ? 343 CYS A N   1 
ATOM 1117 C CA  . CYS A 1 173 ? 15.444  1.256   8.395   1.00 23.99 ? 343 CYS A CA  1 
ATOM 1118 C C   . CYS A 1 173 ? 15.617  -0.125  7.582   1.00 23.53 ? 343 CYS A C   1 
ATOM 1119 O O   . CYS A 1 173 ? 16.620  -0.387  6.896   1.00 23.22 ? 343 CYS A O   1 
ATOM 1120 C CB  . CYS A 1 173 ? 15.803  1.526   10.055  1.00 25.76 ? 343 CYS A CB  1 
ATOM 1121 S SG  . CYS A 1 173 ? 17.095  0.548   9.997   1.00 40.01 ? 343 CYS A SG  1 
ATOM 1122 N N   . ALA A 1 174 ? 14.558  -0.959  7.559   1.00 22.43 ? 344 ALA A N   1 
ATOM 1123 C CA  . ALA A 1 174 ? 14.529  -2.217  6.769   1.00 22.95 ? 344 ALA A CA  1 
ATOM 1124 C C   . ALA A 1 174 ? 14.749  -1.955  5.252   1.00 22.71 ? 344 ALA A C   1 
ATOM 1125 O O   . ALA A 1 174 ? 15.543  -2.605  4.554   1.00 24.23 ? 344 ALA A O   1 
ATOM 1126 C CB  . ALA A 1 174 ? 13.253  -3.017  7.019   1.00 23.32 ? 344 ALA A CB  1 
ATOM 1127 N N   . LEU A 1 175 ? 13.983  -0.977  4.751   1.00 20.43 ? 345 LEU A N   1 
ATOM 1128 C CA  . LEU A 1 175 ? 14.092  -0.596  3.395   1.00 19.50 ? 345 LEU A CA  1 
ATOM 1129 C C   . LEU A 1 175 ? 15.495  -0.133  3.020   1.00 21.47 ? 345 LEU A C   1 
ATOM 1130 O O   . LEU A 1 175 ? 16.036  -0.497  1.978   1.00 21.53 ? 345 LEU A O   1 
ATOM 1131 C CB  . LEU A 1 175 ? 13.052  0.430   2.938   1.00 20.74 ? 345 LEU A CB  1 
ATOM 1132 C CG  . LEU A 1 175 ? 13.121  0.832   1.498   1.00 21.76 ? 345 LEU A CG  1 
ATOM 1133 C CD1 . LEU A 1 175 ? 12.916  -0.326  0.530   1.00 22.38 ? 345 LEU A CD1 1 
ATOM 1134 C CD2 . LEU A 1 175 ? 12.109  1.993   1.158   1.00 23.07 ? 345 LEU A CD2 1 
ATOM 1135 N N   . GLU A 1 176 ? 16.018  0.746   3.803   1.00 21.64 ? 346 GLU A N   1 
ATOM 1136 C CA  . GLU A 1 176 ? 17.367  1.293   3.601   1.00 23.45 ? 346 GLU A CA  1 
ATOM 1137 C C   . GLU A 1 176 ? 18.405  0.201   3.518   1.00 25.14 ? 346 GLU A C   1 
ATOM 1138 O O   . GLU A 1 176 ? 19.272  0.131   2.572   1.00 26.52 ? 346 GLU A O   1 
ATOM 1139 C CB  . GLU A 1 176 ? 17.809  2.253   4.666   1.00 24.99 ? 346 GLU A CB  1 
ATOM 1140 C CG  . GLU A 1 176 ? 19.006  3.040   4.285   1.00 29.02 ? 346 GLU A CG  1 
ATOM 1141 C CD  . GLU A 1 176 ? 20.265  2.433   4.555   1.00 38.82 ? 346 GLU A CD  1 
ATOM 1142 O OE1 . GLU A 1 176 ? 20.357  1.787   5.628   1.00 40.94 ? 346 GLU A OE1 1 
ATOM 1143 O OE2 . GLU A 1 176 ? 21.225  2.698   3.703   1.00 47.10 ? 346 GLU A OE2 1 
ATOM 1144 N N   . GLU A 1 177 ? 18.282  -0.743  4.456   1.00 25.11 ? 347 GLU A N   1 
ATOM 1145 C CA  . GLU A 1 177 ? 19.245  -1.835  4.436   1.00 25.84 ? 347 GLU A CA  1 
ATOM 1146 C C   . GLU A 1 177 ? 19.145  -2.732  3.225   1.00 25.67 ? 347 GLU A C   1 
ATOM 1147 O O   . GLU A 1 177 ? 20.188  -3.206  2.672   1.00 28.29 ? 347 GLU A O   1 
ATOM 1148 C CB  . GLU A 1 177 ? 19.282  -2.618  5.747   1.00 25.58 ? 347 GLU A CB  1 
ATOM 1149 C CG  . GLU A 1 177 ? 19.615  -1.779  6.958   1.00 30.25 ? 347 GLU A CG  1 
ATOM 1150 C CD  . GLU A 1 177 ? 20.097  -2.539  8.173   1.00 38.40 ? 347 GLU A CD  1 
ATOM 1151 O OE1 . GLU A 1 177 ? 20.058  -3.798  8.171   1.00 43.29 ? 347 GLU A OE1 1 
ATOM 1152 O OE2 . GLU A 1 177 ? 20.419  -1.798  9.174   1.00 42.59 ? 347 GLU A OE2 1 
ATOM 1153 N N   . TYR A 1 178 ? 17.907  -3.025  2.829   1.00 22.39 ? 348 TYR A N   1 
ATOM 1154 C CA  . TYR A 1 178 ? 17.649  -3.829  1.627   1.00 23.29 ? 348 TYR A CA  1 
ATOM 1155 C C   . TYR A 1 178 ? 18.265  -3.179  0.448   1.00 24.20 ? 348 TYR A C   1 
ATOM 1156 O O   . TYR A 1 178 ? 18.948  -3.834  -0.368  1.00 26.48 ? 348 TYR A O   1 
ATOM 1157 C CB  . TYR A 1 178 ? 16.174  -4.016  1.551   1.00 24.01 ? 348 TYR A CB  1 
ATOM 1158 C CG  . TYR A 1 178 ? 15.824  -4.675  0.286   1.00 21.99 ? 348 TYR A CG  1 
ATOM 1159 C CD1 . TYR A 1 178 ? 15.897  -6.061  0.192   1.00 28.29 ? 348 TYR A CD1 1 
ATOM 1160 C CD2 . TYR A 1 178 ? 15.487  -3.963  -0.878  1.00 26.82 ? 348 TYR A CD2 1 
ATOM 1161 C CE1 . TYR A 1 178 ? 15.609  -6.719  -1.013  1.00 27.60 ? 348 TYR A CE1 1 
ATOM 1162 C CE2 . TYR A 1 178 ? 15.227  -4.586  -2.076  1.00 25.98 ? 348 TYR A CE2 1 
ATOM 1163 C CZ  . TYR A 1 178 ? 15.258  -6.018  -2.156  1.00 25.25 ? 348 TYR A CZ  1 
ATOM 1164 O OH  . TYR A 1 178 ? 15.029  -6.667  -3.332  1.00 28.56 ? 348 TYR A OH  1 
ATOM 1165 N N   . VAL A 1 179 ? 17.921  -1.928  0.232   1.00 24.86 ? 349 VAL A N   1 
ATOM 1166 C CA  . VAL A 1 179 ? 18.333  -1.233  -0.969  1.00 26.10 ? 349 VAL A CA  1 
ATOM 1167 C C   . VAL A 1 179 ? 19.839  -1.107  -0.955  1.00 28.44 ? 349 VAL A C   1 
ATOM 1168 O O   . VAL A 1 179 ? 20.433  -1.223  -2.042  1.00 27.28 ? 349 VAL A O   1 
ATOM 1169 C CB  . VAL A 1 179 ? 17.704  0.169   -1.058  1.00 26.16 ? 349 VAL A CB  1 
ATOM 1170 C CG1 . VAL A 1 179 ? 18.273  1.016   -2.223  1.00 29.88 ? 349 VAL A CG1 1 
ATOM 1171 C CG2 . VAL A 1 179 ? 16.209  0.006   -1.255  1.00 23.52 ? 349 VAL A CG2 1 
ATOM 1172 N N   . ARG A 1 180 ? 20.492  -0.794  0.147   1.00 27.86 ? 350 ARG A N   1 
ATOM 1173 C CA  . ARG A 1 180 ? 21.938  -0.637  0.075   1.00 30.67 ? 350 ARG A CA  1 
ATOM 1174 C C   . ARG A 1 180 ? 22.583  -1.969  -0.257  1.00 32.20 ? 350 ARG A C   1 
ATOM 1175 O O   . ARG A 1 180 ? 23.666  -1.990  -0.899  1.00 34.83 ? 350 ARG A O   1 
ATOM 1176 C CB  . ARG A 1 180 ? 22.420  -0.147  1.456   1.00 31.90 ? 350 ARG A CB  1 
ATOM 1177 C CG  . ARG A 1 180 ? 23.873  0.049   1.654   1.00 38.08 ? 350 ARG A CG  1 
ATOM 1178 C CD  . ARG A 1 180 ? 24.281  0.630   3.049   1.00 41.26 ? 350 ARG A CD  1 
ATOM 1179 N NE  . ARG A 1 180 ? 23.329  0.665   4.139   1.00 48.00 ? 350 ARG A NE  1 
ATOM 1180 C CZ  . ARG A 1 180 ? 23.065  -0.336  4.989   1.00 56.43 ? 350 ARG A CZ  1 
ATOM 1181 N NH1 . ARG A 1 180 ? 23.535  -1.581  4.843   1.00 61.48 ? 350 ARG A NH1 1 
ATOM 1182 N NH2 . ARG A 1 180 ? 22.228  -0.108  5.964   1.00 59.36 ? 350 ARG A NH2 1 
ATOM 1183 N N   . SER A 1 181 ? 22.004  -3.080  0.189   1.00 31.40 ? 351 SER A N   1 
ATOM 1184 C CA  . SER A 1 181 ? 22.614  -4.336  -0.085  1.00 34.96 ? 351 SER A CA  1 
ATOM 1185 C C   . SER A 1 181 ? 22.226  -4.932  -1.480  1.00 31.59 ? 351 SER A C   1 
ATOM 1186 O O   . SER A 1 181 ? 23.084  -5.561  -2.146  1.00 33.57 ? 351 SER A O   1 
ATOM 1187 C CB  . SER A 1 181 ? 22.350  -5.284  1.051   1.00 35.19 ? 351 SER A CB  1 
ATOM 1188 O OG  . SER A 1 181 ? 21.003  -5.477  1.247   1.00 42.27 ? 351 SER A OG  1 
ATOM 1189 N N   . GLN A 1 182 ? 21.003  -4.702  -2.005  1.00 32.30 ? 352 GLN A N   1 
ATOM 1190 C CA  . GLN A 1 182 ? 20.624  -5.215  -3.321  1.00 31.60 ? 352 GLN A CA  1 
ATOM 1191 C C   . GLN A 1 182 ? 20.986  -4.324  -4.453  1.00 31.32 ? 352 GLN A C   1 
ATOM 1192 O O   . GLN A 1 182 ? 21.043  -4.765  -5.571  1.00 32.89 ? 352 GLN A O   1 
ATOM 1193 C CB  . GLN A 1 182 ? 19.142  -5.399  -3.409  1.00 32.69 ? 352 GLN A CB  1 
ATOM 1194 C CG  . GLN A 1 182 ? 18.742  -6.470  -2.518  1.00 37.14 ? 352 GLN A CG  1 
ATOM 1195 C CD  . GLN A 1 182 ? 19.012  -7.782  -3.168  1.00 44.49 ? 352 GLN A CD  1 
ATOM 1196 O OE1 . GLN A 1 182 ? 18.828  -7.942  -4.391  1.00 53.92 ? 352 GLN A OE1 1 
ATOM 1197 N NE2 . GLN A 1 182 ? 19.595  -8.656  -2.403  1.00 50.83 ? 352 GLN A NE2 1 
ATOM 1198 N N   . TYR A 1 183 ? 21.129  -3.014  -4.205  1.00 29.57 ? 353 TYR A N   1 
ATOM 1199 C CA  . TYR A 1 183 ? 21.365  -2.075  -5.260  1.00 29.34 ? 353 TYR A CA  1 
ATOM 1200 C C   . TYR A 1 183 ? 22.547  -1.229  -4.959  1.00 32.02 ? 353 TYR A C   1 
ATOM 1201 O O   . TYR A 1 183 ? 22.380  0.025   -4.980  1.00 32.48 ? 353 TYR A O   1 
ATOM 1202 C CB  . TYR A 1 183 ? 20.125  -1.255  -5.684  1.00 29.71 ? 353 TYR A CB  1 
ATOM 1203 C CG  . TYR A 1 183 ? 18.934  -2.070  -6.099  1.00 30.69 ? 353 TYR A CG  1 
ATOM 1204 C CD1 . TYR A 1 183 ? 18.817  -2.575  -7.355  1.00 34.78 ? 353 TYR A CD1 1 
ATOM 1205 C CD2 . TYR A 1 183 ? 17.881  -2.301  -5.222  1.00 29.98 ? 353 TYR A CD2 1 
ATOM 1206 C CE1 . TYR A 1 183 ? 17.769  -3.327  -7.740  1.00 33.90 ? 353 TYR A CE1 1 
ATOM 1207 C CE2 . TYR A 1 183 ? 16.834  -3.040  -5.559  1.00 31.90 ? 353 TYR A CE2 1 
ATOM 1208 C CZ  . TYR A 1 183 ? 16.702  -3.520  -6.807  1.00 29.16 ? 353 TYR A CZ  1 
ATOM 1209 O OH  . TYR A 1 183 ? 15.648  -4.336  -7.175  1.00 35.22 ? 353 TYR A OH  1 
ATOM 1210 N N   . PRO A 1 184 ? 23.717  -1.852  -4.710  1.00 34.69 ? 354 PRO A N   1 
ATOM 1211 C CA  . PRO A 1 184 ? 24.875  -1.108  -4.212  1.00 35.30 ? 354 PRO A CA  1 
ATOM 1212 C C   . PRO A 1 184 ? 25.366  -0.116  -5.246  1.00 35.22 ? 354 PRO A C   1 
ATOM 1213 O O   . PRO A 1 184 ? 25.975  0.859   -4.831  1.00 38.91 ? 354 PRO A O   1 
ATOM 1214 C CB  . PRO A 1 184 ? 25.945  -2.178  -3.986  1.00 37.08 ? 354 PRO A CB  1 
ATOM 1215 C CG  . PRO A 1 184 ? 25.558  -3.265  -4.927  1.00 34.58 ? 354 PRO A CG  1 
ATOM 1216 C CD  . PRO A 1 184 ? 24.046  -3.274  -4.937  1.00 36.39 ? 354 PRO A CD  1 
ATOM 1217 N N   . ASN A 1 185 ? 25.108  -0.266  -6.542  1.00 35.06 ? 355 ASN A N   1 
ATOM 1218 C CA  . ASN A 1 185 ? 25.513  0.771   -7.504  1.00 33.97 ? 355 ASN A CA  1 
ATOM 1219 C C   . ASN A 1 185 ? 24.471  1.795   -7.860  1.00 32.58 ? 355 ASN A C   1 
ATOM 1220 O O   . ASN A 1 185 ? 24.614  2.514   -8.829  1.00 34.68 ? 355 ASN A O   1 
ATOM 1221 C CB  . ASN A 1 185 ? 25.966  0.007   -8.795  1.00 34.98 ? 355 ASN A CB  1 
ATOM 1222 C CG  . ASN A 1 185 ? 26.903  -1.092  -8.484  1.00 42.06 ? 355 ASN A CG  1 
ATOM 1223 O OD1 . ASN A 1 185 ? 28.050  -0.784  -8.068  1.00 46.18 ? 355 ASN A OD1 1 
ATOM 1224 N ND2 . ASN A 1 185 ? 26.447  -2.418  -8.634  1.00 45.08 ? 355 ASN A ND2 1 
ATOM 1225 N N   . GLN A 1 186 ? 23.398  1.895   -7.066  1.00 31.13 ? 356 GLN A N   1 
ATOM 1226 C CA  . GLN A 1 186 ? 22.377  2.949   -7.248  1.00 31.26 ? 356 GLN A CA  1 
ATOM 1227 C C   . GLN A 1 186 ? 22.268  3.650   -5.906  1.00 30.94 ? 356 GLN A C   1 
ATOM 1228 O O   . GLN A 1 186 ? 21.341  3.481   -5.133  1.00 31.32 ? 356 GLN A O   1 
ATOM 1229 C CB  . GLN A 1 186 ? 20.987  2.411   -7.632  1.00 31.36 ? 356 GLN A CB  1 
ATOM 1230 C CG  . GLN A 1 186 ? 20.824  1.904   -8.969  1.00 33.87 ? 356 GLN A CG  1 
ATOM 1231 C CD  . GLN A 1 186 ? 19.433  1.469   -9.171  1.00 37.31 ? 356 GLN A CD  1 
ATOM 1232 O OE1 . GLN A 1 186 ? 18.419  2.188   -8.872  1.00 39.91 ? 356 GLN A OE1 1 
ATOM 1233 N NE2 . GLN A 1 186 ? 19.336  0.312   -9.693  1.00 37.86 ? 356 GLN A NE2 1 
ATOM 1234 N N   . PRO A 1 187 ? 23.273  4.425   -5.554  1.00 30.94 ? 357 PRO A N   1 
ATOM 1235 C CA  . PRO A 1 187 ? 23.310  4.968   -4.222  1.00 32.36 ? 357 PRO A CA  1 
ATOM 1236 C C   . PRO A 1 187 ? 22.191  5.937   -3.908  1.00 31.66 ? 357 PRO A C   1 
ATOM 1237 O O   . PRO A 1 187 ? 21.944  6.205   -2.724  1.00 34.95 ? 357 PRO A O   1 
ATOM 1238 C CB  . PRO A 1 187 ? 24.635  5.634   -4.196  1.00 34.72 ? 357 PRO A CB  1 
ATOM 1239 C CG  . PRO A 1 187 ? 24.869  6.005   -5.527  1.00 33.02 ? 357 PRO A CG  1 
ATOM 1240 C CD  . PRO A 1 187 ? 24.420  4.874   -6.334  1.00 32.98 ? 357 PRO A CD  1 
ATOM 1241 N N   . THR A 1 188 ? 21.513  6.463   -4.909  1.00 28.75 ? 358 THR A N   1 
ATOM 1242 C CA  . THR A 1 188 ? 20.418  7.400   -4.618  1.00 30.66 ? 358 THR A CA  1 
ATOM 1243 C C   . THR A 1 188 ? 19.055  6.759   -4.549  1.00 27.54 ? 358 THR A C   1 
ATOM 1244 O O   . THR A 1 188 ? 18.049  7.429   -4.377  1.00 26.18 ? 358 THR A O   1 
ATOM 1245 C CB  . THR A 1 188 ? 20.385  8.578   -5.496  1.00 31.97 ? 358 THR A CB  1 
ATOM 1246 O OG1 . THR A 1 188 ? 19.964  8.189   -6.782  1.00 33.67 ? 358 THR A OG1 1 
ATOM 1247 C CG2 . THR A 1 188 ? 21.790  9.189   -5.612  1.00 38.03 ? 358 THR A CG2 1 
ATOM 1248 N N   . ARG A 1 189 ? 19.039  5.434   -4.695  1.00 25.66 ? 359 ARG A N   1 
ATOM 1249 C CA  . ARG A 1 189 ? 17.758  4.694   -4.879  1.00 24.74 ? 359 ARG A CA  1 
ATOM 1250 C C   . ARG A 1 189 ? 16.875  4.839   -3.615  1.00 24.34 ? 359 ARG A C   1 
ATOM 1251 O O   . ARG A 1 189 ? 15.664  5.008   -3.737  1.00 23.14 ? 359 ARG A O   1 
ATOM 1252 C CB  . ARG A 1 189 ? 17.962  3.278   -5.185  1.00 24.58 ? 359 ARG A CB  1 
ATOM 1253 C CG  . ARG A 1 189 ? 16.637  2.554   -5.516  1.00 25.11 ? 359 ARG A CG  1 
ATOM 1254 C CD  . ARG A 1 189 ? 16.946  1.092   -5.953  1.00 26.48 ? 359 ARG A CD  1 
ATOM 1255 N NE  . ARG A 1 189 ? 15.710  0.392   -6.269  1.00 26.35 ? 359 ARG A NE  1 
ATOM 1256 C CZ  . ARG A 1 189 ? 15.024  0.560   -7.396  1.00 25.90 ? 359 ARG A CZ  1 
ATOM 1257 N NH1 . ARG A 1 189 ? 15.422  1.376   -8.373  1.00 30.02 ? 359 ARG A NH1 1 
ATOM 1258 N NH2 . ARG A 1 189 ? 13.909  -0.051  -7.523  1.00 28.57 ? 359 ARG A NH2 1 
ATOM 1259 N N   . PHE A 1 190 ? 17.449  4.703   -2.459  1.00 23.01 ? 360 PHE A N   1 
ATOM 1260 C CA  . PHE A 1 190 ? 16.635  4.812   -1.241  1.00 21.12 ? 360 PHE A CA  1 
ATOM 1261 C C   . PHE A 1 190 ? 15.864  6.148   -1.184  1.00 21.58 ? 360 PHE A C   1 
ATOM 1262 O O   . PHE A 1 190 ? 14.669  6.164   -0.937  1.00 21.76 ? 360 PHE A O   1 
ATOM 1263 C CB  . PHE A 1 190 ? 17.469  4.654   0.014   1.00 23.46 ? 360 PHE A CB  1 
ATOM 1264 C CG  . PHE A 1 190 ? 16.760  4.835   1.319   1.00 23.08 ? 360 PHE A CG  1 
ATOM 1265 C CD1 . PHE A 1 190 ? 17.175  5.789   2.245   1.00 23.68 ? 360 PHE A CD1 1 
ATOM 1266 C CD2 . PHE A 1 190 ? 15.742  3.995   1.745   1.00 23.94 ? 360 PHE A CD2 1 
ATOM 1267 C CE1 . PHE A 1 190 ? 16.624  5.927   3.500   1.00 24.44 ? 360 PHE A CE1 1 
ATOM 1268 C CE2 . PHE A 1 190 ? 15.129  4.199   3.044   1.00 24.78 ? 360 PHE A CE2 1 
ATOM 1269 C CZ  . PHE A 1 190 ? 15.591  5.175   3.915   1.00 25.71 ? 360 PHE A CZ  1 
ATOM 1270 N N   . GLY A 1 191 ? 16.580  7.255   -1.388  1.00 21.64 ? 361 GLY A N   1 
ATOM 1271 C CA  . GLY A 1 191 ? 15.915  8.530   -1.395  1.00 22.50 ? 361 GLY A CA  1 
ATOM 1272 C C   . GLY A 1 191 ? 14.925  8.667   -2.527  1.00 21.44 ? 361 GLY A C   1 
ATOM 1273 O O   . GLY A 1 191 ? 13.816  9.179   -2.346  1.00 21.52 ? 361 GLY A O   1 
ATOM 1274 N N   . LYS A 1 192 ? 15.179  8.086   -3.697  1.00 21.00 ? 362 LYS A N   1 
ATOM 1275 C CA  . LYS A 1 192 ? 14.139  8.123   -4.706  1.00 22.47 ? 362 LYS A CA  1 
ATOM 1276 C C   . LYS A 1 192 ? 12.864  7.415   -4.394  1.00 20.37 ? 362 LYS A C   1 
ATOM 1277 O O   . LYS A 1 192 ? 11.774  7.911   -4.639  1.00 22.59 ? 362 LYS A O   1 
ATOM 1278 C CB  . LYS A 1 192 ? 14.707  7.489   -5.976  1.00 23.16 ? 362 LYS A CB  1 
ATOM 1279 C CG  . LYS A 1 192 ? 15.827  8.323   -6.733  1.00 26.62 ? 362 LYS A CG  1 
ATOM 1280 C CD  . LYS A 1 192 ? 16.235  7.598   -7.937  1.00 30.79 ? 362 LYS A CD  1 
ATOM 1281 C CE  . LYS A 1 192 ? 17.381  8.338   -8.704  1.00 31.60 ? 362 LYS A CE  1 
ATOM 1282 N NZ  . LYS A 1 192 ? 17.771  7.673   -10.029 1.00 45.48 ? 362 LYS A NZ  1 
ATOM 1283 N N   . LEU A 1 193 ? 13.009  6.287   -3.704  1.00 20.89 ? 363 LEU A N   1 
ATOM 1284 C CA  . LEU A 1 193 ? 11.827  5.488   -3.282  1.00 21.19 ? 363 LEU A CA  1 
ATOM 1285 C C   . LEU A 1 193 ? 11.060  6.266   -2.239  1.00 20.17 ? 363 LEU A C   1 
ATOM 1286 O O   . LEU A 1 193 ? 9.918   6.472   -2.366  1.00 21.00 ? 363 LEU A O   1 
ATOM 1287 C CB  . LEU A 1 193 ? 12.298  4.178   -2.675  1.00 21.16 ? 363 LEU A CB  1 
ATOM 1288 C CG  . LEU A 1 193 ? 12.786  3.171   -3.727  1.00 20.79 ? 363 LEU A CG  1 
ATOM 1289 C CD1 . LEU A 1 193 ? 13.427  2.022   -2.886  1.00 24.72 ? 363 LEU A CD1 1 
ATOM 1290 C CD2 . LEU A 1 193 ? 11.775  2.791   -4.756  1.00 26.03 ? 363 LEU A CD2 1 
ATOM 1291 N N   . LEU A 1 194 ? 11.736  6.879   -1.243  1.00 20.51 ? 364 LEU A N   1 
ATOM 1292 C CA  . LEU A 1 194 ? 11.036  7.687   -0.285  1.00 21.24 ? 364 LEU A CA  1 
ATOM 1293 C C   . LEU A 1 194 ? 10.367  8.925   -0.873  1.00 20.88 ? 364 LEU A C   1 
ATOM 1294 O O   . LEU A 1 194 ? 9.324   9.382   -0.385  1.00 21.56 ? 364 LEU A O   1 
ATOM 1295 C CB  . LEU A 1 194 ? 11.883  8.020   0.896   1.00 21.66 ? 364 LEU A CB  1 
ATOM 1296 C CG  . LEU A 1 194 ? 12.387  6.982   1.861   1.00 20.82 ? 364 LEU A CG  1 
ATOM 1297 C CD1 . LEU A 1 194 ? 13.110  7.607   3.120   1.00 26.52 ? 364 LEU A CD1 1 
ATOM 1298 C CD2 . LEU A 1 194 ? 11.250  5.970   2.326   1.00 23.67 ? 364 LEU A CD2 1 
ATOM 1299 N N   . LEU A 1 195 ? 10.955  9.449   -1.950  1.00 19.70 ? 365 LEU A N   1 
ATOM 1300 C CA  . LEU A 1 195 ? 10.360  10.647  -2.546  1.00 19.90 ? 365 LEU A CA  1 
ATOM 1301 C C   . LEU A 1 195 ? 9.138   10.317  -3.373  1.00 23.00 ? 365 LEU A C   1 
ATOM 1302 O O   . LEU A 1 195 ? 8.505   11.216  -3.885  1.00 25.01 ? 365 LEU A O   1 
ATOM 1303 C CB  . LEU A 1 195 ? 11.430  11.427  -3.381  1.00 22.99 ? 365 LEU A CB  1 
ATOM 1304 C CG  . LEU A 1 195 ? 12.313  12.202  -2.393  1.00 26.34 ? 365 LEU A CG  1 
ATOM 1305 C CD1 . LEU A 1 195 ? 13.553  12.794  -3.224  1.00 31.76 ? 365 LEU A CD1 1 
ATOM 1306 C CD2 . LEU A 1 195 ? 11.644  13.279  -1.607  1.00 28.28 ? 365 LEU A CD2 1 
ATOM 1307 N N   . ARG A 1 196 ? 8.793   9.037   -3.528  1.00 22.35 ? 366 ARG A N   1 
ATOM 1308 C CA  . ARG A 1 196 ? 7.482   8.651   -4.105  1.00 23.10 ? 366 ARG A CA  1 
ATOM 1309 C C   . ARG A 1 196 ? 6.325   8.908   -3.126  1.00 23.14 ? 366 ARG A C   1 
ATOM 1310 O O   . ARG A 1 196 ? 5.175   8.989   -3.529  1.00 22.77 ? 366 ARG A O   1 
ATOM 1311 C CB  . ARG A 1 196 ? 7.487   7.196   -4.545  1.00 25.82 ? 366 ARG A CB  1 
ATOM 1312 C CG  . ARG A 1 196 ? 8.436   6.976   -5.732  1.00 29.45 ? 366 ARG A CG  1 
ATOM 1313 C CD  . ARG A 1 196 ? 7.802   7.456   -7.035  1.00 31.84 ? 366 ARG A CD  1 
ATOM 1314 N NE  . ARG A 1 196 ? 8.215   8.824   -7.266  1.00 35.94 ? 366 ARG A NE  1 
ATOM 1315 C CZ  . ARG A 1 196 ? 7.441   9.837   -7.522  1.00 36.52 ? 366 ARG A CZ  1 
ATOM 1316 N NH1 . ARG A 1 196 ? 6.160   9.733   -7.682  1.00 41.39 ? 366 ARG A NH1 1 
ATOM 1317 N NH2 . ARG A 1 196 ? 7.997   10.994  -7.612  1.00 41.84 ? 366 ARG A NH2 1 
ATOM 1318 N N   . LEU A 1 197 ? 6.661   9.005   -1.841  1.00 21.01 ? 367 LEU A N   1 
ATOM 1319 C CA  . LEU A 1 197 ? 5.662   9.064   -0.865  1.00 20.56 ? 367 LEU A CA  1 
ATOM 1320 C C   . LEU A 1 197 ? 4.784   10.307  -0.872  1.00 19.45 ? 367 LEU A C   1 
ATOM 1321 O O   . LEU A 1 197 ? 3.611   10.206  -0.653  1.00 21.33 ? 367 LEU A O   1 
ATOM 1322 C CB  . LEU A 1 197 ? 6.141   8.665   0.540   1.00 20.47 ? 367 LEU A CB  1 
ATOM 1323 C CG  . LEU A 1 197 ? 6.834   7.286   0.590   1.00 22.67 ? 367 LEU A CG  1 
ATOM 1324 C CD1 . LEU A 1 197 ? 7.415   7.030   1.933   1.00 30.72 ? 367 LEU A CD1 1 
ATOM 1325 C CD2 . LEU A 1 197 ? 5.781   6.174   0.198   1.00 31.21 ? 367 LEU A CD2 1 
ATOM 1326 N N   . PRO A 1 198 ? 5.369   11.526  -0.976  1.00 21.25 ? 368 PRO A N   1 
ATOM 1327 C CA  . PRO A 1 198 ? 4.553   12.692  -0.979  1.00 21.55 ? 368 PRO A CA  1 
ATOM 1328 C C   . PRO A 1 198 ? 3.563   12.679  -2.142  1.00 21.04 ? 368 PRO A C   1 
ATOM 1329 O O   . PRO A 1 198 ? 2.419   13.128  -1.994  1.00 23.72 ? 368 PRO A O   1 
ATOM 1330 C CB  . PRO A 1 198 ? 5.540   13.803  -1.275  1.00 22.43 ? 368 PRO A CB  1 
ATOM 1331 C CG  . PRO A 1 198 ? 6.827   13.381  -0.694  1.00 23.99 ? 368 PRO A CG  1 
ATOM 1332 C CD  . PRO A 1 198 ? 6.811   11.862  -0.965  1.00 20.53 ? 368 PRO A CD  1 
ATOM 1333 N N   . SER A 1 199 ? 3.946   12.104  -3.287  1.00 22.64 ? 369 SER A N   1 
ATOM 1334 C CA  . SER A 1 199 ? 3.069   12.098  -4.407  1.00 24.73 ? 369 SER A CA  1 
ATOM 1335 C C   . SER A 1 199 ? 1.896   11.160  -4.080  1.00 25.03 ? 369 SER A C   1 
ATOM 1336 O O   . SER A 1 199 ? 0.742   11.451  -4.397  1.00 27.23 ? 369 SER A O   1 
ATOM 1337 C CB  . SER A 1 199 ? 3.861   11.585  -5.595  1.00 24.97 ? 369 SER A CB  1 
ATOM 1338 O OG  . SER A 1 199 ? 4.963   12.368  -5.958  1.00 31.51 ? 369 SER A OG  1 
ATOM 1339 N N   . LEU A 1 200 ? 2.165   10.036  -3.394  1.00 22.73 ? 370 LEU A N   1 
ATOM 1340 C CA  . LEU A 1 200 ? 1.076   9.127   -2.980  1.00 24.39 ? 370 LEU A CA  1 
ATOM 1341 C C   . LEU A 1 200 ? 0.063   9.842   -2.157  1.00 23.65 ? 370 LEU A C   1 
ATOM 1342 O O   . LEU A 1 200 ? -1.139  9.585   -2.277  1.00 26.64 ? 370 LEU A O   1 
ATOM 1343 C CB  . LEU A 1 200 ? 1.577   7.893   -2.228  1.00 22.52 ? 370 LEU A CB  1 
ATOM 1344 C CG  . LEU A 1 200 ? 2.277   6.882   -3.149  1.00 26.72 ? 370 LEU A CG  1 
ATOM 1345 C CD1 . LEU A 1 200 ? 2.904   5.827   -2.181  1.00 31.56 ? 370 LEU A CD1 1 
ATOM 1346 C CD2 . LEU A 1 200 ? 1.586   6.140   -4.322  1.00 30.79 ? 370 LEU A CD2 1 
ATOM 1347 N N   . ARG A 1 201 ? 0.558   10.708  -1.222  1.00 24.51 ? 371 ARG A N   1 
ATOM 1348 C CA  . ARG A 1 201 ? -0.263  11.364  -0.316  1.00 27.64 ? 371 ARG A CA  1 
ATOM 1349 C C   . ARG A 1 201 ? -1.152  12.401  -0.991  1.00 29.06 ? 371 ARG A C   1 
ATOM 1350 O O   . ARG A 1 201 ? -2.235  12.727  -0.490  1.00 31.81 ? 371 ARG A O   1 
ATOM 1351 C CB  . ARG A 1 201 ? 0.608   11.877  0.856   1.00 27.54 ? 371 ARG A CB  1 
ATOM 1352 C CG  . ARG A 1 201 ? -0.037  12.594  2.008   1.00 27.52 ? 371 ARG A CG  1 
ATOM 1353 C CD  . ARG A 1 201 ? -0.964  11.741  2.723   1.00 25.14 ? 371 ARG A CD  1 
ATOM 1354 N NE  . ARG A 1 201 ? -0.298  10.735  3.587   1.00 28.21 ? 371 ARG A NE  1 
ATOM 1355 C CZ  . ARG A 1 201 ? 0.250   10.974  4.765   1.00 25.75 ? 371 ARG A CZ  1 
ATOM 1356 N NH1 . ARG A 1 201 ? 0.708   9.970   5.476   1.00 28.11 ? 371 ARG A NH1 1 
ATOM 1357 N NH2 . ARG A 1 201 ? 0.295   12.195  5.239   1.00 24.24 ? 371 ARG A NH2 1 
ATOM 1358 N N   . THR A 1 202 ? -0.782  12.897  -2.189  1.00 30.75 ? 372 THR A N   1 
ATOM 1359 C CA  . THR A 1 202 ? -1.605  13.818  -2.940  1.00 34.06 ? 372 THR A CA  1 
ATOM 1360 C C   . THR A 1 202 ? -2.569  13.190  -3.883  1.00 33.01 ? 372 THR A C   1 
ATOM 1361 O O   . THR A 1 202 ? -3.455  13.870  -4.392  1.00 36.65 ? 372 THR A O   1 
ATOM 1362 C CB  . THR A 1 202 ? -0.796  14.697  -3.807  1.00 36.11 ? 372 THR A CB  1 
ATOM 1363 O OG1 . THR A 1 202 ? -0.246  13.955  -4.858  1.00 44.38 ? 372 THR A OG1 1 
ATOM 1364 C CG2 . THR A 1 202 ? 0.256   15.207  -3.102  1.00 27.77 ? 372 THR A CG2 1 
ATOM 1365 N N   . VAL A 1 203 ? -2.484  11.895  -4.115  1.00 31.07 ? 373 VAL A N   1 
ATOM 1366 C CA  . VAL A 1 203 ? -3.448  11.320  -5.048  1.00 33.40 ? 373 VAL A CA  1 
ATOM 1367 C C   . VAL A 1 203 ? -4.889  11.484  -4.435  1.00 32.45 ? 373 VAL A C   1 
ATOM 1368 O O   . VAL A 1 203 ? -5.071  11.289  -3.208  1.00 29.97 ? 373 VAL A O   1 
ATOM 1369 C CB  . VAL A 1 203 ? -3.153  9.857   -5.332  1.00 32.82 ? 373 VAL A CB  1 
ATOM 1370 C CG1 . VAL A 1 203 ? -3.363  9.034   -4.120  1.00 36.46 ? 373 VAL A CG1 1 
ATOM 1371 C CG2 . VAL A 1 203 ? -4.057  9.288   -6.407  1.00 35.35 ? 373 VAL A CG2 1 
ATOM 1372 N N   . SER A 1 204 ? -5.926  11.793  -5.218  1.00 33.82 ? 374 SER A N   1 
ATOM 1373 C CA  . SER A 1 204 ? -7.179  12.020  -4.506  1.00 34.57 ? 374 SER A CA  1 
ATOM 1374 C C   . SER A 1 204 ? -7.972  10.741  -4.405  1.00 31.18 ? 374 SER A C   1 
ATOM 1375 O O   . SER A 1 204 ? -8.189  9.977   -5.395  1.00 32.47 ? 374 SER A O   1 
ATOM 1376 C CB  . SER A 1 204 ? -8.011  13.170  -4.996  1.00 38.26 ? 374 SER A CB  1 
ATOM 1377 O OG  . SER A 1 204 ? -9.045  12.775  -5.772  1.00 38.66 ? 374 SER A OG  1 
ATOM 1378 N N   . SER A 1 205 ? -8.401  10.472  -3.182  1.00 31.04 ? 375 SER A N   1 
ATOM 1379 C CA  . SER A 1 205 ? -9.298  9.351   -2.836  1.00 31.66 ? 375 SER A CA  1 
ATOM 1380 C C   . SER A 1 205 ? -10.564 9.353   -3.621  1.00 30.09 ? 375 SER A C   1 
ATOM 1381 O O   . SER A 1 205 ? -10.943 8.313   -4.204  1.00 28.49 ? 375 SER A O   1 
ATOM 1382 C CB  . SER A 1 205 ? -9.609  9.496   -1.364  1.00 31.96 ? 375 SER A CB  1 
ATOM 1383 O OG  . SER A 1 205 ? -8.397  9.169   -0.860  1.00 45.47 ? 375 SER A OG  1 
ATOM 1384 N N   . SER A 1 206 ? -11.147 10.537  -3.721  1.00 28.70 ? 376 SER A N   1 
ATOM 1385 C CA  . SER A 1 206 ? -12.362 10.695  -4.577  1.00 31.30 ? 376 SER A CA  1 
ATOM 1386 C C   . SER A 1 206 ? -12.165 10.394  -6.029  1.00 30.18 ? 376 SER A C   1 
ATOM 1387 O O   . SER A 1 206 ? -12.990 9.696   -6.657  1.00 30.52 ? 376 SER A O   1 
ATOM 1388 C CB  . SER A 1 206 ? -12.990 12.045  -4.390  1.00 32.24 ? 376 SER A CB  1 
ATOM 1389 O OG  . SER A 1 206 ? -12.024 12.965  -4.729  1.00 43.63 ? 376 SER A OG  1 
ATOM 1390 N N   . VAL A 1 207 ? -11.034 10.782  -6.615  1.00 30.56 ? 377 VAL A N   1 
ATOM 1391 C CA  . VAL A 1 207 ? -10.822 10.367  -8.008  1.00 31.37 ? 377 VAL A CA  1 
ATOM 1392 C C   . VAL A 1 207 ? -10.723 8.859   -8.144  1.00 28.47 ? 377 VAL A C   1 
ATOM 1393 O O   . VAL A 1 207 ? -11.252 8.286   -9.110  1.00 29.97 ? 377 VAL A O   1 
ATOM 1394 C CB  . VAL A 1 207 ? -9.591  11.099  -8.654  1.00 33.14 ? 377 VAL A CB  1 
ATOM 1395 C CG1 . VAL A 1 207 ? -9.460  10.611  -10.146 1.00 37.15 ? 377 VAL A CG1 1 
ATOM 1396 C CG2 . VAL A 1 207 ? -9.799  12.645  -8.490  1.00 38.16 ? 377 VAL A CG2 1 
ATOM 1397 N N   . ILE A 1 208 ? -9.967  8.180   -7.244  1.00 29.39 ? 378 ILE A N   1 
ATOM 1398 C CA  . ILE A 1 208 ? -9.822  6.755   -7.330  1.00 29.17 ? 378 ILE A CA  1 
ATOM 1399 C C   . ILE A 1 208 ? -11.214 6.072   -7.280  1.00 25.42 ? 378 ILE A C   1 
ATOM 1400 O O   . ILE A 1 208 ? -11.542 5.142   -8.072  1.00 29.13 ? 378 ILE A O   1 
ATOM 1401 C CB  . ILE A 1 208 ? -8.858  6.175   -6.284  1.00 28.93 ? 378 ILE A CB  1 
ATOM 1402 C CG1 . ILE A 1 208 ? -7.429  6.709   -6.570  1.00 31.08 ? 378 ILE A CG1 1 
ATOM 1403 C CG2 . ILE A 1 208 ? -8.939  4.716   -6.254  1.00 30.63 ? 378 ILE A CG2 1 
ATOM 1404 C CD1 . ILE A 1 208 ? -6.465  6.452   -5.577  1.00 37.92 ? 378 ILE A CD1 1 
ATOM 1405 N N   . GLU A 1 209 ? -12.036 6.597   -6.372  1.00 27.92 ? 379 GLU A N   1 
ATOM 1406 C CA  . GLU A 1 209 ? -13.426 6.104   -6.179  1.00 28.25 ? 379 GLU A CA  1 
ATOM 1407 C C   . GLU A 1 209 ? -14.297 6.289   -7.427  1.00 30.14 ? 379 GLU A C   1 
ATOM 1408 O O   . GLU A 1 209 ? -14.990 5.396   -7.876  1.00 31.22 ? 379 GLU A O   1 
ATOM 1409 C CB  . GLU A 1 209 ? -14.040 6.844   -5.006  1.00 28.53 ? 379 GLU A CB  1 
ATOM 1410 C CG  . GLU A 1 209 ? -13.588 6.276   -3.728  1.00 32.18 ? 379 GLU A CG  1 
ATOM 1411 C CD  . GLU A 1 209 ? -13.869 7.177   -2.571  1.00 36.54 ? 379 GLU A CD  1 
ATOM 1412 O OE1 . GLU A 1 209 ? -14.329 8.274   -2.764  1.00 37.90 ? 379 GLU A OE1 1 
ATOM 1413 O OE2 . GLU A 1 209 ? -13.614 6.839   -1.429  1.00 35.71 ? 379 GLU A OE2 1 
ATOM 1414 N N   . GLN A 1 210 ? -14.205 7.498   -7.961  1.00 31.46 ? 380 GLN A N   1 
ATOM 1415 C CA  . GLN A 1 210 ? -14.948 7.806   -9.173  1.00 32.39 ? 380 GLN A CA  1 
ATOM 1416 C C   . GLN A 1 210 ? -14.516 6.869   -10.387 1.00 33.67 ? 380 GLN A C   1 
ATOM 1417 O O   . GLN A 1 210 ? -15.333 6.434   -11.226 1.00 36.29 ? 380 GLN A O   1 
ATOM 1418 C CB  . GLN A 1 210 ? -14.708 9.276   -9.552  1.00 32.59 ? 380 GLN A CB  1 
ATOM 1419 C CG  . GLN A 1 210 ? -15.538 10.257  -8.804  1.00 37.97 ? 380 GLN A CG  1 
ATOM 1420 C CD  . GLN A 1 210 ? -15.234 11.739  -9.282  1.00 42.22 ? 380 GLN A CD  1 
ATOM 1421 O OE1 . GLN A 1 210 ? -15.670 12.251  -10.384 1.00 50.95 ? 380 GLN A OE1 1 
ATOM 1422 N NE2 . GLN A 1 210 ? -14.491 12.414  -8.452  1.00 46.62 ? 380 GLN A NE2 1 
ATOM 1423 N N   . LEU A 1 211 ? -13.210 6.637   -10.524 1.00 33.08 ? 381 LEU A N   1 
ATOM 1424 C CA  . LEU A 1 211 ? -12.645 5.880   -11.618 1.00 33.80 ? 381 LEU A CA  1 
ATOM 1425 C C   . LEU A 1 211 ? -13.024 4.374   -11.506 1.00 32.57 ? 381 LEU A C   1 
ATOM 1426 O O   . LEU A 1 211 ? -13.409 3.700   -12.495 1.00 34.61 ? 381 LEU A O   1 
ATOM 1427 C CB  . LEU A 1 211 ? -11.132 6.001   -11.542 1.00 36.84 ? 381 LEU A CB  1 
ATOM 1428 C CG  . LEU A 1 211 ? -10.190 6.497   -12.609 1.00 38.31 ? 381 LEU A CG  1 
ATOM 1429 C CD1 . LEU A 1 211 ? -10.882 7.428   -13.686 1.00 39.61 ? 381 LEU A CD1 1 
ATOM 1430 C CD2 . LEU A 1 211 ? -8.777  6.906   -12.089 1.00 35.45 ? 381 LEU A CD2 1 
ATOM 1431 N N   . PHE A 1 212 ? -12.872 3.808   -10.301 1.00 32.48 ? 382 PHE A N   1 
ATOM 1432 C CA  . PHE A 1 212 ? -12.915 2.368   -10.174 1.00 33.15 ? 382 PHE A CA  1 
ATOM 1433 C C   . PHE A 1 212 ? -14.052 1.791   -9.327  1.00 33.11 ? 382 PHE A C   1 
ATOM 1434 O O   . PHE A 1 212 ? -14.384 0.624   -9.498  1.00 34.66 ? 382 PHE A O   1 
ATOM 1435 C CB  . PHE A 1 212 ? -11.603 1.863   -9.603  1.00 32.61 ? 382 PHE A CB  1 
ATOM 1436 C CG  . PHE A 1 212 ? -10.429 2.256   -10.325 1.00 31.10 ? 382 PHE A CG  1 
ATOM 1437 C CD1 . PHE A 1 212 ? -10.097 1.611   -11.527 1.00 33.51 ? 382 PHE A CD1 1 
ATOM 1438 C CD2 . PHE A 1 212 ? -9.611  3.227   -9.828  1.00 28.79 ? 382 PHE A CD2 1 
ATOM 1439 C CE1 . PHE A 1 212 ? -8.954  1.959   -12.194 1.00 34.15 ? 382 PHE A CE1 1 
ATOM 1440 C CE2 . PHE A 1 212 ? -8.471  3.612   -10.509 1.00 28.28 ? 382 PHE A CE2 1 
ATOM 1441 C CZ  . PHE A 1 212 ? -8.121  2.992   -11.671 1.00 27.64 ? 382 PHE A CZ  1 
ATOM 1442 N N   . PHE A 1 213 ? -14.605 2.516   -8.392  1.00 33.59 ? 383 PHE A N   1 
ATOM 1443 C CA  . PHE A 1 213 ? -15.421 1.924   -7.366  1.00 34.12 ? 383 PHE A CA  1 
ATOM 1444 C C   . PHE A 1 213 ? -16.909 2.266   -7.420  1.00 38.03 ? 383 PHE A C   1 
ATOM 1445 O O   . PHE A 1 213 ? -17.697 1.699   -6.656  1.00 39.47 ? 383 PHE A O   1 
ATOM 1446 C CB  . PHE A 1 213 ? -14.801 2.293   -5.993  1.00 33.73 ? 383 PHE A CB  1 
ATOM 1447 C CG  . PHE A 1 213 ? -13.523 1.579   -5.750  1.00 32.36 ? 383 PHE A CG  1 
ATOM 1448 C CD1 . PHE A 1 213 ? -12.329 2.164   -5.792  1.00 32.53 ? 383 PHE A CD1 1 
ATOM 1449 C CD2 . PHE A 1 213 ? -13.547 0.228   -5.475  1.00 37.78 ? 383 PHE A CD2 1 
ATOM 1450 C CE1 . PHE A 1 213 ? -11.179 1.476   -5.599  1.00 32.18 ? 383 PHE A CE1 1 
ATOM 1451 C CE2 . PHE A 1 213 ? -12.393 -0.487  -5.243  1.00 38.62 ? 383 PHE A CE2 1 
ATOM 1452 C CZ  . PHE A 1 213 ? -11.218 0.121   -5.317  1.00 35.95 ? 383 PHE A CZ  1 
ATOM 1453 N N   . VAL A 1 214 ? -17.331 3.152   -8.297  1.00 41.34 ? 384 VAL A N   1 
ATOM 1454 C CA  . VAL A 1 214 ? -18.756 3.498   -8.337  1.00 44.37 ? 384 VAL A CA  1 
ATOM 1455 C C   . VAL A 1 214 ? -19.818 2.342   -8.491  1.00 47.53 ? 384 VAL A C   1 
ATOM 1456 O O   . VAL A 1 214 ? -20.765 2.289   -7.723  1.00 47.78 ? 384 VAL A O   1 
ATOM 1457 C CB  . VAL A 1 214 ? -18.997 4.628   -9.355  1.00 45.11 ? 384 VAL A CB  1 
ATOM 1458 C CG1 . VAL A 1 214 ? -20.488 4.938   -9.514  1.00 45.34 ? 384 VAL A CG1 1 
ATOM 1459 C CG2 . VAL A 1 214 ? -18.286 5.863   -8.863  1.00 47.67 ? 384 VAL A CG2 1 
ATOM 1460 N N   . ARG A 1 215 ? -19.602 1.381   -9.392  1.00 51.25 ? 385 ARG A N   1 
ATOM 1461 C CA  . ARG A 1 215 ? -20.515 0.246   -9.520  1.00 53.42 ? 385 ARG A CA  1 
ATOM 1462 C C   . ARG A 1 215 ? -20.480 -0.587  -8.266  1.00 53.98 ? 385 ARG A C   1 
ATOM 1463 O O   . ARG A 1 215 ? -21.461 -1.232  -7.935  1.00 55.84 ? 385 ARG A O   1 
ATOM 1464 C CB  . ARG A 1 215 ? -20.131 -0.711  -10.630 1.00 53.80 ? 385 ARG A CB  1 
ATOM 1465 C CG  . ARG A 1 215 ? -19.658 -0.092  -11.880 1.00 57.09 ? 385 ARG A CG  1 
ATOM 1466 C CD  . ARG A 1 215 ? -20.536 -0.381  -13.041 1.00 62.37 ? 385 ARG A CD  1 
ATOM 1467 N NE  . ARG A 1 215 ? -19.834 -0.046  -14.272 1.00 65.96 ? 385 ARG A NE  1 
ATOM 1468 C CZ  . ARG A 1 215 ? -19.572 1.184   -14.700 1.00 68.77 ? 385 ARG A CZ  1 
ATOM 1469 N NH1 . ARG A 1 215 ? -19.971 2.255   -14.008 1.00 71.49 ? 385 ARG A NH1 1 
ATOM 1470 N NH2 . ARG A 1 215 ? -18.911 1.335   -15.843 1.00 70.35 ? 385 ARG A NH2 1 
ATOM 1471 N N   . LEU A 1 216 ? -19.337 -0.656  -7.604  1.00 53.79 ? 386 LEU A N   1 
ATOM 1472 C CA  . LEU A 1 216 ? -19.221 -1.537  -6.481  1.00 53.14 ? 386 LEU A CA  1 
ATOM 1473 C C   . LEU A 1 216 ? -19.813 -0.942  -5.243  1.00 52.16 ? 386 LEU A C   1 
ATOM 1474 O O   . LEU A 1 216 ? -20.275 -1.624  -4.339  1.00 52.39 ? 386 LEU A O   1 
ATOM 1475 C CB  . LEU A 1 216 ? -17.768 -1.808  -6.236  1.00 53.40 ? 386 LEU A CB  1 
ATOM 1476 C CG  . LEU A 1 216 ? -16.990 -2.039  -7.536  1.00 56.46 ? 386 LEU A CG  1 
ATOM 1477 C CD1 . LEU A 1 216 ? -15.468 -2.293  -7.271  1.00 57.49 ? 386 LEU A CD1 1 
ATOM 1478 C CD2 . LEU A 1 216 ? -17.647 -3.180  -8.370  1.00 58.95 ? 386 LEU A CD2 1 
ATOM 1479 N N   . VAL A 1 217 ? -19.708 0.367   -5.147  1.00 49.89 ? 387 VAL A N   1 
ATOM 1480 C CA  . VAL A 1 217 ? -19.928 1.026   -3.884  1.00 49.53 ? 387 VAL A CA  1 
ATOM 1481 C C   . VAL A 1 217 ? -20.839 2.270   -4.021  1.00 47.78 ? 387 VAL A C   1 
ATOM 1482 O O   . VAL A 1 217 ? -21.287 2.819   -3.015  1.00 46.53 ? 387 VAL A O   1 
ATOM 1483 C CB  . VAL A 1 217 ? -18.526 1.303   -3.294  1.00 49.11 ? 387 VAL A CB  1 
ATOM 1484 C CG1 . VAL A 1 217 ? -18.295 2.728   -2.834  1.00 48.31 ? 387 VAL A CG1 1 
ATOM 1485 C CG2 . VAL A 1 217 ? -18.161 0.241   -2.229  1.00 51.08 ? 387 VAL A CG2 1 
ATOM 1486 N N   . GLY A 1 218 ? -21.136 2.719   -5.242  1.00 48.43 ? 388 GLY A N   1 
ATOM 1487 C CA  . GLY A 1 218 ? -21.727 4.068   -5.366  1.00 48.39 ? 388 GLY A CA  1 
ATOM 1488 C C   . GLY A 1 218 ? -20.675 5.176   -5.332  1.00 48.68 ? 388 GLY A C   1 
ATOM 1489 O O   . GLY A 1 218 ? -19.595 4.956   -5.830  1.00 45.60 ? 388 GLY A O   1 
ATOM 1490 N N   . LYS A 1 219 ? -20.876 6.380   -4.793  1.00 50.25 ? 389 LYS A N   1 
ATOM 1491 C CA  . LYS A 1 219 ? -21.704 6.769   -3.710  1.00 51.42 ? 389 LYS A CA  1 
ATOM 1492 C C   . LYS A 1 219 ? -20.793 6.815   -2.490  1.00 49.46 ? 389 LYS A C   1 
ATOM 1493 O O   . LYS A 1 219 ? -20.240 7.868   -2.119  1.00 48.44 ? 389 LYS A O   1 
ATOM 1494 C CB  . LYS A 1 219 ? -22.868 5.833   -3.481  1.00 53.53 ? 389 LYS A CB  1 
ATOM 1495 C CG  . LYS A 1 219 ? -23.944 6.389   -2.551  1.00 57.94 ? 389 LYS A CG  1 
ATOM 1496 C CD  . LYS A 1 219 ? -25.328 6.054   -3.131  1.00 62.55 ? 389 LYS A CD  1 
ATOM 1497 C CE  . LYS A 1 219 ? -25.670 7.074   -4.252  1.00 66.34 ? 389 LYS A CE  1 
ATOM 1498 N NZ  . LYS A 1 219 ? -25.836 8.538   -3.730  1.00 67.28 ? 389 LYS A NZ  1 
ATOM 1499 N N   . THR A 1 220 ? -20.642 5.646   -1.884  1.00 46.38 ? 390 THR A N   1 
ATOM 1500 C CA  . THR A 1 220 ? -20.130 5.589   -0.504  1.00 45.20 ? 390 THR A CA  1 
ATOM 1501 C C   . THR A 1 220 ? -18.599 5.687   -0.530  1.00 41.47 ? 390 THR A C   1 
ATOM 1502 O O   . THR A 1 220 ? -18.001 4.926   -1.258  1.00 41.29 ? 390 THR A O   1 
ATOM 1503 C CB  . THR A 1 220 ? -20.642 4.293   0.251   1.00 46.62 ? 390 THR A CB  1 
ATOM 1504 O OG1 . THR A 1 220 ? -19.795 3.913   1.335   1.00 47.38 ? 390 THR A OG1 1 
ATOM 1505 C CG2 . THR A 1 220 ? -20.784 3.078   -0.682  1.00 50.97 ? 390 THR A CG2 1 
ATOM 1506 N N   . PRO A 1 221 ? -17.999 6.677   0.193   1.00 38.71 ? 391 PRO A N   1 
ATOM 1507 C CA  . PRO A 1 221 ? -16.571 6.809   0.350   1.00 34.37 ? 391 PRO A CA  1 
ATOM 1508 C C   . PRO A 1 221 ? -16.003 5.496   0.898   1.00 35.25 ? 391 PRO A C   1 
ATOM 1509 O O   . PRO A 1 221 ? -16.553 4.914   1.861   1.00 34.04 ? 391 PRO A O   1 
ATOM 1510 C CB  . PRO A 1 221 ? -16.477 7.922   1.400   1.00 36.48 ? 391 PRO A CB  1 
ATOM 1511 C CG  . PRO A 1 221 ? -17.604 8.834   1.080   1.00 35.94 ? 391 PRO A CG  1 
ATOM 1512 C CD  . PRO A 1 221 ? -18.686 7.834   0.806   1.00 38.49 ? 391 PRO A CD  1 
ATOM 1513 N N   . ILE A 1 222 ? -14.936 5.035   0.253   1.00 31.94 ? 392 ILE A N   1 
ATOM 1514 C CA  . ILE A 1 222 ? -14.294 3.809   0.736   1.00 30.98 ? 392 ILE A CA  1 
ATOM 1515 C C   . ILE A 1 222 ? -13.926 3.957   2.216   1.00 30.05 ? 392 ILE A C   1 
ATOM 1516 O O   . ILE A 1 222 ? -13.984 3.004   3.040   1.00 28.91 ? 392 ILE A O   1 
ATOM 1517 C CB  . ILE A 1 222 ? -13.133 3.517   -0.138  1.00 31.09 ? 392 ILE A CB  1 
ATOM 1518 C CG1 . ILE A 1 222 ? -13.659 3.063   -1.490  1.00 33.95 ? 392 ILE A CG1 1 
ATOM 1519 C CG2 . ILE A 1 222 ? -12.167 2.516   0.446   1.00 31.41 ? 392 ILE A CG2 1 
ATOM 1520 C CD1 . ILE A 1 222 ? -12.666 2.468   -2.466  1.00 39.84 ? 392 ILE A CD1 1 
ATOM 1521 N N   . GLU A 1 223 ? -13.533 5.157   2.641   1.00 29.30 ? 393 GLU A N   1 
ATOM 1522 C CA  . GLU A 1 223 ? -13.016 5.290   3.997   1.00 30.87 ? 393 GLU A CA  1 
ATOM 1523 C C   . GLU A 1 223 ? -14.113 4.887   5.008   1.00 30.09 ? 393 GLU A C   1 
ATOM 1524 O O   . GLU A 1 223 ? -13.809 4.439   6.133   1.00 33.51 ? 393 GLU A O   1 
ATOM 1525 C CB  . GLU A 1 223 ? -12.417 6.721   4.239   1.00 32.09 ? 393 GLU A CB  1 
ATOM 1526 C CG  . GLU A 1 223 ? -13.311 7.809   3.978   1.00 37.62 ? 393 GLU A CG  1 
ATOM 1527 C CD  . GLU A 1 223 ? -14.324 7.917   5.084   1.00 47.66 ? 393 GLU A CD  1 
ATOM 1528 O OE1 . GLU A 1 223 ? -14.038 7.359   6.203   1.00 52.60 ? 393 GLU A OE1 1 
ATOM 1529 O OE2 . GLU A 1 223 ? -15.392 8.528   4.847   1.00 56.10 ? 393 GLU A OE2 1 
ATOM 1530 N N   . THR A 1 224 ? -15.374 5.055   4.630   1.00 30.95 ? 394 THR A N   1 
ATOM 1531 C CA  . THR A 1 224 ? -16.433 4.685   5.512   1.00 33.21 ? 394 THR A CA  1 
ATOM 1532 C C   . THR A 1 224 ? -16.687 3.161   5.621   1.00 31.41 ? 394 THR A C   1 
ATOM 1533 O O   . THR A 1 224 ? -17.443 2.675   6.502   1.00 35.73 ? 394 THR A O   1 
ATOM 1534 C CB  . THR A 1 224 ? -17.788 5.481   5.089   1.00 32.86 ? 394 THR A CB  1 
ATOM 1535 O OG1 . THR A 1 224 ? -18.300 4.879   3.890   1.00 41.11 ? 394 THR A OG1 1 
ATOM 1536 C CG2 . THR A 1 224 ? -17.503 6.923   4.877   1.00 38.88 ? 394 THR A CG2 1 
ATOM 1537 N N   . LEU A 1 225 ? -16.166 2.384   4.680   1.00 29.27 ? 395 LEU A N   1 
ATOM 1538 C CA  . LEU A 1 225 ? -16.433 0.895   4.532   1.00 27.55 ? 395 LEU A CA  1 
ATOM 1539 C C   . LEU A 1 225 ? -15.166 0.138   4.984   1.00 28.30 ? 395 LEU A C   1 
ATOM 1540 O O   . LEU A 1 225 ? -15.172 -1.049  5.197   1.00 27.45 ? 395 LEU A O   1 
ATOM 1541 C CB  . LEU A 1 225 ? -16.706 0.484   3.083   1.00 30.52 ? 395 LEU A CB  1 
ATOM 1542 C CG  . LEU A 1 225 ? -18.024 0.854   2.518   1.00 33.97 ? 395 LEU A CG  1 
ATOM 1543 C CD1 . LEU A 1 225 ? -18.008 0.643   1.022   1.00 35.83 ? 395 LEU A CD1 1 
ATOM 1544 C CD2 . LEU A 1 225 ? -19.243 -0.007  3.226   1.00 41.84 ? 395 LEU A CD2 1 
ATOM 1545 N N   . ILE A 1 226 ? -14.072 0.877   5.227   1.00 27.70 ? 396 ILE A N   1 
ATOM 1546 C CA  . ILE A 1 226 ? -12.776 0.231   5.542   1.00 28.74 ? 396 ILE A CA  1 
ATOM 1547 C C   . ILE A 1 226 ? -12.870 -0.593  6.796   1.00 26.56 ? 396 ILE A C   1 
ATOM 1548 O O   . ILE A 1 226 ? -12.254 -1.634  6.941   1.00 26.45 ? 396 ILE A O   1 
ATOM 1549 C CB  . ILE A 1 226 ? -11.591 1.385   5.750   1.00 27.68 ? 396 ILE A CB  1 
ATOM 1550 C CG1 . ILE A 1 226 ? -11.048 1.837   4.399   1.00 31.41 ? 396 ILE A CG1 1 
ATOM 1551 C CG2 . ILE A 1 226 ? -10.427 0.812   6.542   1.00 32.45 ? 396 ILE A CG2 1 
ATOM 1552 C CD1 . ILE A 1 226 ? -10.221 0.675   3.636   1.00 31.78 ? 396 ILE A CD1 1 
ATOM 1553 N N   . ARG A 1 227 ? -13.542 -0.057  7.771   1.00 25.23 ? 397 ARG A N   1 
ATOM 1554 C CA  . ARG A 1 227 ? -13.665 -0.813  8.996   1.00 24.78 ? 397 ARG A CA  1 
ATOM 1555 C C   . ARG A 1 227 ? -14.424 -2.143  8.806   1.00 25.08 ? 397 ARG A C   1 
ATOM 1556 O O   . ARG A 1 227 ? -13.985 -3.150  9.333   1.00 26.12 ? 397 ARG A O   1 
ATOM 1557 C CB  . ARG A 1 227 ? -14.369 0.054   10.009  1.00 26.91 ? 397 ARG A CB  1 
ATOM 1558 C CG  . ARG A 1 227 ? -14.805 -0.567  11.199  1.00 29.31 ? 397 ARG A CG  1 
ATOM 1559 C CD  . ARG A 1 227 ? -16.244 -0.016  11.298  1.00 35.87 ? 397 ARG A CD  1 
ATOM 1560 N NE  . ARG A 1 227 ? -16.080 0.728   12.362  1.00 32.47 ? 397 ARG A NE  1 
ATOM 1561 C CZ  . ARG A 1 227 ? -16.969 1.096   13.258  1.00 31.15 ? 397 ARG A CZ  1 
ATOM 1562 N NH1 . ARG A 1 227 ? -18.317 1.217   12.975  1.00 32.01 ? 397 ARG A NH1 1 
ATOM 1563 N NH2 . ARG A 1 227 ? -16.448 1.543   14.453  1.00 30.95 ? 397 ARG A NH2 1 
ATOM 1564 N N   . ASP A 1 228 ? -15.503 -2.161  8.059   1.00 22.44 ? 398 ASP A N   1 
ATOM 1565 C CA  . ASP A 1 228 ? -16.168 -3.423  7.753   1.00 22.02 ? 398 ASP A CA  1 
ATOM 1566 C C   . ASP A 1 228 ? -15.262 -4.339  7.028   1.00 22.80 ? 398 ASP A C   1 
ATOM 1567 O O   . ASP A 1 228 ? -15.228 -5.567  7.232   1.00 23.29 ? 398 ASP A O   1 
ATOM 1568 C CB  . ASP A 1 228 ? -17.448 -3.201  6.974   1.00 23.10 ? 398 ASP A CB  1 
ATOM 1569 C CG  . ASP A 1 228 ? -18.560 -2.557  7.780   1.00 23.81 ? 398 ASP A CG  1 
ATOM 1570 O OD1 . ASP A 1 228 ? -18.432 -2.324  8.992   1.00 23.59 ? 398 ASP A OD1 1 
ATOM 1571 O OD2 . ASP A 1 228 ? -19.646 -2.306  7.120   1.00 27.76 ? 398 ASP A OD2 1 
ATOM 1572 N N   . MET A 1 229 ? -14.497 -3.787  6.104   1.00 24.23 ? 399 MET A N   1 
ATOM 1573 C CA  . MET A 1 229 ? -13.554 -4.622  5.289   1.00 24.43 ? 399 MET A CA  1 
ATOM 1574 C C   . MET A 1 229 ? -12.515 -5.315  6.195   1.00 23.57 ? 399 MET A C   1 
ATOM 1575 O O   . MET A 1 229 ? -12.161 -6.525  6.047   1.00 26.15 ? 399 MET A O   1 
ATOM 1576 C CB  . MET A 1 229 ? -12.885 -3.800  4.141   1.00 26.79 ? 399 MET A CB  1 
ATOM 1577 C CG  . MET A 1 229 ? -13.812 -3.265  3.107   1.00 28.06 ? 399 MET A CG  1 
ATOM 1578 S SD  . MET A 1 229 ? -12.917 -2.265  1.947   1.00 35.52 ? 399 MET A SD  1 
ATOM 1579 C CE  . MET A 1 229 ? -14.351 -1.942  0.917   1.00 37.19 ? 399 MET A CE  1 
ATOM 1580 N N   . LEU A 1 230 ? -12.003 -4.536  7.121   1.00 23.28 ? 400 LEU A N   1 
ATOM 1581 C CA  . LEU A 1 230 ? -10.975 -5.069  7.972   1.00 24.42 ? 400 LEU A CA  1 
ATOM 1582 C C   . LEU A 1 230 ? -11.517 -6.150  8.812   1.00 23.59 ? 400 LEU A C   1 
ATOM 1583 O O   . LEU A 1 230 ? -10.790 -7.092  9.115   1.00 26.38 ? 400 LEU A O   1 
ATOM 1584 C CB  . LEU A 1 230 ? -10.463 -3.941  8.809   1.00 23.74 ? 400 LEU A CB  1 
ATOM 1585 C CG  . LEU A 1 230 ? -9.401  -4.135  9.860   1.00 25.02 ? 400 LEU A CG  1 
ATOM 1586 C CD1 . LEU A 1 230 ? -8.131  -4.655  9.075   1.00 23.64 ? 400 LEU A CD1 1 
ATOM 1587 C CD2 . LEU A 1 230 ? -9.055  -2.884  10.877  1.00 25.87 ? 400 LEU A CD2 1 
ATOM 1588 N N   . LEU A 1 231 ? -12.724 -6.063  9.286   1.00 24.72 ? 401 LEU A N   1 
ATOM 1589 C CA  . LEU A 1 231 ? -13.353 -7.105  10.083  1.00 26.79 ? 401 LEU A CA  1 
ATOM 1590 C C   . LEU A 1 231 ? -13.977 -8.222  9.247   1.00 31.42 ? 401 LEU A C   1 
ATOM 1591 O O   . LEU A 1 231 ? -14.709 -9.147  9.847   1.00 37.11 ? 401 LEU A O   1 
ATOM 1592 C CB  . LEU A 1 231 ? -14.502 -6.452  10.794  1.00 26.99 ? 401 LEU A CB  1 
ATOM 1593 C CG  . LEU A 1 231 ? -14.171 -5.438  11.918  1.00 25.24 ? 401 LEU A CG  1 
ATOM 1594 C CD1 . LEU A 1 231 ? -15.358 -4.790  12.510  1.00 26.36 ? 401 LEU A CD1 1 
ATOM 1595 C CD2 . LEU A 1 231 ? -13.169 -6.026  13.034  1.00 27.63 ? 401 LEU A CD2 1 
ATOM 1596 N N   . SER A 1 232 ? -13.822 -8.266  7.955   1.00 30.06 ? 402 SER A N   1 
ATOM 1597 C CA  . SER A 1 232 ? -14.394 -9.367  7.156   1.00 36.08 ? 402 SER A CA  1 
ATOM 1598 C C   . SER A 1 232 ? -13.326 -10.435 6.904   1.00 43.81 ? 402 SER A C   1 
ATOM 1599 O O   . SER A 1 232 ? -12.561 -10.763 7.768   1.00 46.12 ? 402 SER A O   1 
ATOM 1600 C CB  . SER A 1 232 ? -14.859 -8.757  5.841   1.00 33.72 ? 402 SER A CB  1 
ATOM 1601 O OG  . SER A 1 232 ? -15.971 -7.904  5.984   1.00 37.00 ? 402 SER A OG  1 
ATOM 1602 N N   . GLY A 1 233 ? -13.311 -11.063 5.744   1.00 51.27 ? 403 GLY A N   1 
ATOM 1603 C CA  . GLY A 1 233 ? -12.015 -11.244 4.975   1.00 57.58 ? 403 GLY A CA  1 
ATOM 1604 C C   . GLY A 1 233 ? -11.065 -12.426 5.182   1.00 62.32 ? 403 GLY A C   1 
ATOM 1605 O O   . GLY A 1 233 ? -9.880  -12.422 4.747   1.00 63.54 ? 403 GLY A O   1 
ATOM 1606 N N   . SER A 1 234 ? -11.550 -13.490 5.795   1.00 67.45 ? 404 SER A N   1 
ATOM 1607 C CA  . SER A 1 234 ? -10.912 -14.755 5.499   1.00 71.28 ? 404 SER A CA  1 
ATOM 1608 C C   . SER A 1 234 ? -9.507  -14.927 6.176   1.00 74.01 ? 404 SER A C   1 
ATOM 1609 O O   . SER A 1 234 ? -9.208  -14.276 7.185   1.00 74.11 ? 404 SER A O   1 
ATOM 1610 C CB  . SER A 1 234 ? -10.813 -14.956 3.942   1.00 71.59 ? 404 SER A CB  1 
ATOM 1611 O OG  . SER A 1 234 ? -11.886 -14.371 3.194   1.00 71.66 ? 404 SER A OG  1 
ATOM 1612 N N   . SER A 1 235 ? -8.678  -15.768 5.538   1.00 76.91 ? 405 SER A N   1 
ATOM 1613 C CA  . SER A 1 235 ? -7.704  -16.729 6.144   1.00 79.15 ? 405 SER A CA  1 
ATOM 1614 C C   . SER A 1 235 ? -7.323  -16.762 7.675   1.00 81.05 ? 405 SER A C   1 
ATOM 1615 O O   . SER A 1 235 ? -7.189  -15.732 8.341   1.00 81.60 ? 405 SER A O   1 
ATOM 1616 C CB  . SER A 1 235 ? -6.430  -16.763 5.262   1.00 79.04 ? 405 SER A CB  1 
ATOM 1617 O OG  . SER A 1 235 ? -6.529  -17.798 4.276   1.00 78.28 ? 405 SER A OG  1 
ATOM 1618 N N   . PHE A 1 236 ? -7.143  -17.982 8.201   1.00 83.24 ? 406 PHE A N   1 
ATOM 1619 C CA  . PHE A 1 236 ? -6.432  -18.223 9.499   1.00 85.15 ? 406 PHE A CA  1 
ATOM 1620 C C   . PHE A 1 236 ? -4.938  -17.789 9.432   1.00 85.71 ? 406 PHE A C   1 
ATOM 1621 O O   . PHE A 1 236 ? -4.397  -17.136 10.369  1.00 85.65 ? 406 PHE A O   1 
ATOM 1622 C CB  . PHE A 1 236 ? -6.516  -19.729 9.863   1.00 86.40 ? 406 PHE A CB  1 
ATOM 1623 C CG  . PHE A 1 236 ? -6.091  -20.082 11.303  1.00 87.31 ? 406 PHE A CG  1 
ATOM 1624 C CD1 . PHE A 1 236 ? -6.785  -19.572 12.403  1.00 88.53 ? 406 PHE A CD1 1 
ATOM 1625 C CD2 . PHE A 1 236 ? -5.044  -20.982 11.540  1.00 87.47 ? 406 PHE A CD2 1 
ATOM 1626 C CE1 . PHE A 1 236 ? -6.403  -19.924 13.723  1.00 88.79 ? 406 PHE A CE1 1 
ATOM 1627 C CE2 . PHE A 1 236 ? -4.671  -21.342 12.842  1.00 87.50 ? 406 PHE A CE2 1 
ATOM 1628 C CZ  . PHE A 1 236 ? -5.338  -20.809 13.935  1.00 88.02 ? 406 PHE A CZ  1 
ATOM 1629 N N   . ASN A 1 237 ? -4.292  -18.202 8.327   1.00 85.91 ? 407 ASN A N   1 
ATOM 1630 C CA  . ASN A 1 237 ? -2.991  -17.665 7.866   1.00 85.74 ? 407 ASN A CA  1 
ATOM 1631 C C   . ASN A 1 237 ? -3.080  -16.181 7.581   1.00 85.32 ? 407 ASN A C   1 
ATOM 1632 O O   . ASN A 1 237 ? -4.164  -15.618 7.543   1.00 84.92 ? 407 ASN A O   1 
ATOM 1633 C CB  . ASN A 1 237 ? -2.537  -18.350 6.575   1.00 85.91 ? 407 ASN A CB  1 
ATOM 1634 C CG  . ASN A 1 237 ? -1.925  -19.727 6.813   1.00 86.26 ? 407 ASN A CG  1 
ATOM 1635 O OD1 . ASN A 1 237 ? -1.091  -19.911 7.696   1.00 86.93 ? 407 ASN A OD1 1 
ATOM 1636 N ND2 . ASN A 1 237 ? -2.313  -20.691 5.989   1.00 87.11 ? 407 ASN A ND2 1 
# 
